data_2K9Z
#
_entry.id   2K9Z
#
_cell.length_a   1.000
_cell.length_b   1.000
_cell.length_c   1.000
_cell.angle_alpha   90.00
_cell.angle_beta   90.00
_cell.angle_gamma   90.00
#
_symmetry.space_group_name_H-M   'P 1'
#
_entity_poly.entity_id   1
_entity_poly.type   'polypeptide(L)'
_entity_poly.pdbx_seq_one_letter_code
;MEVKIEKPTPEKLKELSVEKWPIWEKEVSEFDWYYDTNETCYILEGKVEVTTEDGKKYVIEKGDLVTFPKGLRCRWKVLE
PVRKHYNLF
;
_entity_poly.pdbx_strand_id   A
#
# COMPACT_ATOMS: atom_id res chain seq x y z
N MET A 1 15.06 2.53 0.59
CA MET A 1 15.50 1.15 0.34
C MET A 1 14.37 0.18 0.60
N GLU A 2 13.95 -0.07 1.85
CA GLU A 2 12.65 -0.71 2.11
C GLU A 2 11.53 0.26 1.75
N VAL A 3 10.30 -0.27 1.61
CA VAL A 3 9.05 0.47 1.40
C VAL A 3 9.21 1.47 0.24
N LYS A 4 9.11 0.98 -1.00
CA LYS A 4 9.14 1.89 -2.15
C LYS A 4 7.77 2.57 -2.19
N ILE A 5 7.72 3.89 -2.06
CA ILE A 5 6.51 4.70 -2.18
C ILE A 5 6.86 5.84 -3.13
N GLU A 6 6.05 6.06 -4.16
CA GLU A 6 6.17 7.21 -5.04
C GLU A 6 4.83 7.54 -5.68
N LYS A 7 4.81 8.64 -6.44
CA LYS A 7 3.62 9.15 -7.10
C LYS A 7 3.79 8.97 -8.61
N PRO A 8 3.45 7.80 -9.17
CA PRO A 8 3.67 7.49 -10.58
C PRO A 8 2.75 8.31 -11.49
N THR A 9 3.10 8.33 -12.78
CA THR A 9 2.18 8.77 -13.82
C THR A 9 0.95 7.85 -13.81
N PRO A 10 -0.25 8.38 -14.08
CA PRO A 10 -1.45 7.57 -14.19
C PRO A 10 -1.47 6.73 -15.47
N GLU A 11 -0.66 7.07 -16.47
CA GLU A 11 -0.62 6.36 -17.74
C GLU A 11 -0.15 4.92 -17.54
N LYS A 12 1.00 4.75 -16.88
CA LYS A 12 1.58 3.43 -16.64
C LYS A 12 0.65 2.57 -15.79
N LEU A 13 -0.10 3.19 -14.87
CA LEU A 13 -1.10 2.46 -14.08
C LEU A 13 -2.22 1.88 -14.95
N LYS A 14 -2.49 2.44 -16.13
CA LYS A 14 -3.39 1.80 -17.08
C LYS A 14 -2.73 0.53 -17.59
N GLU A 15 -1.47 0.64 -18.00
CA GLU A 15 -0.74 -0.40 -18.72
C GLU A 15 -0.49 -1.61 -17.82
N LEU A 16 -0.24 -1.35 -16.55
CA LEU A 16 -0.14 -2.32 -15.48
C LEU A 16 -1.42 -3.15 -15.30
N SER A 17 -2.53 -2.76 -15.91
CA SER A 17 -3.86 -3.33 -15.83
C SER A 17 -4.44 -3.30 -14.41
N VAL A 18 -4.13 -2.25 -13.63
CA VAL A 18 -4.56 -2.12 -12.24
C VAL A 18 -6.08 -2.22 -12.06
N GLU A 19 -6.91 -1.82 -13.04
CA GLU A 19 -8.35 -2.05 -12.97
C GLU A 19 -8.72 -3.54 -12.87
N LYS A 20 -7.86 -4.44 -13.40
CA LYS A 20 -8.07 -5.87 -13.41
C LYS A 20 -7.45 -6.53 -12.18
N TRP A 21 -6.68 -5.80 -11.38
CA TRP A 21 -6.08 -6.33 -10.17
C TRP A 21 -7.19 -6.50 -9.13
N PRO A 22 -6.99 -7.31 -8.08
CA PRO A 22 -7.95 -7.40 -6.99
C PRO A 22 -8.04 -6.06 -6.23
N ILE A 23 -9.27 -5.65 -5.92
CA ILE A 23 -9.55 -4.63 -4.92
C ILE A 23 -9.24 -5.21 -3.53
N TRP A 24 -8.90 -4.34 -2.60
CA TRP A 24 -9.05 -4.57 -1.18
C TRP A 24 -9.62 -3.30 -0.55
N GLU A 25 -10.40 -3.45 0.52
CA GLU A 25 -11.04 -2.42 1.34
C GLU A 25 -10.90 -2.84 2.82
N LYS A 26 -10.88 -1.89 3.76
CA LYS A 26 -10.82 -2.18 5.20
C LYS A 26 -11.38 -1.01 5.99
N GLU A 27 -11.77 -1.30 7.21
CA GLU A 27 -12.21 -0.38 8.25
C GLU A 27 -11.11 0.50 8.80
N VAL A 28 -11.59 1.49 9.54
CA VAL A 28 -10.90 2.61 10.18
C VAL A 28 -10.20 2.20 11.50
N SER A 29 -9.64 1.00 11.52
CA SER A 29 -9.04 0.36 12.68
C SER A 29 -7.52 0.52 12.64
N GLU A 30 -6.78 -0.20 13.49
CA GLU A 30 -5.35 -0.41 13.25
C GLU A 30 -5.01 -1.85 13.60
N PHE A 31 -4.06 -2.43 12.85
CA PHE A 31 -3.53 -3.77 13.05
C PHE A 31 -2.09 -3.80 12.55
N ASP A 32 -1.42 -4.94 12.66
CA ASP A 32 -0.02 -5.12 12.26
C ASP A 32 0.05 -6.23 11.23
N TRP A 33 0.71 -5.95 10.10
CA TRP A 33 0.79 -6.91 8.99
C TRP A 33 2.22 -7.39 8.72
N TYR A 34 2.34 -8.52 8.03
CA TYR A 34 3.58 -9.18 7.60
C TYR A 34 3.45 -9.44 6.09
N TYR A 35 4.26 -8.76 5.30
CA TYR A 35 4.49 -9.04 3.89
C TYR A 35 5.59 -10.08 3.82
N ASP A 36 5.34 -11.17 3.10
CA ASP A 36 6.20 -12.35 3.01
C ASP A 36 6.61 -12.61 1.55
N THR A 37 6.11 -11.79 0.61
CA THR A 37 6.38 -11.73 -0.82
C THR A 37 6.16 -10.27 -1.28
N ASN A 38 6.54 -9.95 -2.53
CA ASN A 38 6.47 -8.59 -3.04
C ASN A 38 5.01 -8.25 -3.24
N GLU A 39 4.61 -6.99 -3.05
CA GLU A 39 3.24 -6.59 -3.31
C GLU A 39 3.22 -5.14 -3.74
N THR A 40 2.72 -4.89 -4.95
CA THR A 40 2.53 -3.57 -5.50
C THR A 40 1.08 -3.20 -5.26
N CYS A 41 0.84 -2.04 -4.64
CA CYS A 41 -0.47 -1.60 -4.20
C CYS A 41 -0.60 -0.10 -4.41
N TYR A 42 -1.64 0.32 -5.14
CA TYR A 42 -1.95 1.70 -5.46
C TYR A 42 -3.10 2.17 -4.59
N ILE A 43 -2.93 3.25 -3.83
CA ILE A 43 -3.97 3.83 -2.98
C ILE A 43 -4.92 4.66 -3.87
N LEU A 44 -6.18 4.21 -4.02
CA LEU A 44 -7.17 4.88 -4.86
C LEU A 44 -8.10 5.77 -4.07
N GLU A 45 -8.26 5.57 -2.75
CA GLU A 45 -9.01 6.46 -1.87
C GLU A 45 -8.70 6.05 -0.44
N GLY A 46 -8.71 7.02 0.48
CA GLY A 46 -8.58 6.80 1.94
C GLY A 46 -7.17 7.10 2.50
N LYS A 47 -6.99 6.95 3.82
CA LYS A 47 -5.74 7.33 4.52
C LYS A 47 -5.29 6.22 5.47
N VAL A 48 -3.97 6.01 5.52
CA VAL A 48 -3.33 5.03 6.38
C VAL A 48 -2.03 5.66 6.89
N GLU A 49 -1.58 5.35 8.11
CA GLU A 49 -0.21 5.52 8.59
C GLU A 49 0.34 4.11 8.80
N VAL A 50 1.12 3.59 7.85
CA VAL A 50 1.95 2.40 8.09
C VAL A 50 3.07 2.84 9.05
N THR A 51 3.72 1.95 9.80
CA THR A 51 4.99 2.35 10.41
C THR A 51 5.85 1.10 10.48
N THR A 52 7.14 1.21 10.13
CA THR A 52 8.03 0.07 10.19
C THR A 52 8.58 -0.10 11.62
N GLU A 53 9.35 -1.16 11.88
CA GLU A 53 9.88 -1.45 13.20
C GLU A 53 10.88 -0.37 13.65
N ASP A 54 11.53 0.28 12.69
CA ASP A 54 12.39 1.47 12.86
C ASP A 54 11.59 2.69 13.36
N GLY A 55 10.27 2.57 13.49
CA GLY A 55 9.35 3.59 13.94
C GLY A 55 9.11 4.70 12.91
N LYS A 56 9.66 4.55 11.70
CA LYS A 56 9.44 5.44 10.57
C LYS A 56 7.98 5.29 10.21
N LYS A 57 7.22 6.38 10.11
CA LYS A 57 5.86 6.31 9.60
C LYS A 57 5.91 6.41 8.08
N TYR A 58 4.99 5.70 7.44
CA TYR A 58 4.68 5.88 6.04
C TYR A 58 3.19 5.91 5.87
N VAL A 59 2.70 7.11 6.07
CA VAL A 59 1.49 7.58 5.47
C VAL A 59 1.61 7.54 3.95
N ILE A 60 0.50 7.19 3.34
CA ILE A 60 0.24 7.12 1.92
C ILE A 60 -1.15 7.70 1.73
N GLU A 61 -1.31 8.59 0.76
CA GLU A 61 -2.57 9.25 0.44
C GLU A 61 -3.05 8.75 -0.92
N LYS A 62 -4.20 9.26 -1.36
CA LYS A 62 -4.74 8.97 -2.68
C LYS A 62 -3.78 9.53 -3.73
N GLY A 63 -3.06 8.65 -4.42
CA GLY A 63 -2.03 9.01 -5.39
C GLY A 63 -0.72 8.29 -5.15
N ASP A 64 -0.50 7.70 -3.97
CA ASP A 64 0.75 6.98 -3.69
C ASP A 64 0.60 5.55 -4.19
N LEU A 65 1.49 5.17 -5.12
CA LEU A 65 1.79 3.78 -5.38
C LEU A 65 2.82 3.33 -4.38
N VAL A 66 2.75 2.06 -3.98
CA VAL A 66 3.67 1.42 -3.07
C VAL A 66 4.06 0.07 -3.67
N THR A 67 5.29 -0.36 -3.37
CA THR A 67 5.71 -1.74 -3.48
C THR A 67 6.40 -2.08 -2.16
N PHE A 68 5.78 -2.95 -1.37
CA PHE A 68 6.44 -3.61 -0.25
C PHE A 68 7.25 -4.77 -0.80
N PRO A 69 8.43 -5.08 -0.22
CA PRO A 69 9.25 -6.18 -0.68
C PRO A 69 8.84 -7.50 -0.03
N LYS A 70 9.54 -8.53 -0.45
CA LYS A 70 9.45 -9.88 0.06
C LYS A 70 10.10 -9.95 1.44
N GLY A 71 9.31 -9.79 2.49
CA GLY A 71 9.72 -9.92 3.88
C GLY A 71 9.83 -8.55 4.55
N LEU A 72 8.72 -8.02 5.08
CA LEU A 72 8.71 -6.83 5.93
C LEU A 72 7.50 -6.87 6.86
N ARG A 73 7.65 -6.44 8.12
CA ARG A 73 6.66 -6.54 9.19
C ARG A 73 6.42 -5.14 9.75
N CYS A 74 5.27 -4.52 9.51
CA CYS A 74 5.01 -3.12 9.86
C CYS A 74 3.58 -2.97 10.40
N ARG A 75 3.25 -1.83 11.04
CA ARG A 75 1.88 -1.57 11.48
C ARG A 75 1.08 -0.99 10.33
N TRP A 76 -0.24 -1.02 10.41
CA TRP A 76 -1.17 -0.32 9.53
C TRP A 76 -2.19 0.38 10.42
N LYS A 77 -2.16 1.71 10.49
CA LYS A 77 -3.16 2.51 11.20
C LYS A 77 -4.08 3.09 10.15
N VAL A 78 -5.28 2.53 10.01
CA VAL A 78 -6.25 2.93 9.00
C VAL A 78 -6.96 4.14 9.57
N LEU A 79 -6.55 5.33 9.14
CA LEU A 79 -7.07 6.57 9.70
C LEU A 79 -8.32 7.02 8.97
N GLU A 80 -8.61 6.42 7.83
CA GLU A 80 -9.91 6.39 7.19
C GLU A 80 -9.98 5.10 6.38
N PRO A 81 -11.17 4.53 6.12
CA PRO A 81 -11.28 3.33 5.32
C PRO A 81 -10.64 3.61 3.96
N VAL A 82 -9.90 2.63 3.44
CA VAL A 82 -9.03 2.81 2.29
C VAL A 82 -9.41 1.76 1.25
N ARG A 83 -9.10 2.04 -0.02
CA ARG A 83 -9.25 1.11 -1.12
C ARG A 83 -7.93 1.11 -1.89
N LYS A 84 -7.25 -0.03 -1.94
CA LYS A 84 -6.00 -0.20 -2.67
C LYS A 84 -6.02 -1.43 -3.57
N HIS A 85 -5.93 -1.20 -4.88
CA HIS A 85 -5.74 -2.26 -5.87
C HIS A 85 -4.34 -2.81 -5.61
N TYR A 86 -4.20 -4.10 -5.29
CA TYR A 86 -2.92 -4.72 -4.98
C TYR A 86 -2.61 -5.85 -5.95
N ASN A 87 -1.37 -6.32 -6.00
CA ASN A 87 -1.03 -7.60 -6.59
C ASN A 87 0.22 -8.16 -5.93
N LEU A 88 0.15 -9.39 -5.42
CA LEU A 88 1.26 -10.15 -4.87
C LEU A 88 2.16 -10.64 -6.01
N PHE A 89 3.47 -10.76 -5.80
CA PHE A 89 4.47 -11.26 -6.74
C PHE A 89 5.81 -11.43 -6.03
N MET A 1 14.71 -2.65 0.96
CA MET A 1 14.45 -2.58 2.41
C MET A 1 14.35 -1.12 2.89
N GLU A 2 13.50 -0.28 2.29
CA GLU A 2 13.22 1.06 2.81
C GLU A 2 11.82 1.58 2.43
N VAL A 3 10.94 0.64 2.11
CA VAL A 3 9.56 0.80 1.64
C VAL A 3 9.46 1.83 0.51
N LYS A 4 9.51 1.35 -0.74
CA LYS A 4 9.58 2.23 -1.89
C LYS A 4 8.21 2.88 -2.05
N ILE A 5 8.18 4.19 -2.24
CA ILE A 5 6.97 4.93 -2.57
C ILE A 5 7.34 5.89 -3.70
N GLU A 6 6.54 5.96 -4.76
CA GLU A 6 6.68 6.94 -5.83
C GLU A 6 5.32 7.54 -6.16
N LYS A 7 5.29 8.58 -7.00
CA LYS A 7 4.05 9.20 -7.47
C LYS A 7 3.98 8.98 -8.99
N PRO A 8 3.49 7.83 -9.46
CA PRO A 8 3.49 7.52 -10.88
C PRO A 8 2.41 8.31 -11.61
N THR A 9 2.55 8.45 -12.94
CA THR A 9 1.51 9.01 -13.79
C THR A 9 0.31 8.05 -13.76
N PRO A 10 -0.94 8.55 -13.79
CA PRO A 10 -2.11 7.70 -13.72
C PRO A 10 -2.32 6.87 -14.99
N GLU A 11 -1.81 7.33 -16.13
CA GLU A 11 -1.83 6.64 -17.42
C GLU A 11 -1.04 5.34 -17.35
N LYS A 12 0.14 5.34 -16.71
CA LYS A 12 0.90 4.10 -16.51
C LYS A 12 0.04 3.10 -15.76
N LEU A 13 -0.65 3.57 -14.73
CA LEU A 13 -1.47 2.71 -13.88
C LEU A 13 -2.66 2.15 -14.64
N LYS A 14 -3.19 2.88 -15.64
CA LYS A 14 -4.16 2.31 -16.56
C LYS A 14 -3.54 1.11 -17.26
N GLU A 15 -2.36 1.29 -17.87
CA GLU A 15 -1.69 0.28 -18.69
C GLU A 15 -1.44 -0.99 -17.89
N LEU A 16 -0.91 -0.84 -16.68
CA LEU A 16 -0.57 -1.93 -15.78
C LEU A 16 -1.78 -2.79 -15.38
N SER A 17 -2.98 -2.39 -15.80
CA SER A 17 -4.21 -3.17 -15.77
C SER A 17 -4.56 -3.52 -14.32
N VAL A 18 -4.38 -2.53 -13.44
CA VAL A 18 -4.69 -2.52 -12.03
C VAL A 18 -6.18 -2.78 -11.81
N GLU A 19 -7.05 -2.38 -12.75
CA GLU A 19 -8.46 -2.74 -12.75
C GLU A 19 -8.69 -4.27 -12.79
N LYS A 20 -7.67 -5.06 -13.15
CA LYS A 20 -7.70 -6.52 -13.21
C LYS A 20 -7.03 -7.17 -12.01
N TRP A 21 -6.47 -6.37 -11.10
CA TRP A 21 -5.83 -6.84 -9.89
C TRP A 21 -6.93 -7.08 -8.84
N PRO A 22 -6.65 -7.80 -7.74
CA PRO A 22 -7.58 -7.87 -6.61
C PRO A 22 -7.69 -6.51 -5.89
N ILE A 23 -8.90 -6.20 -5.43
CA ILE A 23 -9.14 -5.14 -4.45
C ILE A 23 -8.78 -5.73 -3.08
N TRP A 24 -8.36 -4.88 -2.16
CA TRP A 24 -8.50 -5.16 -0.74
C TRP A 24 -8.93 -3.86 -0.04
N GLU A 25 -9.76 -3.97 0.99
CA GLU A 25 -10.20 -2.87 1.82
C GLU A 25 -10.39 -3.34 3.27
N LYS A 26 -10.44 -2.40 4.22
CA LYS A 26 -10.53 -2.67 5.65
C LYS A 26 -11.14 -1.45 6.31
N GLU A 27 -11.73 -1.67 7.48
CA GLU A 27 -12.26 -0.59 8.31
C GLU A 27 -11.17 0.30 8.85
N VAL A 28 -11.65 1.41 9.40
CA VAL A 28 -10.93 2.49 10.05
C VAL A 28 -10.48 2.04 11.45
N SER A 29 -9.63 1.02 11.48
CA SER A 29 -9.11 0.33 12.67
C SER A 29 -7.59 0.26 12.55
N GLU A 30 -6.93 -0.61 13.31
CA GLU A 30 -5.49 -0.78 13.26
C GLU A 30 -5.12 -2.24 13.55
N PHE A 31 -3.91 -2.61 13.14
CA PHE A 31 -3.37 -3.96 13.11
C PHE A 31 -1.87 -3.89 12.76
N ASP A 32 -1.25 -5.01 12.38
CA ASP A 32 0.09 -5.12 11.82
C ASP A 32 0.01 -6.01 10.60
N TRP A 33 0.88 -5.81 9.60
CA TRP A 33 0.96 -6.69 8.44
C TRP A 33 2.39 -7.18 8.22
N TYR A 34 2.51 -8.37 7.66
CA TYR A 34 3.75 -8.94 7.18
C TYR A 34 3.64 -9.24 5.69
N TYR A 35 4.53 -8.64 4.92
CA TYR A 35 4.68 -8.88 3.48
C TYR A 35 5.71 -9.99 3.31
N ASP A 36 5.30 -11.10 2.70
CA ASP A 36 6.17 -12.24 2.38
C ASP A 36 6.24 -12.46 0.86
N THR A 37 5.78 -11.50 0.05
CA THR A 37 6.16 -11.32 -1.34
C THR A 37 6.24 -9.84 -1.70
N ASN A 38 6.79 -9.56 -2.89
CA ASN A 38 6.69 -8.26 -3.51
C ASN A 38 5.19 -8.06 -3.68
N GLU A 39 4.60 -7.07 -3.04
CA GLU A 39 3.16 -6.90 -2.95
C GLU A 39 2.84 -5.46 -3.32
N THR A 40 2.88 -5.12 -4.62
CA THR A 40 2.68 -3.74 -5.03
C THR A 40 1.27 -3.34 -4.65
N CYS A 41 1.06 -2.08 -4.26
CA CYS A 41 -0.28 -1.57 -4.16
C CYS A 41 -0.37 -0.11 -4.55
N TYR A 42 -1.56 0.27 -5.01
CA TYR A 42 -1.91 1.59 -5.49
C TYR A 42 -3.11 2.09 -4.70
N ILE A 43 -2.91 3.13 -3.89
CA ILE A 43 -3.92 3.85 -3.14
C ILE A 43 -4.77 4.62 -4.14
N LEU A 44 -6.08 4.59 -3.94
CA LEU A 44 -7.07 5.11 -4.88
C LEU A 44 -7.96 6.10 -4.15
N GLU A 45 -8.42 5.71 -2.97
CA GLU A 45 -9.01 6.60 -1.99
C GLU A 45 -8.66 6.04 -0.60
N GLY A 46 -8.75 6.88 0.43
CA GLY A 46 -8.57 6.50 1.83
C GLY A 46 -7.19 6.80 2.37
N LYS A 47 -6.96 6.50 3.65
CA LYS A 47 -5.75 6.92 4.35
C LYS A 47 -5.26 5.90 5.36
N VAL A 48 -3.94 5.80 5.48
CA VAL A 48 -3.25 4.89 6.37
C VAL A 48 -2.02 5.61 6.93
N GLU A 49 -1.50 5.14 8.06
CA GLU A 49 -0.13 5.37 8.52
C GLU A 49 0.51 3.99 8.69
N VAL A 50 1.59 3.73 7.97
CA VAL A 50 2.33 2.48 8.01
C VAL A 50 3.61 2.76 8.83
N THR A 51 3.52 2.51 10.12
CA THR A 51 4.63 2.65 11.07
C THR A 51 5.54 1.42 10.93
N THR A 52 6.67 1.57 10.27
CA THR A 52 7.60 0.47 10.06
C THR A 52 8.50 0.31 11.29
N GLU A 53 9.32 -0.74 11.34
CA GLU A 53 10.01 -1.17 12.55
C GLU A 53 11.13 -0.21 12.95
N ASP A 54 11.73 0.44 11.96
CA ASP A 54 12.73 1.50 12.15
C ASP A 54 12.08 2.80 12.64
N GLY A 55 10.75 2.81 12.84
CA GLY A 55 9.93 3.89 13.35
C GLY A 55 9.33 4.77 12.25
N LYS A 56 9.86 4.64 11.03
CA LYS A 56 9.53 5.48 9.88
C LYS A 56 8.06 5.26 9.54
N LYS A 57 7.25 6.32 9.59
CA LYS A 57 5.81 6.25 9.51
C LYS A 57 5.34 6.85 8.20
N TYR A 58 5.01 5.96 7.26
CA TYR A 58 4.60 6.37 5.94
C TYR A 58 3.11 6.68 5.98
N VAL A 59 2.75 7.96 5.89
CA VAL A 59 1.44 8.35 5.38
C VAL A 59 1.45 7.94 3.91
N ILE A 60 0.31 7.41 3.47
CA ILE A 60 0.04 7.05 2.08
C ILE A 60 -1.35 7.58 1.78
N GLU A 61 -1.41 8.73 1.10
CA GLU A 61 -2.63 9.27 0.51
C GLU A 61 -2.90 8.59 -0.84
N LYS A 62 -4.07 8.89 -1.43
CA LYS A 62 -4.39 8.51 -2.80
C LYS A 62 -3.28 9.00 -3.75
N GLY A 63 -2.76 8.07 -4.56
CA GLY A 63 -1.77 8.33 -5.61
C GLY A 63 -0.36 7.85 -5.26
N ASP A 64 0.05 7.79 -3.98
CA ASP A 64 1.39 7.32 -3.59
C ASP A 64 1.47 5.82 -3.85
N LEU A 65 2.11 5.37 -4.93
CA LEU A 65 2.23 3.96 -5.26
C LEU A 65 3.33 3.40 -4.37
N VAL A 66 3.08 2.24 -3.76
CA VAL A 66 3.98 1.63 -2.79
C VAL A 66 4.49 0.31 -3.35
N THR A 67 5.73 -0.02 -3.00
CA THR A 67 6.31 -1.32 -3.15
C THR A 67 7.14 -1.64 -1.88
N PHE A 68 6.56 -2.41 -0.96
CA PHE A 68 7.31 -3.12 0.08
C PHE A 68 8.26 -4.13 -0.56
N PRO A 69 9.24 -4.69 0.16
CA PRO A 69 9.92 -5.88 -0.30
C PRO A 69 9.23 -7.16 0.13
N LYS A 70 9.78 -8.26 -0.38
CA LYS A 70 9.50 -9.62 0.04
C LYS A 70 10.22 -9.79 1.38
N GLY A 71 9.52 -9.51 2.48
CA GLY A 71 10.01 -9.63 3.84
C GLY A 71 10.00 -8.26 4.52
N LEU A 72 8.86 -7.86 5.09
CA LEU A 72 8.71 -6.69 5.95
C LEU A 72 7.58 -6.94 6.92
N ARG A 73 7.81 -6.68 8.21
CA ARG A 73 6.75 -6.58 9.22
C ARG A 73 6.57 -5.10 9.54
N CYS A 74 5.35 -4.59 9.61
CA CYS A 74 5.10 -3.26 10.12
C CYS A 74 3.73 -3.14 10.75
N ARG A 75 3.48 -2.05 11.48
CA ARG A 75 2.15 -1.70 11.91
C ARG A 75 1.34 -1.07 10.80
N TRP A 76 0.05 -1.03 11.04
CA TRP A 76 -0.94 -0.57 10.09
C TRP A 76 -2.03 0.18 10.84
N LYS A 77 -2.00 1.52 10.82
CA LYS A 77 -3.09 2.36 11.28
C LYS A 77 -3.92 2.71 10.06
N VAL A 78 -5.12 2.16 9.89
CA VAL A 78 -6.08 2.66 8.93
C VAL A 78 -6.63 3.93 9.57
N LEU A 79 -6.30 5.07 8.98
CA LEU A 79 -6.81 6.33 9.45
C LEU A 79 -8.18 6.57 8.81
N GLU A 80 -8.45 6.01 7.63
CA GLU A 80 -9.72 6.14 6.91
C GLU A 80 -9.96 4.91 6.03
N PRO A 81 -11.22 4.55 5.71
CA PRO A 81 -11.54 3.45 4.80
C PRO A 81 -10.80 3.66 3.48
N VAL A 82 -10.08 2.64 3.03
CA VAL A 82 -9.11 2.75 1.96
C VAL A 82 -9.31 1.56 1.04
N ARG A 83 -9.25 1.80 -0.26
CA ARG A 83 -9.61 0.79 -1.26
C ARG A 83 -8.48 0.65 -2.29
N LYS A 84 -7.33 0.13 -1.86
CA LYS A 84 -6.16 0.04 -2.73
C LYS A 84 -6.36 -1.19 -3.63
N HIS A 85 -5.74 -1.20 -4.79
CA HIS A 85 -5.55 -2.43 -5.58
C HIS A 85 -4.17 -2.96 -5.21
N TYR A 86 -3.98 -4.27 -5.10
CA TYR A 86 -2.67 -4.89 -4.82
C TYR A 86 -2.38 -6.01 -5.79
N ASN A 87 -1.11 -6.38 -5.96
CA ASN A 87 -0.72 -7.56 -6.71
C ASN A 87 0.53 -8.18 -6.10
N LEU A 88 0.52 -9.48 -5.88
CA LEU A 88 1.69 -10.25 -5.41
C LEU A 88 2.53 -10.64 -6.63
N PHE A 89 3.85 -10.51 -6.56
CA PHE A 89 4.76 -10.77 -7.66
C PHE A 89 6.18 -11.06 -7.14
N MET A 1 14.45 -3.83 1.34
CA MET A 1 14.09 -3.63 2.75
C MET A 1 13.21 -2.40 2.90
N GLU A 2 13.66 -1.21 2.47
CA GLU A 2 12.79 -0.06 2.58
C GLU A 2 11.61 -0.16 1.61
N VAL A 3 10.53 0.53 1.95
CA VAL A 3 9.33 0.68 1.14
C VAL A 3 9.66 1.66 0.01
N LYS A 4 9.14 1.40 -1.19
CA LYS A 4 9.27 2.31 -2.32
C LYS A 4 7.92 2.99 -2.47
N ILE A 5 7.87 4.30 -2.24
CA ILE A 5 6.65 5.10 -2.26
C ILE A 5 6.89 6.34 -3.10
N GLU A 6 6.00 6.61 -4.04
CA GLU A 6 6.08 7.76 -4.94
C GLU A 6 4.72 8.01 -5.57
N LYS A 7 4.56 9.13 -6.29
CA LYS A 7 3.34 9.46 -7.02
C LYS A 7 3.56 9.30 -8.53
N PRO A 8 3.39 8.10 -9.08
CA PRO A 8 3.64 7.85 -10.50
C PRO A 8 2.65 8.61 -11.40
N THR A 9 3.00 8.73 -12.68
CA THR A 9 2.10 9.21 -13.72
C THR A 9 0.86 8.30 -13.79
N PRO A 10 -0.35 8.83 -14.06
CA PRO A 10 -1.53 8.00 -14.17
C PRO A 10 -1.51 7.07 -15.39
N GLU A 11 -0.86 7.45 -16.50
CA GLU A 11 -0.87 6.66 -17.75
C GLU A 11 -0.32 5.25 -17.53
N LYS A 12 0.80 5.15 -16.80
CA LYS A 12 1.43 3.89 -16.46
C LYS A 12 0.45 3.00 -15.71
N LEU A 13 -0.27 3.56 -14.74
CA LEU A 13 -1.17 2.80 -13.87
C LEU A 13 -2.31 2.16 -14.67
N LYS A 14 -2.65 2.72 -15.83
CA LYS A 14 -3.65 2.17 -16.72
C LYS A 14 -3.09 0.91 -17.37
N GLU A 15 -1.86 1.01 -17.89
CA GLU A 15 -1.18 -0.05 -18.61
C GLU A 15 -1.03 -1.28 -17.74
N LEU A 16 -0.65 -1.07 -16.48
CA LEU A 16 -0.38 -2.11 -15.48
C LEU A 16 -1.56 -3.00 -15.13
N SER A 17 -2.76 -2.66 -15.60
CA SER A 17 -3.99 -3.45 -15.43
C SER A 17 -4.43 -3.52 -13.98
N VAL A 18 -4.12 -2.49 -13.19
CA VAL A 18 -4.57 -2.31 -11.81
C VAL A 18 -6.09 -2.45 -11.72
N GLU A 19 -6.83 -2.04 -12.75
CA GLU A 19 -8.27 -2.28 -12.86
C GLU A 19 -8.65 -3.76 -12.70
N LYS A 20 -7.81 -4.70 -13.14
CA LYS A 20 -8.05 -6.14 -13.02
C LYS A 20 -7.63 -6.69 -11.67
N TRP A 21 -6.77 -5.99 -10.95
CA TRP A 21 -6.15 -6.51 -9.73
C TRP A 21 -7.25 -6.68 -8.67
N PRO A 22 -7.02 -7.50 -7.64
CA PRO A 22 -7.99 -7.67 -6.56
C PRO A 22 -8.16 -6.37 -5.77
N ILE A 23 -9.42 -6.01 -5.54
CA ILE A 23 -9.79 -5.05 -4.51
C ILE A 23 -9.58 -5.73 -3.16
N TRP A 24 -9.05 -4.95 -2.24
CA TRP A 24 -9.07 -5.19 -0.81
C TRP A 24 -9.47 -3.86 -0.17
N GLU A 25 -10.56 -3.84 0.59
CA GLU A 25 -11.02 -2.70 1.39
C GLU A 25 -11.16 -3.18 2.84
N LYS A 26 -11.16 -2.26 3.80
CA LYS A 26 -11.10 -2.58 5.23
C LYS A 26 -11.67 -1.40 5.99
N GLU A 27 -12.02 -1.58 7.25
CA GLU A 27 -12.47 -0.51 8.10
C GLU A 27 -11.30 0.39 8.51
N VAL A 28 -11.64 1.35 9.35
CA VAL A 28 -10.71 2.20 10.10
C VAL A 28 -9.95 1.42 11.19
N SER A 29 -10.19 0.10 11.32
CA SER A 29 -9.54 -0.71 12.34
C SER A 29 -8.08 -0.91 12.01
N GLU A 30 -7.24 -0.64 12.99
CA GLU A 30 -5.80 -0.73 12.87
C GLU A 30 -5.31 -2.12 13.28
N PHE A 31 -4.15 -2.49 12.80
CA PHE A 31 -3.54 -3.81 12.89
C PHE A 31 -2.06 -3.67 12.56
N ASP A 32 -1.39 -4.77 12.27
CA ASP A 32 -0.03 -4.83 11.79
C ASP A 32 0.06 -5.90 10.69
N TRP A 33 1.07 -5.80 9.83
CA TRP A 33 1.20 -6.67 8.67
C TRP A 33 2.67 -6.99 8.38
N TYR A 34 2.92 -8.25 8.04
CA TYR A 34 4.16 -8.75 7.49
C TYR A 34 3.97 -8.95 5.99
N TYR A 35 5.01 -8.70 5.19
CA TYR A 35 5.04 -8.97 3.76
C TYR A 35 6.14 -10.00 3.51
N ASP A 36 5.79 -11.12 2.88
CA ASP A 36 6.63 -12.31 2.71
C ASP A 36 6.94 -12.60 1.25
N THR A 37 6.34 -11.83 0.32
CA THR A 37 6.60 -11.65 -1.10
C THR A 37 6.38 -10.16 -1.40
N ASN A 38 6.64 -9.70 -2.63
CA ASN A 38 6.47 -8.29 -2.95
C ASN A 38 4.97 -8.03 -2.96
N GLU A 39 4.51 -6.90 -2.44
CA GLU A 39 3.16 -6.40 -2.70
C GLU A 39 3.37 -5.02 -3.29
N THR A 40 3.00 -4.84 -4.55
CA THR A 40 2.72 -3.51 -5.08
C THR A 40 1.23 -3.27 -4.83
N CYS A 41 0.86 -2.12 -4.29
CA CYS A 41 -0.52 -1.67 -4.32
C CYS A 41 -0.60 -0.19 -4.64
N TYR A 42 -1.79 0.23 -5.05
CA TYR A 42 -2.15 1.57 -5.43
C TYR A 42 -3.32 1.96 -4.53
N ILE A 43 -3.24 3.10 -3.85
CA ILE A 43 -4.21 3.69 -2.94
C ILE A 43 -5.18 4.52 -3.80
N LEU A 44 -6.37 3.98 -4.06
CA LEU A 44 -7.35 4.58 -4.95
C LEU A 44 -8.14 5.68 -4.24
N GLU A 45 -8.27 5.59 -2.91
CA GLU A 45 -9.06 6.46 -2.06
C GLU A 45 -8.80 6.00 -0.62
N GLY A 46 -8.85 6.91 0.36
CA GLY A 46 -8.58 6.64 1.78
C GLY A 46 -7.18 7.06 2.24
N LYS A 47 -6.82 6.80 3.51
CA LYS A 47 -5.50 7.12 4.08
C LYS A 47 -5.06 6.01 5.03
N VAL A 48 -3.75 5.79 5.10
CA VAL A 48 -3.11 4.83 6.00
C VAL A 48 -1.87 5.49 6.57
N GLU A 49 -1.40 5.02 7.73
CA GLU A 49 -0.09 5.27 8.28
C GLU A 49 0.62 3.94 8.47
N VAL A 50 1.91 3.92 8.15
CA VAL A 50 2.78 2.76 8.25
C VAL A 50 4.05 3.30 8.92
N THR A 51 4.43 2.77 10.09
CA THR A 51 5.72 2.97 10.73
C THR A 51 6.47 1.63 10.70
N THR A 52 7.47 1.51 9.83
CA THR A 52 8.31 0.32 9.83
C THR A 52 9.14 0.31 11.12
N GLU A 53 9.75 -0.82 11.46
CA GLU A 53 10.23 -1.06 12.82
C GLU A 53 11.50 -0.27 13.17
N ASP A 54 12.13 0.25 12.13
CA ASP A 54 13.10 1.34 12.14
C ASP A 54 12.61 2.59 12.88
N GLY A 55 11.30 2.75 13.03
CA GLY A 55 10.66 4.00 13.44
C GLY A 55 10.47 4.94 12.25
N LYS A 56 10.79 4.53 11.02
CA LYS A 56 10.62 5.36 9.82
C LYS A 56 9.13 5.46 9.53
N LYS A 57 8.68 6.61 9.04
CA LYS A 57 7.27 6.91 8.85
C LYS A 57 6.94 6.88 7.38
N TYR A 58 5.74 6.42 7.06
CA TYR A 58 5.22 6.38 5.71
C TYR A 58 3.73 6.73 5.80
N VAL A 59 3.28 7.64 4.94
CA VAL A 59 1.97 8.27 4.94
C VAL A 59 1.55 8.26 3.49
N ILE A 60 0.45 7.58 3.19
CA ILE A 60 0.04 7.28 1.83
C ILE A 60 -1.37 7.79 1.62
N GLU A 61 -1.46 8.88 0.88
CA GLU A 61 -2.71 9.42 0.39
C GLU A 61 -3.05 8.83 -0.99
N LYS A 62 -4.20 9.23 -1.52
CA LYS A 62 -4.75 8.88 -2.82
C LYS A 62 -3.71 9.15 -3.90
N GLY A 63 -3.14 8.08 -4.48
CA GLY A 63 -2.20 8.15 -5.59
C GLY A 63 -0.77 7.74 -5.23
N ASP A 64 -0.38 7.68 -3.96
CA ASP A 64 0.95 7.24 -3.54
C ASP A 64 1.09 5.75 -3.79
N LEU A 65 1.78 5.35 -4.86
CA LEU A 65 2.00 3.95 -5.18
C LEU A 65 2.99 3.39 -4.18
N VAL A 66 2.79 2.15 -3.75
CA VAL A 66 3.65 1.51 -2.77
C VAL A 66 4.13 0.19 -3.36
N THR A 67 5.36 -0.18 -3.03
CA THR A 67 5.85 -1.55 -3.11
C THR A 67 6.49 -1.85 -1.75
N PHE A 68 5.95 -2.83 -1.03
CA PHE A 68 6.61 -3.51 0.07
C PHE A 68 7.41 -4.68 -0.51
N PRO A 69 8.58 -5.01 0.07
CA PRO A 69 9.43 -6.06 -0.47
C PRO A 69 9.01 -7.45 0.02
N LYS A 70 9.74 -8.44 -0.48
CA LYS A 70 9.71 -9.82 -0.03
C LYS A 70 10.51 -9.90 1.27
N GLY A 71 9.88 -9.54 2.39
CA GLY A 71 10.45 -9.57 3.73
C GLY A 71 10.37 -8.20 4.41
N LEU A 72 9.22 -7.84 4.99
CA LEU A 72 9.03 -6.62 5.77
C LEU A 72 8.01 -6.83 6.87
N ARG A 73 8.34 -6.50 8.12
CA ARG A 73 7.45 -6.60 9.29
C ARG A 73 7.15 -5.18 9.78
N CYS A 74 5.89 -4.73 9.75
CA CYS A 74 5.51 -3.39 10.20
C CYS A 74 4.09 -3.31 10.79
N ARG A 75 3.68 -2.15 11.30
CA ARG A 75 2.30 -1.86 11.72
C ARG A 75 1.41 -1.49 10.55
N TRP A 76 0.12 -1.25 10.74
CA TRP A 76 -0.77 -0.79 9.68
C TRP A 76 -2.00 -0.10 10.29
N LYS A 77 -2.00 1.24 10.32
CA LYS A 77 -3.12 2.00 10.86
C LYS A 77 -3.91 2.57 9.70
N VAL A 78 -5.13 2.07 9.50
CA VAL A 78 -6.06 2.65 8.56
C VAL A 78 -6.58 3.86 9.29
N LEU A 79 -6.34 5.06 8.76
CA LEU A 79 -6.97 6.24 9.34
C LEU A 79 -8.32 6.46 8.67
N GLU A 80 -8.51 5.99 7.44
CA GLU A 80 -9.78 6.14 6.75
C GLU A 80 -10.10 4.92 5.88
N PRO A 81 -11.38 4.57 5.65
CA PRO A 81 -11.77 3.42 4.85
C PRO A 81 -11.19 3.61 3.45
N VAL A 82 -10.27 2.72 3.10
CA VAL A 82 -9.34 2.87 2.00
C VAL A 82 -9.51 1.65 1.09
N ARG A 83 -9.39 1.87 -0.21
CA ARG A 83 -9.40 0.85 -1.22
C ARG A 83 -8.02 0.88 -1.84
N LYS A 84 -7.23 -0.19 -1.65
CA LYS A 84 -6.01 -0.37 -2.43
C LYS A 84 -6.14 -1.59 -3.32
N HIS A 85 -5.92 -1.40 -4.61
CA HIS A 85 -5.79 -2.47 -5.58
C HIS A 85 -4.38 -3.00 -5.32
N TYR A 86 -4.22 -4.29 -5.03
CA TYR A 86 -2.91 -4.87 -4.71
C TYR A 86 -2.58 -6.00 -5.68
N ASN A 87 -1.31 -6.36 -5.79
CA ASN A 87 -0.90 -7.60 -6.44
C ASN A 87 0.27 -8.19 -5.67
N LEU A 88 0.39 -9.52 -5.67
CA LEU A 88 1.46 -10.26 -5.00
C LEU A 88 2.36 -10.82 -6.10
N PHE A 89 3.67 -10.60 -6.00
CA PHE A 89 4.64 -10.95 -7.03
C PHE A 89 6.04 -10.95 -6.40
N MET A 1 13.79 -2.68 -3.05
CA MET A 1 14.74 -2.85 -1.95
C MET A 1 14.25 -1.98 -0.80
N GLU A 2 13.92 -2.59 0.35
CA GLU A 2 13.05 -2.01 1.37
C GLU A 2 11.69 -1.67 0.72
N VAL A 3 10.81 -1.01 1.48
CA VAL A 3 9.59 -0.44 0.95
C VAL A 3 9.97 0.81 0.15
N LYS A 4 9.21 1.07 -0.92
CA LYS A 4 9.33 2.25 -1.76
C LYS A 4 7.94 2.87 -1.86
N ILE A 5 7.88 4.19 -1.96
CA ILE A 5 6.70 4.95 -2.37
C ILE A 5 7.17 5.79 -3.56
N GLU A 6 6.31 5.97 -4.56
CA GLU A 6 6.45 6.94 -5.62
C GLU A 6 5.10 7.20 -6.29
N LYS A 7 5.05 8.12 -7.26
CA LYS A 7 3.82 8.60 -7.88
C LYS A 7 3.85 8.22 -9.37
N PRO A 8 3.43 7.00 -9.73
CA PRO A 8 3.67 6.39 -11.04
C PRO A 8 2.87 6.99 -12.19
N THR A 9 1.97 7.94 -11.90
CA THR A 9 0.94 8.52 -12.74
C THR A 9 -0.01 7.48 -13.36
N PRO A 10 -1.30 7.84 -13.54
CA PRO A 10 -2.28 6.95 -14.11
C PRO A 10 -1.89 6.47 -15.51
N GLU A 11 -0.95 7.14 -16.19
CA GLU A 11 -0.28 6.62 -17.37
C GLU A 11 0.21 5.18 -17.15
N LYS A 12 1.11 4.99 -16.18
CA LYS A 12 1.65 3.67 -15.92
C LYS A 12 0.54 2.76 -15.39
N LEU A 13 -0.35 3.29 -14.54
CA LEU A 13 -1.37 2.45 -13.91
C LEU A 13 -2.47 1.99 -14.90
N LYS A 14 -2.72 2.71 -16.00
CA LYS A 14 -3.54 2.20 -17.11
C LYS A 14 -2.85 0.96 -17.64
N GLU A 15 -1.59 1.12 -18.02
CA GLU A 15 -0.89 0.16 -18.85
C GLU A 15 -0.51 -1.09 -18.04
N LEU A 16 -0.35 -0.94 -16.73
CA LEU A 16 -0.20 -2.03 -15.77
C LEU A 16 -1.48 -2.86 -15.60
N SER A 17 -2.60 -2.41 -16.16
CA SER A 17 -3.93 -3.00 -16.03
C SER A 17 -4.42 -3.01 -14.58
N VAL A 18 -4.05 -2.01 -13.77
CA VAL A 18 -4.32 -2.00 -12.33
C VAL A 18 -5.83 -2.14 -12.02
N GLU A 19 -6.72 -1.70 -12.92
CA GLU A 19 -8.16 -1.91 -12.78
C GLU A 19 -8.55 -3.39 -12.59
N LYS A 20 -7.74 -4.33 -13.09
CA LYS A 20 -8.06 -5.75 -13.11
C LYS A 20 -7.66 -6.43 -11.80
N TRP A 21 -6.66 -5.88 -11.11
CA TRP A 21 -6.02 -6.50 -9.96
C TRP A 21 -7.05 -6.68 -8.81
N PRO A 22 -6.83 -7.57 -7.83
CA PRO A 22 -7.81 -7.82 -6.78
C PRO A 22 -7.99 -6.63 -5.83
N ILE A 23 -9.19 -6.05 -5.76
CA ILE A 23 -9.42 -4.95 -4.82
C ILE A 23 -9.22 -5.50 -3.40
N TRP A 24 -8.64 -4.68 -2.52
CA TRP A 24 -8.64 -4.91 -1.09
C TRP A 24 -8.97 -3.59 -0.41
N GLU A 25 -9.73 -3.68 0.67
CA GLU A 25 -10.18 -2.56 1.48
C GLU A 25 -10.41 -3.00 2.94
N LYS A 26 -10.45 -2.04 3.87
CA LYS A 26 -10.63 -2.32 5.29
C LYS A 26 -11.49 -1.23 5.92
N GLU A 27 -11.79 -1.42 7.20
CA GLU A 27 -12.39 -0.45 8.11
C GLU A 27 -11.42 0.69 8.42
N VAL A 28 -11.72 1.49 9.45
CA VAL A 28 -11.00 2.69 9.87
C VAL A 28 -10.25 2.46 11.22
N SER A 29 -9.94 1.20 11.51
CA SER A 29 -9.25 0.73 12.71
C SER A 29 -7.75 0.58 12.40
N GLU A 30 -7.00 0.14 13.39
CA GLU A 30 -5.59 -0.21 13.25
C GLU A 30 -5.36 -1.68 13.61
N PHE A 31 -4.23 -2.21 13.16
CA PHE A 31 -3.76 -3.56 13.37
C PHE A 31 -2.26 -3.62 13.05
N ASP A 32 -1.69 -4.82 12.92
CA ASP A 32 -0.36 -5.06 12.40
C ASP A 32 -0.50 -5.99 11.21
N TRP A 33 0.42 -5.91 10.27
CA TRP A 33 0.43 -6.73 9.06
C TRP A 33 1.83 -7.35 8.86
N TYR A 34 2.02 -8.15 7.80
CA TYR A 34 3.30 -8.68 7.35
C TYR A 34 3.23 -8.81 5.83
N TYR A 35 4.36 -8.70 5.13
CA TYR A 35 4.47 -8.89 3.69
C TYR A 35 5.64 -9.83 3.39
N ASP A 36 5.38 -11.12 3.16
CA ASP A 36 6.38 -12.17 2.93
C ASP A 36 6.72 -12.33 1.44
N THR A 37 6.24 -11.40 0.61
CA THR A 37 6.39 -11.34 -0.84
C THR A 37 6.17 -9.89 -1.29
N ASN A 38 6.62 -9.60 -2.51
CA ASN A 38 6.51 -8.29 -3.14
C ASN A 38 5.03 -7.97 -3.27
N GLU A 39 4.67 -6.73 -2.98
CA GLU A 39 3.31 -6.28 -3.16
C GLU A 39 3.36 -4.83 -3.61
N THR A 40 3.09 -4.63 -4.91
CA THR A 40 2.76 -3.32 -5.45
C THR A 40 1.34 -3.00 -4.98
N CYS A 41 1.03 -1.74 -4.65
CA CYS A 41 -0.32 -1.34 -4.28
C CYS A 41 -0.57 0.14 -4.60
N TYR A 42 -1.69 0.43 -5.25
CA TYR A 42 -2.09 1.76 -5.71
C TYR A 42 -3.26 2.24 -4.85
N ILE A 43 -3.01 3.22 -3.98
CA ILE A 43 -4.01 3.81 -3.09
C ILE A 43 -4.92 4.73 -3.93
N LEU A 44 -6.21 4.39 -4.05
CA LEU A 44 -7.17 5.19 -4.83
C LEU A 44 -8.04 6.06 -3.95
N GLU A 45 -8.38 5.61 -2.73
CA GLU A 45 -9.09 6.39 -1.74
C GLU A 45 -8.75 5.85 -0.34
N GLY A 46 -9.02 6.67 0.67
CA GLY A 46 -8.68 6.47 2.07
C GLY A 46 -7.26 6.94 2.37
N LYS A 47 -6.80 6.66 3.59
CA LYS A 47 -5.48 7.07 4.06
C LYS A 47 -4.96 6.01 5.00
N VAL A 48 -3.64 5.83 5.03
CA VAL A 48 -3.00 4.84 5.89
C VAL A 48 -1.77 5.49 6.52
N GLU A 49 -1.41 5.01 7.70
CA GLU A 49 -0.17 5.26 8.43
C GLU A 49 0.47 3.89 8.68
N VAL A 50 1.43 3.48 7.86
CA VAL A 50 2.25 2.29 8.13
C VAL A 50 3.41 2.75 9.02
N THR A 51 3.76 2.00 10.06
CA THR A 51 4.84 2.37 10.98
C THR A 51 5.69 1.15 11.28
N THR A 52 7.00 1.21 10.99
CA THR A 52 7.91 0.10 11.26
C THR A 52 8.21 0.03 12.76
N GLU A 53 8.86 -1.04 13.20
CA GLU A 53 9.19 -1.26 14.60
C GLU A 53 10.15 -0.18 15.11
N ASP A 54 11.08 0.27 14.25
CA ASP A 54 12.08 1.32 14.44
C ASP A 54 11.49 2.72 14.21
N GLY A 55 10.16 2.86 14.21
CA GLY A 55 9.50 4.15 14.37
C GLY A 55 9.47 5.01 13.11
N LYS A 56 9.93 4.51 11.96
CA LYS A 56 9.69 5.21 10.70
C LYS A 56 8.20 5.12 10.43
N LYS A 57 7.51 6.25 10.61
CA LYS A 57 6.17 6.43 10.08
C LYS A 57 6.28 6.46 8.56
N TYR A 58 5.17 6.15 7.91
CA TYR A 58 4.90 6.36 6.51
C TYR A 58 3.46 6.89 6.49
N VAL A 59 3.10 7.63 5.44
CA VAL A 59 1.79 8.21 5.18
C VAL A 59 1.60 7.98 3.68
N ILE A 60 0.46 7.41 3.30
CA ILE A 60 0.10 7.17 1.91
C ILE A 60 -1.33 7.62 1.69
N GLU A 61 -1.50 8.53 0.75
CA GLU A 61 -2.75 9.15 0.36
C GLU A 61 -3.20 8.51 -0.95
N LYS A 62 -4.37 8.92 -1.40
CA LYS A 62 -4.77 8.65 -2.77
C LYS A 62 -3.72 9.27 -3.70
N GLY A 63 -3.18 8.43 -4.57
CA GLY A 63 -2.14 8.80 -5.52
C GLY A 63 -0.71 8.42 -5.13
N ASP A 64 -0.46 7.79 -3.97
CA ASP A 64 0.83 7.15 -3.70
C ASP A 64 0.70 5.70 -4.15
N LEU A 65 1.58 5.22 -5.04
CA LEU A 65 1.80 3.80 -5.21
C LEU A 65 2.89 3.42 -4.21
N VAL A 66 2.83 2.20 -3.68
CA VAL A 66 3.83 1.62 -2.81
C VAL A 66 4.24 0.28 -3.42
N THR A 67 5.48 -0.12 -3.17
CA THR A 67 5.94 -1.47 -3.39
C THR A 67 6.72 -1.89 -2.15
N PHE A 68 6.18 -2.83 -1.38
CA PHE A 68 6.90 -3.47 -0.29
C PHE A 68 7.93 -4.47 -0.87
N PRO A 69 9.01 -4.81 -0.15
CA PRO A 69 9.97 -5.83 -0.56
C PRO A 69 9.36 -7.22 -0.37
N LYS A 70 10.17 -8.28 -0.42
CA LYS A 70 9.78 -9.58 0.11
C LYS A 70 10.32 -9.68 1.54
N GLY A 71 9.46 -9.87 2.53
CA GLY A 71 9.81 -10.05 3.94
C GLY A 71 9.95 -8.73 4.69
N LEU A 72 8.85 -8.19 5.24
CA LEU A 72 8.81 -7.03 6.13
C LEU A 72 7.73 -7.27 7.19
N ARG A 73 7.98 -6.81 8.42
CA ARG A 73 7.00 -6.70 9.50
C ARG A 73 6.83 -5.22 9.83
N CYS A 74 5.60 -4.71 9.92
CA CYS A 74 5.29 -3.38 10.44
C CYS A 74 3.79 -3.23 10.74
N ARG A 75 3.43 -2.15 11.44
CA ARG A 75 2.06 -1.83 11.82
C ARG A 75 1.27 -1.31 10.64
N TRP A 76 -0.05 -1.21 10.82
CA TRP A 76 -0.99 -0.69 9.83
C TRP A 76 -2.11 0.07 10.53
N LYS A 77 -2.19 1.39 10.33
CA LYS A 77 -3.26 2.25 10.83
C LYS A 77 -4.07 2.70 9.62
N VAL A 78 -5.29 2.21 9.46
CA VAL A 78 -6.18 2.65 8.37
C VAL A 78 -6.89 3.87 8.92
N LEU A 79 -6.46 5.07 8.54
CA LEU A 79 -7.01 6.31 9.09
C LEU A 79 -8.29 6.72 8.38
N GLU A 80 -8.53 6.19 7.19
CA GLU A 80 -9.81 6.24 6.50
C GLU A 80 -9.92 4.97 5.67
N PRO A 81 -11.13 4.39 5.50
CA PRO A 81 -11.36 3.05 4.99
C PRO A 81 -10.83 2.90 3.57
N VAL A 82 -9.57 2.47 3.48
CA VAL A 82 -8.78 2.54 2.26
C VAL A 82 -9.35 1.57 1.23
N ARG A 83 -9.21 1.93 -0.05
CA ARG A 83 -9.45 1.06 -1.18
C ARG A 83 -8.20 1.16 -2.03
N LYS A 84 -7.45 0.06 -2.13
CA LYS A 84 -6.24 0.04 -2.93
C LYS A 84 -6.23 -1.21 -3.77
N HIS A 85 -5.75 -1.06 -4.98
CA HIS A 85 -5.48 -2.17 -5.86
C HIS A 85 -4.09 -2.69 -5.49
N TYR A 86 -4.01 -3.79 -4.73
CA TYR A 86 -2.76 -4.49 -4.44
C TYR A 86 -2.49 -5.56 -5.51
N ASN A 87 -1.22 -5.92 -5.72
CA ASN A 87 -0.86 -7.05 -6.56
C ASN A 87 0.44 -7.67 -6.10
N LEU A 88 0.34 -8.89 -5.59
CA LEU A 88 1.47 -9.77 -5.24
C LEU A 88 2.27 -10.06 -6.50
N PHE A 89 3.57 -10.34 -6.40
CA PHE A 89 4.34 -10.91 -7.51
C PHE A 89 5.48 -11.78 -6.98
N MET A 1 14.33 -2.18 -3.17
CA MET A 1 14.97 -2.20 -1.84
C MET A 1 14.15 -1.41 -0.87
N GLU A 2 13.82 -2.03 0.28
CA GLU A 2 12.89 -1.53 1.28
C GLU A 2 11.52 -1.21 0.65
N VAL A 3 10.63 -0.56 1.40
CA VAL A 3 9.32 -0.13 0.89
C VAL A 3 9.51 1.11 0.03
N LYS A 4 9.43 0.94 -1.30
CA LYS A 4 9.41 2.04 -2.25
C LYS A 4 8.03 2.70 -2.20
N ILE A 5 7.97 4.02 -2.20
CA ILE A 5 6.76 4.82 -2.38
C ILE A 5 7.12 5.94 -3.36
N GLU A 6 6.22 6.27 -4.29
CA GLU A 6 6.18 7.49 -5.07
C GLU A 6 4.80 7.61 -5.73
N LYS A 7 4.53 8.72 -6.43
CA LYS A 7 3.29 8.94 -7.17
C LYS A 7 3.57 8.77 -8.66
N PRO A 8 3.51 7.55 -9.23
CA PRO A 8 3.81 7.36 -10.64
C PRO A 8 2.79 8.09 -11.52
N THR A 9 3.10 8.19 -12.81
CA THR A 9 2.20 8.79 -13.77
C THR A 9 0.98 7.86 -13.98
N PRO A 10 -0.24 8.40 -14.17
CA PRO A 10 -1.42 7.59 -14.44
C PRO A 10 -1.35 6.87 -15.78
N GLU A 11 -0.51 7.29 -16.73
CA GLU A 11 -0.28 6.53 -17.95
C GLU A 11 0.27 5.15 -17.59
N LYS A 12 1.28 5.10 -16.71
CA LYS A 12 1.92 3.85 -16.35
C LYS A 12 0.94 2.97 -15.60
N LEU A 13 0.10 3.57 -14.76
CA LEU A 13 -0.93 2.85 -14.03
C LEU A 13 -2.01 2.30 -14.95
N LYS A 14 -2.27 2.90 -16.12
CA LYS A 14 -3.11 2.31 -17.14
C LYS A 14 -2.46 1.04 -17.66
N GLU A 15 -1.16 1.10 -17.98
CA GLU A 15 -0.44 -0.04 -18.58
C GLU A 15 -0.51 -1.23 -17.62
N LEU A 16 -0.19 -0.97 -16.35
CA LEU A 16 -0.24 -1.90 -15.24
C LEU A 16 -1.61 -2.56 -15.08
N SER A 17 -2.66 -2.03 -15.71
CA SER A 17 -3.99 -2.59 -15.72
C SER A 17 -4.49 -2.85 -14.30
N VAL A 18 -4.28 -1.88 -13.41
CA VAL A 18 -4.60 -1.99 -11.99
C VAL A 18 -6.08 -2.33 -11.80
N GLU A 19 -6.95 -1.87 -12.71
CA GLU A 19 -8.35 -2.27 -12.87
C GLU A 19 -8.58 -3.80 -12.81
N LYS A 20 -7.66 -4.62 -13.30
CA LYS A 20 -7.81 -6.08 -13.35
C LYS A 20 -7.42 -6.72 -12.02
N TRP A 21 -6.58 -6.06 -11.23
CA TRP A 21 -5.98 -6.63 -10.03
C TRP A 21 -7.08 -6.93 -8.99
N PRO A 22 -6.83 -7.73 -7.95
CA PRO A 22 -7.78 -7.88 -6.86
C PRO A 22 -7.92 -6.55 -6.09
N ILE A 23 -9.15 -6.22 -5.70
CA ILE A 23 -9.43 -5.19 -4.71
C ILE A 23 -9.24 -5.85 -3.35
N TRP A 24 -8.88 -5.06 -2.34
CA TRP A 24 -9.14 -5.39 -0.96
C TRP A 24 -9.54 -4.11 -0.22
N GLU A 25 -10.41 -4.24 0.78
CA GLU A 25 -10.97 -3.17 1.60
C GLU A 25 -11.13 -3.67 3.03
N LYS A 26 -11.17 -2.76 4.01
CA LYS A 26 -11.19 -3.11 5.43
C LYS A 26 -11.93 -2.04 6.26
N GLU A 27 -12.20 -2.34 7.53
CA GLU A 27 -12.59 -1.32 8.50
C GLU A 27 -11.43 -0.35 8.78
N VAL A 28 -11.74 0.66 9.56
CA VAL A 28 -10.96 1.87 9.83
C VAL A 28 -10.11 1.68 11.11
N SER A 29 -9.76 0.43 11.40
CA SER A 29 -9.08 0.04 12.62
C SER A 29 -7.55 0.06 12.42
N GLU A 30 -6.82 -0.22 13.50
CA GLU A 30 -5.39 -0.51 13.46
C GLU A 30 -5.21 -2.01 13.66
N PHE A 31 -4.23 -2.55 12.95
CA PHE A 31 -3.82 -3.94 12.94
C PHE A 31 -2.30 -3.96 12.70
N ASP A 32 -1.73 -5.13 12.45
CA ASP A 32 -0.35 -5.24 11.99
C ASP A 32 -0.35 -6.12 10.73
N TRP A 33 0.64 -5.97 9.87
CA TRP A 33 0.80 -6.82 8.69
C TRP A 33 2.26 -7.27 8.51
N TYR A 34 2.44 -8.49 7.99
CA TYR A 34 3.73 -9.02 7.59
C TYR A 34 3.70 -9.20 6.07
N TYR A 35 4.47 -8.39 5.35
CA TYR A 35 4.68 -8.59 3.92
C TYR A 35 5.72 -9.68 3.73
N ASP A 36 5.34 -10.72 3.01
CA ASP A 36 6.14 -11.90 2.73
C ASP A 36 6.36 -12.09 1.24
N THR A 37 5.94 -11.14 0.40
CA THR A 37 6.30 -11.04 -1.01
C THR A 37 6.13 -9.59 -1.46
N ASN A 38 6.54 -9.31 -2.70
CA ASN A 38 6.50 -7.99 -3.33
C ASN A 38 5.04 -7.60 -3.56
N GLU A 39 4.43 -6.99 -2.55
CA GLU A 39 3.10 -6.44 -2.67
C GLU A 39 3.24 -5.07 -3.28
N THR A 40 2.80 -4.92 -4.52
CA THR A 40 2.56 -3.62 -5.11
C THR A 40 1.11 -3.30 -4.72
N CYS A 41 0.83 -2.08 -4.26
CA CYS A 41 -0.54 -1.65 -4.08
C CYS A 41 -0.67 -0.19 -4.50
N TYR A 42 -1.87 0.15 -4.99
CA TYR A 42 -2.23 1.46 -5.46
C TYR A 42 -3.51 1.89 -4.75
N ILE A 43 -3.38 2.95 -3.97
CA ILE A 43 -4.37 3.50 -3.05
C ILE A 43 -5.36 4.33 -3.88
N LEU A 44 -6.66 4.05 -3.81
CA LEU A 44 -7.65 4.75 -4.63
C LEU A 44 -8.43 5.79 -3.84
N GLU A 45 -8.56 5.60 -2.53
CA GLU A 45 -9.16 6.51 -1.58
C GLU A 45 -8.62 6.14 -0.19
N GLY A 46 -8.87 6.98 0.81
CA GLY A 46 -8.62 6.68 2.21
C GLY A 46 -7.31 7.28 2.73
N LYS A 47 -6.93 6.92 3.96
CA LYS A 47 -5.67 7.31 4.56
C LYS A 47 -5.17 6.17 5.43
N VAL A 48 -3.86 5.97 5.43
CA VAL A 48 -3.19 4.94 6.20
C VAL A 48 -1.94 5.56 6.82
N GLU A 49 -1.49 4.96 7.90
CA GLU A 49 -0.18 5.11 8.49
C GLU A 49 0.42 3.70 8.59
N VAL A 50 1.62 3.51 8.05
CA VAL A 50 2.35 2.25 8.06
C VAL A 50 3.58 2.48 8.94
N THR A 51 3.65 1.81 10.09
CA THR A 51 4.63 2.11 11.15
C THR A 51 5.53 0.88 11.24
N THR A 52 6.74 0.94 10.70
CA THR A 52 7.66 -0.20 10.70
C THR A 52 8.30 -0.34 12.09
N GLU A 53 9.06 -1.42 12.32
CA GLU A 53 9.74 -1.67 13.59
C GLU A 53 10.62 -0.48 13.97
N ASP A 54 11.30 0.11 12.99
CA ASP A 54 12.28 1.18 13.21
C ASP A 54 11.62 2.46 13.73
N GLY A 55 10.30 2.58 13.61
CA GLY A 55 9.60 3.85 13.73
C GLY A 55 9.69 4.67 12.43
N LYS A 56 10.35 4.14 11.39
CA LYS A 56 10.23 4.66 10.03
C LYS A 56 8.77 4.46 9.65
N LYS A 57 8.10 5.57 9.39
CA LYS A 57 6.66 5.67 9.37
C LYS A 57 6.28 6.35 8.06
N TYR A 58 5.29 5.79 7.38
CA TYR A 58 4.91 6.16 6.02
C TYR A 58 3.41 6.46 6.02
N VAL A 59 3.07 7.71 5.73
CA VAL A 59 1.73 8.09 5.28
C VAL A 59 1.61 7.68 3.81
N ILE A 60 0.42 7.24 3.38
CA ILE A 60 0.05 7.09 1.97
C ILE A 60 -1.41 7.54 1.79
N GLU A 61 -1.73 8.10 0.63
CA GLU A 61 -3.04 8.54 0.21
C GLU A 61 -3.29 8.16 -1.26
N LYS A 62 -4.43 8.60 -1.79
CA LYS A 62 -5.10 8.14 -3.00
C LYS A 62 -4.35 8.43 -4.32
N GLY A 63 -3.18 7.86 -4.49
CA GLY A 63 -2.35 8.07 -5.67
C GLY A 63 -0.89 7.74 -5.44
N ASP A 64 -0.45 7.45 -4.22
CA ASP A 64 0.85 6.86 -3.97
C ASP A 64 0.76 5.41 -4.47
N LEU A 65 1.70 4.97 -5.31
CA LEU A 65 1.96 3.57 -5.53
C LEU A 65 3.00 3.16 -4.49
N VAL A 66 2.86 1.95 -3.95
CA VAL A 66 3.80 1.37 -3.02
C VAL A 66 4.28 0.06 -3.62
N THR A 67 5.57 -0.24 -3.47
CA THR A 67 6.17 -1.54 -3.73
C THR A 67 6.92 -1.90 -2.46
N PHE A 68 6.34 -2.77 -1.62
CA PHE A 68 7.05 -3.32 -0.48
C PHE A 68 8.22 -4.20 -0.97
N PRO A 69 9.21 -4.50 -0.12
CA PRO A 69 10.21 -5.53 -0.40
C PRO A 69 9.54 -6.91 -0.30
N LYS A 70 10.32 -7.99 -0.20
CA LYS A 70 9.83 -9.30 0.21
C LYS A 70 10.41 -9.56 1.59
N GLY A 71 9.58 -9.52 2.65
CA GLY A 71 9.99 -9.65 4.04
C GLY A 71 10.03 -8.29 4.73
N LEU A 72 8.90 -7.80 5.25
CA LEU A 72 8.76 -6.59 6.06
C LEU A 72 7.64 -6.82 7.04
N ARG A 73 7.94 -6.87 8.35
CA ARG A 73 6.92 -6.70 9.37
C ARG A 73 6.71 -5.20 9.54
N CYS A 74 5.47 -4.75 9.59
CA CYS A 74 5.13 -3.47 10.17
C CYS A 74 3.76 -3.53 10.80
N ARG A 75 3.24 -2.37 11.19
CA ARG A 75 1.88 -2.30 11.69
C ARG A 75 1.07 -1.58 10.59
N TRP A 76 -0.25 -1.63 10.61
CA TRP A 76 -1.08 -0.90 9.67
C TRP A 76 -2.22 -0.20 10.39
N LYS A 77 -2.31 1.11 10.24
CA LYS A 77 -3.33 1.94 10.86
C LYS A 77 -4.14 2.54 9.71
N VAL A 78 -5.37 2.07 9.49
CA VAL A 78 -6.28 2.80 8.62
C VAL A 78 -6.69 3.99 9.47
N LEU A 79 -6.58 5.17 8.88
CA LEU A 79 -7.04 6.41 9.50
C LEU A 79 -8.27 6.93 8.77
N GLU A 80 -8.52 6.45 7.55
CA GLU A 80 -9.76 6.62 6.78
C GLU A 80 -9.88 5.45 5.82
N PRO A 81 -11.10 4.93 5.53
CA PRO A 81 -11.32 3.66 4.82
C PRO A 81 -10.61 3.64 3.46
N VAL A 82 -9.79 2.62 3.23
CA VAL A 82 -8.76 2.58 2.21
C VAL A 82 -8.97 1.40 1.25
N ARG A 83 -9.68 1.71 0.18
CA ARG A 83 -9.83 0.83 -0.96
C ARG A 83 -8.56 0.94 -1.78
N LYS A 84 -7.86 -0.18 -1.93
CA LYS A 84 -6.69 -0.27 -2.80
C LYS A 84 -6.86 -1.47 -3.73
N HIS A 85 -6.15 -1.40 -4.86
CA HIS A 85 -5.83 -2.53 -5.70
C HIS A 85 -4.45 -3.00 -5.25
N TYR A 86 -4.24 -4.30 -5.10
CA TYR A 86 -2.96 -4.86 -4.70
C TYR A 86 -2.57 -6.00 -5.66
N ASN A 87 -1.29 -6.33 -5.70
CA ASN A 87 -0.71 -7.27 -6.65
C ASN A 87 0.56 -7.81 -6.00
N LEU A 88 0.50 -9.05 -5.51
CA LEU A 88 1.68 -9.78 -5.04
C LEU A 88 2.45 -10.26 -6.27
N PHE A 89 3.78 -10.30 -6.22
CA PHE A 89 4.60 -11.03 -7.18
C PHE A 89 5.89 -11.54 -6.54
N MET A 1 16.13 -3.56 0.66
CA MET A 1 14.93 -3.95 1.41
C MET A 1 14.25 -2.69 1.93
N GLU A 2 13.39 -2.06 1.13
CA GLU A 2 12.78 -0.79 1.51
C GLU A 2 11.40 -0.56 0.89
N VAL A 3 10.79 0.53 1.34
CA VAL A 3 9.46 1.00 1.03
C VAL A 3 9.60 2.02 -0.10
N LYS A 4 9.20 1.66 -1.34
CA LYS A 4 9.09 2.65 -2.41
C LYS A 4 7.73 3.33 -2.24
N ILE A 5 7.68 4.66 -2.35
CA ILE A 5 6.44 5.42 -2.47
C ILE A 5 6.73 6.52 -3.48
N GLU A 6 5.99 6.58 -4.58
CA GLU A 6 6.02 7.65 -5.57
C GLU A 6 4.60 7.99 -6.03
N LYS A 7 4.46 9.02 -6.86
CA LYS A 7 3.22 9.37 -7.56
C LYS A 7 3.46 9.09 -9.05
N PRO A 8 3.27 7.85 -9.54
CA PRO A 8 3.45 7.53 -10.95
C PRO A 8 2.42 8.25 -11.84
N THR A 9 2.66 8.28 -13.16
CA THR A 9 1.70 8.83 -14.12
C THR A 9 0.52 7.85 -14.27
N PRO A 10 -0.71 8.35 -14.46
CA PRO A 10 -1.89 7.51 -14.61
C PRO A 10 -1.88 6.71 -15.91
N GLU A 11 -1.27 7.23 -16.99
CA GLU A 11 -1.20 6.54 -18.27
C GLU A 11 -0.53 5.18 -18.11
N LYS A 12 0.55 5.14 -17.35
CA LYS A 12 1.31 3.92 -17.10
C LYS A 12 0.45 2.94 -16.33
N LEU A 13 -0.38 3.42 -15.40
CA LEU A 13 -1.28 2.57 -14.65
C LEU A 13 -2.40 1.99 -15.51
N LYS A 14 -2.81 2.69 -16.58
CA LYS A 14 -3.71 2.09 -17.57
C LYS A 14 -3.09 0.80 -18.08
N GLU A 15 -1.82 0.87 -18.51
CA GLU A 15 -1.08 -0.25 -19.12
C GLU A 15 -0.98 -1.42 -18.15
N LEU A 16 -0.48 -1.14 -16.93
CA LEU A 16 -0.26 -2.11 -15.86
C LEU A 16 -1.52 -2.89 -15.48
N SER A 17 -2.69 -2.34 -15.82
CA SER A 17 -4.00 -2.95 -15.75
C SER A 17 -4.48 -3.05 -14.30
N VAL A 18 -4.30 -1.98 -13.50
CA VAL A 18 -4.61 -2.02 -12.06
C VAL A 18 -6.07 -2.45 -11.83
N GLU A 19 -7.00 -2.12 -12.73
CA GLU A 19 -8.39 -2.55 -12.59
C GLU A 19 -8.57 -4.07 -12.53
N LYS A 20 -7.63 -4.84 -13.08
CA LYS A 20 -7.77 -6.28 -13.25
C LYS A 20 -7.36 -7.02 -11.98
N TRP A 21 -6.87 -6.27 -11.00
CA TRP A 21 -6.25 -6.78 -9.81
C TRP A 21 -7.35 -7.02 -8.77
N PRO A 22 -7.07 -7.76 -7.69
CA PRO A 22 -7.96 -7.82 -6.55
C PRO A 22 -8.01 -6.45 -5.83
N ILE A 23 -9.22 -6.00 -5.49
CA ILE A 23 -9.45 -4.93 -4.53
C ILE A 23 -9.27 -5.54 -3.14
N TRP A 24 -8.70 -4.78 -2.22
CA TRP A 24 -8.78 -5.03 -0.79
C TRP A 24 -9.26 -3.74 -0.12
N GLU A 25 -9.91 -3.85 1.03
CA GLU A 25 -10.38 -2.72 1.83
C GLU A 25 -10.41 -3.12 3.31
N LYS A 26 -10.47 -2.14 4.22
CA LYS A 26 -10.51 -2.34 5.67
C LYS A 26 -11.30 -1.22 6.31
N GLU A 27 -11.81 -1.50 7.51
CA GLU A 27 -12.37 -0.51 8.41
C GLU A 27 -11.29 0.42 8.97
N VAL A 28 -11.76 1.46 9.64
CA VAL A 28 -10.95 2.47 10.31
C VAL A 28 -10.56 1.91 11.67
N SER A 29 -9.61 0.97 11.63
CA SER A 29 -9.02 0.35 12.80
C SER A 29 -7.55 0.07 12.46
N GLU A 30 -6.85 -0.63 13.35
CA GLU A 30 -5.41 -0.76 13.21
C GLU A 30 -4.88 -2.06 13.78
N PHE A 31 -3.80 -2.51 13.15
CA PHE A 31 -3.27 -3.86 13.22
C PHE A 31 -1.79 -3.80 12.86
N ASP A 32 -1.16 -4.95 12.62
CA ASP A 32 0.14 -5.04 11.99
C ASP A 32 0.01 -5.86 10.71
N TRP A 33 0.97 -5.74 9.80
CA TRP A 33 1.03 -6.59 8.62
C TRP A 33 2.40 -7.22 8.47
N TYR A 34 2.48 -8.20 7.56
CA TYR A 34 3.67 -8.93 7.19
C TYR A 34 3.62 -9.20 5.69
N TYR A 35 4.20 -8.31 4.88
CA TYR A 35 4.36 -8.57 3.45
C TYR A 35 5.44 -9.64 3.30
N ASP A 36 5.09 -10.80 2.73
CA ASP A 36 5.97 -11.95 2.57
C ASP A 36 6.31 -12.20 1.10
N THR A 37 5.72 -11.45 0.17
CA THR A 37 6.11 -11.29 -1.22
C THR A 37 5.91 -9.85 -1.67
N ASN A 38 6.38 -9.58 -2.88
CA ASN A 38 6.26 -8.33 -3.58
C ASN A 38 4.76 -8.11 -3.78
N GLU A 39 4.17 -7.17 -3.04
CA GLU A 39 2.74 -6.92 -3.06
C GLU A 39 2.50 -5.48 -3.48
N THR A 40 2.65 -5.16 -4.76
CA THR A 40 2.52 -3.77 -5.18
C THR A 40 1.06 -3.37 -4.98
N CYS A 41 0.81 -2.19 -4.43
CA CYS A 41 -0.55 -1.72 -4.20
C CYS A 41 -0.65 -0.23 -4.47
N TYR A 42 -1.86 0.22 -4.78
CA TYR A 42 -2.09 1.57 -5.24
C TYR A 42 -3.25 2.19 -4.49
N ILE A 43 -3.00 3.31 -3.82
CA ILE A 43 -3.96 3.98 -2.95
C ILE A 43 -4.89 4.80 -3.84
N LEU A 44 -6.19 4.58 -3.72
CA LEU A 44 -7.21 5.08 -4.64
C LEU A 44 -8.26 5.92 -3.92
N GLU A 45 -8.56 5.56 -2.68
CA GLU A 45 -9.27 6.35 -1.68
C GLU A 45 -8.80 5.81 -0.33
N GLY A 46 -9.02 6.58 0.73
CA GLY A 46 -8.68 6.22 2.10
C GLY A 46 -7.22 6.48 2.41
N LYS A 47 -6.84 6.24 3.68
CA LYS A 47 -5.68 6.88 4.26
C LYS A 47 -5.04 5.95 5.29
N VAL A 48 -3.72 5.97 5.39
CA VAL A 48 -3.00 5.07 6.29
C VAL A 48 -1.79 5.78 6.91
N GLU A 49 -1.39 5.35 8.12
CA GLU A 49 -0.03 5.45 8.66
C GLU A 49 0.53 4.01 8.70
N VAL A 50 1.71 3.76 8.15
CA VAL A 50 2.45 2.50 8.28
C VAL A 50 3.63 2.81 9.22
N THR A 51 3.98 1.91 10.14
CA THR A 51 5.00 2.18 11.16
C THR A 51 5.93 0.97 11.30
N THR A 52 7.15 1.05 10.77
CA THR A 52 8.13 -0.02 10.84
C THR A 52 8.63 -0.17 12.29
N GLU A 53 9.38 -1.26 12.56
CA GLU A 53 9.94 -1.45 13.89
C GLU A 53 11.01 -0.38 14.19
N ASP A 54 11.71 0.11 13.16
CA ASP A 54 12.66 1.24 13.24
C ASP A 54 11.97 2.55 13.63
N GLY A 55 10.64 2.56 13.77
CA GLY A 55 9.89 3.65 14.38
C GLY A 55 9.58 4.78 13.42
N LYS A 56 10.06 4.71 12.17
CA LYS A 56 9.59 5.61 11.13
C LYS A 56 8.10 5.43 11.00
N LYS A 57 7.40 6.47 10.57
CA LYS A 57 6.10 6.31 9.94
C LYS A 57 6.29 6.48 8.45
N TYR A 58 5.31 6.01 7.71
CA TYR A 58 4.97 6.52 6.40
C TYR A 58 3.54 7.02 6.53
N VAL A 59 3.18 7.90 5.61
CA VAL A 59 1.87 8.51 5.48
C VAL A 59 1.65 8.46 3.97
N ILE A 60 0.50 7.93 3.56
CA ILE A 60 0.13 7.78 2.15
C ILE A 60 -1.34 8.13 2.00
N GLU A 61 -1.68 8.78 0.89
CA GLU A 61 -3.03 9.17 0.50
C GLU A 61 -3.35 8.78 -0.95
N LYS A 62 -4.54 9.17 -1.43
CA LYS A 62 -5.28 8.58 -2.54
C LYS A 62 -4.76 8.92 -3.94
N GLY A 63 -3.48 8.63 -4.17
CA GLY A 63 -2.84 8.71 -5.46
C GLY A 63 -1.37 8.28 -5.44
N ASP A 64 -0.80 7.98 -4.26
CA ASP A 64 0.55 7.45 -4.14
C ASP A 64 0.51 5.94 -4.43
N LEU A 65 1.51 5.41 -5.14
CA LEU A 65 1.74 3.97 -5.27
C LEU A 65 2.79 3.53 -4.28
N VAL A 66 2.74 2.26 -3.90
CA VAL A 66 3.59 1.70 -2.88
C VAL A 66 4.06 0.32 -3.36
N THR A 67 5.34 0.02 -3.17
CA THR A 67 5.91 -1.32 -3.28
C THR A 67 6.75 -1.59 -2.02
N PHE A 68 6.27 -2.50 -1.16
CA PHE A 68 7.02 -3.08 -0.03
C PHE A 68 8.05 -4.07 -0.57
N PRO A 69 9.07 -4.46 0.20
CA PRO A 69 9.92 -5.57 -0.19
C PRO A 69 9.27 -6.89 0.21
N LYS A 70 9.95 -7.97 -0.17
CA LYS A 70 9.56 -9.35 0.12
C LYS A 70 10.09 -9.71 1.50
N GLY A 71 9.36 -9.33 2.54
CA GLY A 71 9.72 -9.58 3.92
C GLY A 71 9.74 -8.27 4.69
N LEU A 72 8.58 -7.84 5.20
CA LEU A 72 8.46 -6.67 6.07
C LEU A 72 7.33 -6.84 7.08
N ARG A 73 7.64 -7.14 8.33
CA ARG A 73 6.76 -6.85 9.47
C ARG A 73 6.77 -5.33 9.72
N CYS A 74 5.61 -4.68 9.76
CA CYS A 74 5.43 -3.32 10.27
C CYS A 74 3.98 -3.17 10.77
N ARG A 75 3.65 -2.07 11.44
CA ARG A 75 2.28 -1.74 11.81
C ARG A 75 1.52 -1.14 10.64
N TRP A 76 0.19 -1.21 10.71
CA TRP A 76 -0.72 -0.71 9.70
C TRP A 76 -1.90 -0.04 10.42
N LYS A 77 -2.05 1.26 10.22
CA LYS A 77 -3.02 2.11 10.91
C LYS A 77 -3.89 2.75 9.84
N VAL A 78 -5.10 2.25 9.65
CA VAL A 78 -6.05 2.72 8.67
C VAL A 78 -6.68 3.95 9.29
N LEU A 79 -6.28 5.12 8.80
CA LEU A 79 -6.83 6.38 9.29
C LEU A 79 -8.16 6.62 8.58
N GLU A 80 -8.36 6.10 7.36
CA GLU A 80 -9.63 6.09 6.63
C GLU A 80 -9.67 4.87 5.69
N PRO A 81 -10.86 4.33 5.32
CA PRO A 81 -10.98 3.01 4.73
C PRO A 81 -10.30 2.95 3.36
N VAL A 82 -9.14 2.28 3.29
CA VAL A 82 -8.25 2.38 2.15
C VAL A 82 -8.54 1.26 1.14
N ARG A 83 -9.06 1.63 -0.02
CA ARG A 83 -9.57 0.69 -1.02
C ARG A 83 -8.51 0.36 -2.06
N LYS A 84 -7.26 0.13 -1.64
CA LYS A 84 -6.18 -0.11 -2.59
C LYS A 84 -6.47 -1.33 -3.47
N HIS A 85 -6.01 -1.28 -4.71
CA HIS A 85 -5.74 -2.47 -5.51
C HIS A 85 -4.41 -3.04 -5.02
N TYR A 86 -4.20 -4.35 -5.08
CA TYR A 86 -2.91 -4.98 -4.79
C TYR A 86 -2.62 -6.11 -5.78
N ASN A 87 -1.35 -6.48 -5.98
CA ASN A 87 -0.95 -7.59 -6.84
C ASN A 87 0.25 -8.31 -6.22
N LEU A 88 0.21 -9.64 -6.14
CA LEU A 88 1.32 -10.46 -5.64
C LEU A 88 2.17 -10.90 -6.83
N PHE A 89 3.49 -10.72 -6.78
CA PHE A 89 4.41 -11.04 -7.86
C PHE A 89 5.83 -11.23 -7.31
N MET A 1 13.17 -5.25 -2.60
CA MET A 1 13.35 -3.79 -2.66
C MET A 1 12.73 -3.18 -1.42
N GLU A 2 13.48 -2.33 -0.71
CA GLU A 2 13.02 -1.63 0.49
C GLU A 2 11.72 -0.87 0.19
N VAL A 3 10.86 -0.67 1.18
CA VAL A 3 9.54 -0.06 1.00
C VAL A 3 9.69 1.30 0.30
N LYS A 4 9.22 1.34 -0.95
CA LYS A 4 9.32 2.49 -1.85
C LYS A 4 7.92 3.06 -2.01
N ILE A 5 7.85 4.36 -2.19
CA ILE A 5 6.63 5.10 -2.43
C ILE A 5 7.01 6.12 -3.51
N GLU A 6 6.13 6.35 -4.47
CA GLU A 6 6.23 7.46 -5.40
C GLU A 6 4.84 7.82 -5.93
N LYS A 7 4.76 8.81 -6.83
CA LYS A 7 3.50 9.33 -7.34
C LYS A 7 3.51 9.13 -8.87
N PRO A 8 3.20 7.93 -9.37
CA PRO A 8 3.37 7.60 -10.78
C PRO A 8 2.34 8.31 -11.66
N THR A 9 2.54 8.28 -12.97
CA THR A 9 1.54 8.74 -13.91
C THR A 9 0.30 7.83 -13.85
N PRO A 10 -0.92 8.38 -14.03
CA PRO A 10 -2.13 7.58 -14.21
C PRO A 10 -2.13 6.80 -15.52
N GLU A 11 -1.14 6.99 -16.39
CA GLU A 11 -1.06 6.31 -17.69
C GLU A 11 -0.35 4.96 -17.55
N LYS A 12 0.85 4.93 -16.95
CA LYS A 12 1.58 3.71 -16.62
C LYS A 12 0.67 2.73 -15.88
N LEU A 13 -0.08 3.24 -14.90
CA LEU A 13 -1.03 2.49 -14.11
C LEU A 13 -2.06 1.75 -14.97
N LYS A 14 -2.47 2.31 -16.12
CA LYS A 14 -3.39 1.64 -17.03
C LYS A 14 -2.72 0.38 -17.56
N GLU A 15 -1.50 0.53 -18.08
CA GLU A 15 -0.74 -0.52 -18.78
C GLU A 15 -0.58 -1.72 -17.88
N LEU A 16 -0.14 -1.42 -16.66
CA LEU A 16 0.13 -2.35 -15.58
C LEU A 16 -1.11 -3.18 -15.22
N SER A 17 -2.28 -2.82 -15.74
CA SER A 17 -3.54 -3.54 -15.63
C SER A 17 -3.98 -3.64 -14.17
N VAL A 18 -3.64 -2.61 -13.39
CA VAL A 18 -4.00 -2.42 -11.99
C VAL A 18 -5.51 -2.60 -11.80
N GLU A 19 -6.34 -2.11 -12.73
CA GLU A 19 -7.78 -2.27 -12.65
C GLU A 19 -8.23 -3.74 -12.57
N LYS A 20 -7.38 -4.70 -12.98
CA LYS A 20 -7.70 -6.13 -12.96
C LYS A 20 -7.25 -6.77 -11.65
N TRP A 21 -6.25 -6.19 -10.99
CA TRP A 21 -5.63 -6.76 -9.80
C TRP A 21 -6.69 -6.90 -8.68
N PRO A 22 -6.49 -7.78 -7.67
CA PRO A 22 -7.51 -8.00 -6.65
C PRO A 22 -7.69 -6.79 -5.75
N ILE A 23 -8.88 -6.20 -5.75
CA ILE A 23 -9.17 -5.10 -4.84
C ILE A 23 -9.02 -5.63 -3.41
N TRP A 24 -8.54 -4.77 -2.52
CA TRP A 24 -8.61 -5.01 -1.10
C TRP A 24 -9.12 -3.73 -0.44
N GLU A 25 -10.02 -3.91 0.52
CA GLU A 25 -10.73 -2.90 1.30
C GLU A 25 -10.73 -3.33 2.76
N LYS A 26 -10.90 -2.39 3.68
CA LYS A 26 -10.86 -2.67 5.10
C LYS A 26 -11.68 -1.65 5.86
N GLU A 27 -11.95 -1.96 7.12
CA GLU A 27 -12.50 -1.02 8.08
C GLU A 27 -11.47 0.04 8.42
N VAL A 28 -11.95 0.99 9.23
CA VAL A 28 -11.16 2.08 9.77
C VAL A 28 -10.35 1.66 11.02
N SER A 29 -10.55 0.44 11.53
CA SER A 29 -9.71 -0.02 12.62
C SER A 29 -8.34 -0.35 12.12
N GLU A 30 -7.43 -0.20 13.06
CA GLU A 30 -6.02 -0.44 13.02
C GLU A 30 -5.74 -1.91 13.29
N PHE A 31 -4.49 -2.30 13.04
CA PHE A 31 -3.89 -3.61 13.27
C PHE A 31 -2.37 -3.45 13.06
N ASP A 32 -1.64 -4.54 12.90
CA ASP A 32 -0.33 -4.58 12.25
C ASP A 32 -0.42 -5.55 11.09
N TRP A 33 0.53 -5.53 10.16
CA TRP A 33 0.50 -6.30 8.92
C TRP A 33 1.86 -6.96 8.67
N TYR A 34 1.93 -7.88 7.71
CA TYR A 34 3.16 -8.55 7.27
C TYR A 34 3.15 -8.58 5.74
N TYR A 35 4.32 -8.63 5.11
CA TYR A 35 4.49 -8.87 3.68
C TYR A 35 5.59 -9.91 3.54
N ASP A 36 5.34 -11.07 2.92
CA ASP A 36 6.39 -12.01 2.53
C ASP A 36 6.33 -12.33 1.03
N THR A 37 5.81 -11.40 0.23
CA THR A 37 6.19 -11.25 -1.17
C THR A 37 6.09 -9.79 -1.55
N ASN A 38 6.55 -9.47 -2.75
CA ASN A 38 6.71 -8.10 -3.23
C ASN A 38 5.32 -7.56 -3.45
N GLU A 39 4.87 -6.65 -2.59
CA GLU A 39 3.50 -6.17 -2.64
C GLU A 39 3.53 -4.75 -3.18
N THR A 40 3.26 -4.59 -4.48
CA THR A 40 2.88 -3.30 -5.02
C THR A 40 1.49 -2.95 -4.47
N CYS A 41 1.18 -1.67 -4.25
CA CYS A 41 -0.19 -1.21 -4.29
C CYS A 41 -0.31 0.20 -4.83
N TYR A 42 -1.50 0.56 -5.30
CA TYR A 42 -1.88 1.88 -5.79
C TYR A 42 -3.10 2.34 -5.03
N ILE A 43 -3.03 3.53 -4.44
CA ILE A 43 -4.02 4.00 -3.48
C ILE A 43 -4.96 4.99 -4.19
N LEU A 44 -6.22 4.58 -4.36
CA LEU A 44 -7.25 5.38 -5.02
C LEU A 44 -8.06 6.20 -4.02
N GLU A 45 -8.19 5.72 -2.78
CA GLU A 45 -8.98 6.38 -1.75
C GLU A 45 -8.52 5.87 -0.38
N GLY A 46 -8.94 6.57 0.67
CA GLY A 46 -8.57 6.28 2.04
C GLY A 46 -7.21 6.87 2.44
N LYS A 47 -6.80 6.63 3.69
CA LYS A 47 -5.55 7.13 4.28
C LYS A 47 -5.07 6.09 5.28
N VAL A 48 -3.76 5.91 5.35
CA VAL A 48 -3.11 5.01 6.30
C VAL A 48 -1.85 5.75 6.80
N GLU A 49 -1.44 5.49 8.04
CA GLU A 49 -0.16 5.83 8.65
C GLU A 49 0.46 4.45 8.98
N VAL A 50 1.21 3.86 8.04
CA VAL A 50 1.97 2.62 8.28
C VAL A 50 3.19 2.99 9.12
N THR A 51 3.66 2.16 10.04
CA THR A 51 4.78 2.49 10.94
C THR A 51 5.59 1.24 11.23
N THR A 52 6.85 1.19 10.79
CA THR A 52 7.75 0.07 11.07
C THR A 52 8.02 0.02 12.59
N GLU A 53 8.52 -1.11 13.11
CA GLU A 53 8.88 -1.17 14.51
C GLU A 53 10.15 -0.36 14.78
N ASP A 54 10.97 -0.11 13.75
CA ASP A 54 12.06 0.88 13.72
C ASP A 54 11.52 2.29 13.47
N GLY A 55 10.25 2.54 13.76
CA GLY A 55 9.64 3.86 13.87
C GLY A 55 9.43 4.59 12.56
N LYS A 56 9.91 4.08 11.42
CA LYS A 56 9.78 4.76 10.13
C LYS A 56 8.32 4.77 9.76
N LYS A 57 7.74 5.96 9.80
CA LYS A 57 6.36 6.20 9.46
C LYS A 57 6.28 6.42 7.97
N TYR A 58 5.31 5.76 7.38
CA TYR A 58 4.86 5.96 6.04
C TYR A 58 3.36 6.09 6.05
N VAL A 59 2.96 7.32 6.30
CA VAL A 59 1.75 7.87 5.73
C VAL A 59 1.86 7.79 4.21
N ILE A 60 0.76 7.38 3.63
CA ILE A 60 0.46 7.32 2.22
C ILE A 60 -0.96 7.80 2.17
N GLU A 61 -1.27 8.71 1.27
CA GLU A 61 -2.61 9.13 0.98
C GLU A 61 -3.18 8.25 -0.12
N LYS A 62 -4.39 8.59 -0.52
CA LYS A 62 -4.82 8.40 -1.88
C LYS A 62 -3.99 9.34 -2.74
N GLY A 63 -3.35 8.76 -3.75
CA GLY A 63 -2.43 9.44 -4.66
C GLY A 63 -1.00 8.91 -4.62
N ASP A 64 -0.77 7.73 -4.03
CA ASP A 64 0.54 7.10 -3.89
C ASP A 64 0.50 5.75 -4.61
N LEU A 65 1.64 5.31 -5.14
CA LEU A 65 1.96 3.93 -5.43
C LEU A 65 3.03 3.52 -4.42
N VAL A 66 3.00 2.27 -3.97
CA VAL A 66 3.94 1.71 -3.02
C VAL A 66 4.43 0.39 -3.60
N THR A 67 5.63 -0.03 -3.21
CA THR A 67 6.11 -1.39 -3.33
C THR A 67 6.79 -1.74 -2.00
N PHE A 68 6.16 -2.61 -1.19
CA PHE A 68 6.76 -3.20 -0.01
C PHE A 68 7.69 -4.35 -0.44
N PRO A 69 8.73 -4.68 0.35
CA PRO A 69 9.56 -5.85 0.06
C PRO A 69 8.82 -7.14 0.37
N LYS A 70 9.49 -8.19 -0.05
CA LYS A 70 9.31 -9.56 0.39
C LYS A 70 10.01 -9.68 1.74
N GLY A 71 9.24 -9.75 2.83
CA GLY A 71 9.72 -10.03 4.18
C GLY A 71 9.83 -8.76 5.01
N LEU A 72 8.71 -8.14 5.40
CA LEU A 72 8.62 -6.95 6.26
C LEU A 72 7.44 -7.11 7.21
N ARG A 73 7.53 -6.50 8.39
CA ARG A 73 6.49 -6.45 9.43
C ARG A 73 6.39 -5.01 9.92
N CYS A 74 5.18 -4.48 10.06
CA CYS A 74 4.95 -3.14 10.60
C CYS A 74 3.53 -2.97 11.12
N ARG A 75 3.30 -1.91 11.90
CA ARG A 75 1.96 -1.46 12.25
C ARG A 75 1.20 -0.94 11.05
N TRP A 76 -0.11 -0.82 11.22
CA TRP A 76 -1.04 -0.33 10.22
C TRP A 76 -2.13 0.48 10.92
N LYS A 77 -2.11 1.81 10.86
CA LYS A 77 -3.24 2.64 11.31
C LYS A 77 -4.00 3.08 10.08
N VAL A 78 -5.21 2.58 9.91
CA VAL A 78 -6.14 3.09 8.92
C VAL A 78 -6.68 4.36 9.57
N LEU A 79 -6.59 5.47 8.84
CA LEU A 79 -7.30 6.70 9.22
C LEU A 79 -8.53 6.92 8.36
N GLU A 80 -8.66 6.24 7.22
CA GLU A 80 -9.90 6.27 6.44
C GLU A 80 -10.08 4.91 5.73
N PRO A 81 -11.32 4.40 5.58
CA PRO A 81 -11.59 3.08 5.03
C PRO A 81 -11.10 2.96 3.58
N VAL A 82 -9.94 2.34 3.43
CA VAL A 82 -9.18 2.30 2.20
C VAL A 82 -9.87 1.44 1.14
N ARG A 83 -9.55 1.72 -0.12
CA ARG A 83 -9.73 0.84 -1.25
C ARG A 83 -8.47 1.05 -2.08
N LYS A 84 -7.59 0.04 -2.14
CA LYS A 84 -6.35 0.13 -2.90
C LYS A 84 -6.24 -1.12 -3.73
N HIS A 85 -5.64 -0.97 -4.89
CA HIS A 85 -5.33 -2.07 -5.77
C HIS A 85 -3.93 -2.54 -5.37
N TYR A 86 -3.81 -3.63 -4.59
CA TYR A 86 -2.53 -4.28 -4.32
C TYR A 86 -2.26 -5.36 -5.36
N ASN A 87 -1.00 -5.76 -5.54
CA ASN A 87 -0.72 -7.05 -6.17
C ASN A 87 0.63 -7.57 -5.71
N LEU A 88 0.70 -8.88 -5.48
CA LEU A 88 1.92 -9.58 -5.13
C LEU A 88 2.68 -9.92 -6.41
N PHE A 89 3.95 -10.31 -6.29
CA PHE A 89 4.73 -10.99 -7.33
C PHE A 89 5.85 -11.77 -6.66
N MET A 1 15.69 -4.03 0.06
CA MET A 1 14.95 -4.70 1.14
C MET A 1 14.37 -3.63 2.04
N GLU A 2 13.68 -2.65 1.46
CA GLU A 2 13.08 -1.54 2.17
C GLU A 2 11.88 -1.02 1.35
N VAL A 3 11.10 -0.09 1.89
CA VAL A 3 9.84 0.34 1.29
C VAL A 3 10.11 1.28 0.12
N LYS A 4 9.39 1.10 -0.99
CA LYS A 4 9.45 1.95 -2.17
C LYS A 4 8.10 2.63 -2.34
N ILE A 5 7.93 3.81 -1.76
CA ILE A 5 6.80 4.69 -2.05
C ILE A 5 7.17 5.56 -3.24
N GLU A 6 6.21 5.76 -4.13
CA GLU A 6 6.29 6.84 -5.12
C GLU A 6 4.90 7.27 -5.57
N LYS A 7 4.79 8.36 -6.35
CA LYS A 7 3.50 8.88 -6.82
C LYS A 7 3.50 9.06 -8.35
N PRO A 8 3.37 7.95 -9.11
CA PRO A 8 3.49 7.92 -10.57
C PRO A 8 2.34 8.64 -11.31
N THR A 9 2.46 8.78 -12.64
CA THR A 9 1.41 9.32 -13.51
C THR A 9 0.21 8.36 -13.53
N PRO A 10 -1.03 8.87 -13.60
CA PRO A 10 -2.20 8.02 -13.71
C PRO A 10 -2.25 7.24 -15.03
N GLU A 11 -1.62 7.76 -16.08
CA GLU A 11 -1.64 7.15 -17.41
C GLU A 11 -1.02 5.76 -17.34
N LYS A 12 0.21 5.65 -16.83
CA LYS A 12 0.91 4.38 -16.63
C LYS A 12 0.06 3.40 -15.82
N LEU A 13 -0.66 3.90 -14.82
CA LEU A 13 -1.44 3.05 -13.91
C LEU A 13 -2.68 2.46 -14.59
N LYS A 14 -3.19 3.04 -15.68
CA LYS A 14 -4.16 2.32 -16.48
C LYS A 14 -3.48 1.10 -17.09
N GLU A 15 -2.31 1.29 -17.71
CA GLU A 15 -1.68 0.29 -18.56
C GLU A 15 -1.25 -0.94 -17.77
N LEU A 16 -0.77 -0.73 -16.54
CA LEU A 16 -0.42 -1.76 -15.57
C LEU A 16 -1.59 -2.72 -15.27
N SER A 17 -2.79 -2.35 -15.71
CA SER A 17 -4.01 -3.15 -15.68
C SER A 17 -4.40 -3.45 -14.23
N VAL A 18 -4.23 -2.44 -13.38
CA VAL A 18 -4.62 -2.36 -11.98
C VAL A 18 -6.10 -2.70 -11.83
N GLU A 19 -6.96 -2.30 -12.77
CA GLU A 19 -8.37 -2.70 -12.77
C GLU A 19 -8.58 -4.23 -12.87
N LYS A 20 -7.52 -4.99 -13.19
CA LYS A 20 -7.51 -6.45 -13.27
C LYS A 20 -6.84 -7.10 -12.06
N TRP A 21 -6.30 -6.29 -11.16
CA TRP A 21 -5.70 -6.75 -9.92
C TRP A 21 -6.82 -7.03 -8.91
N PRO A 22 -6.55 -7.74 -7.81
CA PRO A 22 -7.52 -7.86 -6.74
C PRO A 22 -7.72 -6.52 -6.00
N ILE A 23 -8.99 -6.20 -5.73
CA ILE A 23 -9.36 -5.14 -4.79
C ILE A 23 -9.16 -5.70 -3.37
N TRP A 24 -8.83 -4.81 -2.42
CA TRP A 24 -8.90 -5.07 -0.99
C TRP A 24 -9.28 -3.76 -0.29
N GLU A 25 -10.00 -3.85 0.82
CA GLU A 25 -10.52 -2.75 1.62
C GLU A 25 -10.34 -3.07 3.12
N LYS A 26 -10.43 -2.08 4.02
CA LYS A 26 -10.49 -2.32 5.46
C LYS A 26 -11.37 -1.28 6.16
N GLU A 27 -11.84 -1.64 7.37
CA GLU A 27 -12.40 -0.74 8.36
C GLU A 27 -11.36 0.29 8.81
N VAL A 28 -11.82 1.23 9.62
CA VAL A 28 -11.08 2.41 10.08
C VAL A 28 -10.34 2.08 11.39
N SER A 29 -9.88 0.84 11.56
CA SER A 29 -9.13 0.39 12.74
C SER A 29 -7.66 0.19 12.37
N GLU A 30 -6.86 -0.24 13.34
CA GLU A 30 -5.41 -0.32 13.24
C GLU A 30 -4.96 -1.75 13.56
N PHE A 31 -3.92 -2.21 12.88
CA PHE A 31 -3.42 -3.58 12.96
C PHE A 31 -1.95 -3.61 12.54
N ASP A 32 -1.41 -4.80 12.26
CA ASP A 32 -0.08 -5.02 11.70
C ASP A 32 -0.18 -5.99 10.54
N TRP A 33 0.71 -5.86 9.57
CA TRP A 33 0.77 -6.75 8.42
C TRP A 33 2.20 -7.20 8.14
N TYR A 34 2.36 -8.46 7.74
CA TYR A 34 3.63 -9.00 7.29
C TYR A 34 3.58 -9.17 5.79
N TYR A 35 4.53 -8.60 5.04
CA TYR A 35 4.73 -8.89 3.62
C TYR A 35 5.94 -9.81 3.50
N ASP A 36 5.76 -11.10 3.21
CA ASP A 36 6.88 -12.03 2.98
C ASP A 36 7.07 -12.34 1.50
N THR A 37 6.50 -11.50 0.62
CA THR A 37 6.80 -11.44 -0.80
C THR A 37 6.55 -10.03 -1.32
N ASN A 38 7.02 -9.79 -2.54
CA ASN A 38 6.95 -8.53 -3.26
C ASN A 38 5.49 -8.20 -3.46
N GLU A 39 5.05 -7.02 -3.03
CA GLU A 39 3.67 -6.63 -3.15
C GLU A 39 3.65 -5.15 -3.52
N THR A 40 3.27 -4.85 -4.76
CA THR A 40 2.88 -3.50 -5.14
C THR A 40 1.46 -3.30 -4.62
N CYS A 41 1.12 -2.07 -4.26
CA CYS A 41 -0.25 -1.65 -4.21
C CYS A 41 -0.33 -0.20 -4.67
N TYR A 42 -1.44 0.13 -5.32
CA TYR A 42 -1.77 1.47 -5.71
C TYR A 42 -2.92 1.91 -4.83
N ILE A 43 -2.78 3.06 -4.19
CA ILE A 43 -3.79 3.67 -3.35
C ILE A 43 -4.66 4.58 -4.24
N LEU A 44 -5.98 4.46 -4.20
CA LEU A 44 -6.95 5.22 -4.97
C LEU A 44 -7.74 6.21 -4.14
N GLU A 45 -8.09 5.87 -2.89
CA GLU A 45 -8.78 6.72 -1.93
C GLU A 45 -8.66 6.11 -0.53
N GLY A 46 -8.86 6.90 0.54
CA GLY A 46 -8.67 6.49 1.94
C GLY A 46 -7.59 7.34 2.63
N LYS A 47 -7.06 6.89 3.77
CA LYS A 47 -5.75 7.31 4.27
C LYS A 47 -5.17 6.17 5.10
N VAL A 48 -3.85 5.99 5.06
CA VAL A 48 -3.12 5.01 5.86
C VAL A 48 -1.89 5.72 6.43
N GLU A 49 -1.42 5.32 7.60
CA GLU A 49 -0.06 5.49 8.10
C GLU A 49 0.48 4.08 8.32
N VAL A 50 1.76 3.85 8.04
CA VAL A 50 2.45 2.58 8.27
C VAL A 50 3.61 2.88 9.23
N THR A 51 3.42 2.65 10.53
CA THR A 51 4.48 2.80 11.52
C THR A 51 5.34 1.53 11.41
N THR A 52 6.52 1.65 10.83
CA THR A 52 7.43 0.53 10.72
C THR A 52 8.14 0.33 12.06
N GLU A 53 8.90 -0.76 12.22
CA GLU A 53 9.57 -1.02 13.49
C GLU A 53 10.54 0.11 13.88
N ASP A 54 11.14 0.73 12.86
CA ASP A 54 12.08 1.84 12.94
C ASP A 54 11.44 3.10 13.52
N GLY A 55 10.10 3.15 13.57
CA GLY A 55 9.34 4.28 14.06
C GLY A 55 9.06 5.34 13.02
N LYS A 56 9.58 5.18 11.79
CA LYS A 56 9.14 5.92 10.62
C LYS A 56 7.66 5.60 10.43
N LYS A 57 6.87 6.58 10.02
CA LYS A 57 5.44 6.47 9.85
C LYS A 57 5.10 6.90 8.45
N TYR A 58 5.04 5.91 7.57
CA TYR A 58 4.81 6.13 6.16
C TYR A 58 3.34 6.14 5.90
N VAL A 59 2.81 7.33 6.06
CA VAL A 59 1.67 7.80 5.33
C VAL A 59 1.90 7.69 3.82
N ILE A 60 0.80 7.36 3.16
CA ILE A 60 0.59 7.23 1.74
C ILE A 60 -0.84 7.73 1.53
N GLU A 61 -1.07 8.52 0.49
CA GLU A 61 -2.35 9.10 0.13
C GLU A 61 -2.88 8.42 -1.13
N LYS A 62 -4.03 8.91 -1.60
CA LYS A 62 -4.87 8.44 -2.71
C LYS A 62 -4.25 8.52 -4.11
N GLY A 63 -2.99 8.14 -4.23
CA GLY A 63 -2.30 7.93 -5.49
C GLY A 63 -0.85 7.48 -5.33
N ASP A 64 -0.42 7.09 -4.13
CA ASP A 64 0.93 6.56 -3.94
C ASP A 64 0.92 5.13 -4.50
N LEU A 65 1.90 4.79 -5.35
CA LEU A 65 2.25 3.44 -5.73
C LEU A 65 3.44 3.00 -4.89
N VAL A 66 3.14 2.39 -3.76
CA VAL A 66 3.94 1.43 -3.04
C VAL A 66 4.32 0.10 -3.68
N THR A 67 5.52 -0.35 -3.32
CA THR A 67 6.04 -1.69 -3.44
C THR A 67 6.73 -1.99 -2.12
N PHE A 68 6.29 -3.04 -1.44
CA PHE A 68 6.97 -3.57 -0.26
C PHE A 68 7.92 -4.67 -0.73
N PRO A 69 9.05 -4.84 -0.04
CA PRO A 69 10.03 -5.86 -0.36
C PRO A 69 9.56 -7.22 0.14
N LYS A 70 10.38 -8.24 -0.11
CA LYS A 70 10.10 -9.60 0.34
C LYS A 70 10.63 -9.73 1.77
N GLY A 71 9.77 -9.51 2.77
CA GLY A 71 10.10 -9.59 4.18
C GLY A 71 9.97 -8.21 4.82
N LEU A 72 8.80 -7.88 5.39
CA LEU A 72 8.55 -6.64 6.12
C LEU A 72 7.47 -6.90 7.18
N ARG A 73 7.66 -6.45 8.43
CA ARG A 73 6.74 -6.73 9.55
C ARG A 73 6.37 -5.44 10.28
N CYS A 74 5.40 -4.70 9.76
CA CYS A 74 5.11 -3.35 10.21
C CYS A 74 3.63 -3.07 10.35
N ARG A 75 3.32 -2.11 11.21
CA ARG A 75 1.97 -1.78 11.57
C ARG A 75 1.28 -1.10 10.39
N TRP A 76 -0.04 -1.24 10.33
CA TRP A 76 -0.90 -0.69 9.29
C TRP A 76 -2.06 0.00 9.99
N LYS A 77 -2.11 1.33 9.93
CA LYS A 77 -3.12 2.14 10.59
C LYS A 77 -4.04 2.70 9.53
N VAL A 78 -5.28 2.20 9.45
CA VAL A 78 -6.27 2.69 8.52
C VAL A 78 -6.94 3.86 9.21
N LEU A 79 -6.56 5.07 8.81
CA LEU A 79 -7.20 6.26 9.35
C LEU A 79 -8.49 6.56 8.60
N GLU A 80 -8.63 6.07 7.36
CA GLU A 80 -9.86 6.16 6.58
C GLU A 80 -9.89 4.98 5.60
N PRO A 81 -11.09 4.51 5.19
CA PRO A 81 -11.32 3.16 4.66
C PRO A 81 -10.75 3.00 3.25
N VAL A 82 -9.47 2.65 3.19
CA VAL A 82 -8.70 2.61 1.96
C VAL A 82 -9.16 1.43 1.12
N ARG A 83 -9.26 1.63 -0.20
CA ARG A 83 -9.67 0.56 -1.12
C ARG A 83 -8.56 0.32 -2.15
N LYS A 84 -7.36 -0.04 -1.72
CA LYS A 84 -6.22 -0.12 -2.64
C LYS A 84 -6.40 -1.31 -3.58
N HIS A 85 -5.67 -1.30 -4.68
CA HIS A 85 -5.48 -2.44 -5.58
C HIS A 85 -4.10 -2.98 -5.21
N TYR A 86 -3.97 -4.27 -4.87
CA TYR A 86 -2.69 -4.90 -4.53
C TYR A 86 -2.36 -5.96 -5.58
N ASN A 87 -1.09 -6.37 -5.69
CA ASN A 87 -0.71 -7.48 -6.57
C ASN A 87 0.52 -8.17 -5.99
N LEU A 88 0.45 -9.49 -5.82
CA LEU A 88 1.52 -10.37 -5.32
C LEU A 88 2.37 -10.80 -6.52
N PHE A 89 3.71 -10.85 -6.40
CA PHE A 89 4.61 -11.27 -7.48
C PHE A 89 6.02 -11.51 -6.95
N MET A 1 15.54 -2.02 1.26
CA MET A 1 14.66 -2.13 2.43
C MET A 1 14.40 -0.74 3.01
N GLU A 2 13.46 0.00 2.41
CA GLU A 2 13.14 1.37 2.81
C GLU A 2 11.75 1.88 2.36
N VAL A 3 10.94 0.93 1.92
CA VAL A 3 9.61 0.97 1.30
C VAL A 3 9.55 1.99 0.15
N LYS A 4 9.47 1.50 -1.10
CA LYS A 4 9.34 2.39 -2.26
C LYS A 4 7.98 3.07 -2.17
N ILE A 5 7.93 4.38 -2.33
CA ILE A 5 6.70 5.17 -2.41
C ILE A 5 6.99 6.27 -3.41
N GLU A 6 6.07 6.51 -4.34
CA GLU A 6 6.15 7.64 -5.26
C GLU A 6 4.77 7.95 -5.83
N LYS A 7 4.64 9.03 -6.59
CA LYS A 7 3.42 9.44 -7.27
C LYS A 7 3.59 9.25 -8.78
N PRO A 8 3.36 8.06 -9.33
CA PRO A 8 3.57 7.77 -10.74
C PRO A 8 2.54 8.46 -11.65
N THR A 9 2.81 8.40 -12.95
CA THR A 9 1.92 8.89 -14.01
C THR A 9 0.67 7.99 -14.12
N PRO A 10 -0.49 8.54 -14.53
CA PRO A 10 -1.68 7.77 -14.81
C PRO A 10 -1.51 6.78 -15.97
N GLU A 11 -0.68 7.09 -16.97
CA GLU A 11 -0.58 6.30 -18.20
C GLU A 11 -0.09 4.90 -17.89
N LYS A 12 1.05 4.83 -17.20
CA LYS A 12 1.71 3.59 -16.81
C LYS A 12 0.72 2.72 -16.04
N LEU A 13 0.03 3.31 -15.07
CA LEU A 13 -0.96 2.63 -14.25
C LEU A 13 -2.08 2.02 -15.09
N LYS A 14 -2.56 2.73 -16.12
CA LYS A 14 -3.53 2.14 -17.02
C LYS A 14 -2.94 0.91 -17.70
N GLU A 15 -1.71 0.98 -18.21
CA GLU A 15 -1.09 -0.17 -18.92
C GLU A 15 -1.01 -1.38 -17.98
N LEU A 16 -0.56 -1.12 -16.75
CA LEU A 16 -0.39 -2.09 -15.66
C LEU A 16 -1.69 -2.82 -15.31
N SER A 17 -2.84 -2.36 -15.82
CA SER A 17 -4.13 -3.05 -15.79
C SER A 17 -4.64 -3.25 -14.37
N VAL A 18 -4.45 -2.24 -13.53
CA VAL A 18 -4.83 -2.19 -12.13
C VAL A 18 -6.33 -2.42 -11.92
N GLU A 19 -7.17 -2.10 -12.90
CA GLU A 19 -8.60 -2.46 -12.85
C GLU A 19 -8.84 -3.98 -12.80
N LYS A 20 -7.87 -4.80 -13.21
CA LYS A 20 -7.92 -6.26 -13.17
C LYS A 20 -7.19 -6.80 -11.94
N TRP A 21 -6.71 -5.94 -11.06
CA TRP A 21 -6.05 -6.36 -9.83
C TRP A 21 -7.13 -6.53 -8.75
N PRO A 22 -6.86 -7.27 -7.68
CA PRO A 22 -7.82 -7.44 -6.59
C PRO A 22 -8.03 -6.15 -5.79
N ILE A 23 -9.29 -5.82 -5.53
CA ILE A 23 -9.70 -4.81 -4.55
C ILE A 23 -9.50 -5.34 -3.13
N TRP A 24 -9.17 -4.43 -2.22
CA TRP A 24 -9.16 -4.66 -0.79
C TRP A 24 -9.62 -3.37 -0.11
N GLU A 25 -10.70 -3.45 0.66
CA GLU A 25 -11.14 -2.45 1.65
C GLU A 25 -10.68 -2.87 3.05
N LYS A 26 -10.78 -1.97 4.06
CA LYS A 26 -10.62 -2.32 5.47
C LYS A 26 -11.41 -1.36 6.36
N GLU A 27 -11.60 -1.75 7.62
CA GLU A 27 -12.21 -0.98 8.70
C GLU A 27 -11.23 0.06 9.20
N VAL A 28 -11.72 0.92 10.06
CA VAL A 28 -11.08 2.18 10.44
C VAL A 28 -10.39 1.94 11.79
N SER A 29 -9.47 0.98 11.78
CA SER A 29 -8.85 0.40 12.96
C SER A 29 -7.34 0.34 12.78
N GLU A 30 -6.61 -0.20 13.75
CA GLU A 30 -5.17 -0.44 13.66
C GLU A 30 -4.90 -1.92 13.88
N PHE A 31 -3.83 -2.42 13.28
CA PHE A 31 -3.40 -3.81 13.31
C PHE A 31 -1.95 -3.84 12.86
N ASP A 32 -1.43 -5.01 12.50
CA ASP A 32 -0.10 -5.17 11.93
C ASP A 32 -0.20 -6.04 10.69
N TRP A 33 0.75 -5.86 9.77
CA TRP A 33 0.81 -6.64 8.54
C TRP A 33 2.26 -6.93 8.16
N TYR A 34 2.47 -8.04 7.46
CA TYR A 34 3.79 -8.51 7.05
C TYR A 34 3.79 -8.70 5.54
N TYR A 35 4.95 -8.59 4.91
CA TYR A 35 5.15 -8.82 3.49
C TYR A 35 6.22 -9.89 3.35
N ASP A 36 5.83 -11.12 3.03
CA ASP A 36 6.72 -12.25 2.78
C ASP A 36 6.81 -12.56 1.29
N THR A 37 6.34 -11.64 0.43
CA THR A 37 6.56 -11.49 -1.02
C THR A 37 6.44 -10.02 -1.39
N ASN A 38 6.80 -9.67 -2.63
CA ASN A 38 6.68 -8.30 -3.12
C ASN A 38 5.19 -8.04 -3.24
N GLU A 39 4.74 -6.86 -2.82
CA GLU A 39 3.38 -6.42 -3.04
C GLU A 39 3.48 -4.99 -3.54
N THR A 40 2.90 -4.73 -4.72
CA THR A 40 2.65 -3.39 -5.22
C THR A 40 1.19 -3.10 -4.91
N CYS A 41 0.87 -1.89 -4.45
CA CYS A 41 -0.51 -1.45 -4.39
C CYS A 41 -0.60 0.00 -4.85
N TYR A 42 -1.74 0.33 -5.46
CA TYR A 42 -2.14 1.66 -5.84
C TYR A 42 -3.35 1.99 -4.95
N ILE A 43 -3.31 3.10 -4.24
CA ILE A 43 -4.23 3.60 -3.22
C ILE A 43 -5.20 4.55 -3.92
N LEU A 44 -6.51 4.32 -3.87
CA LEU A 44 -7.47 5.13 -4.59
C LEU A 44 -8.26 6.08 -3.72
N GLU A 45 -8.47 5.76 -2.44
CA GLU A 45 -9.16 6.60 -1.47
C GLU A 45 -8.86 6.07 -0.07
N GLY A 46 -9.00 6.92 0.94
CA GLY A 46 -8.71 6.62 2.35
C GLY A 46 -7.26 6.93 2.72
N LYS A 47 -6.89 6.72 3.98
CA LYS A 47 -5.60 7.14 4.53
C LYS A 47 -5.04 6.02 5.37
N VAL A 48 -3.74 5.80 5.25
CA VAL A 48 -3.01 4.79 6.01
C VAL A 48 -1.71 5.42 6.49
N GLU A 49 -1.25 5.03 7.67
CA GLU A 49 0.14 5.11 8.10
C GLU A 49 0.56 3.63 8.19
N VAL A 50 1.52 3.19 7.39
CA VAL A 50 2.24 1.95 7.58
C VAL A 50 3.46 2.30 8.43
N THR A 51 3.65 1.69 9.59
CA THR A 51 4.71 2.10 10.52
C THR A 51 5.59 0.90 10.81
N THR A 52 6.79 0.87 10.24
CA THR A 52 7.72 -0.25 10.41
C THR A 52 8.23 -0.23 11.86
N GLU A 53 8.95 -1.26 12.26
CA GLU A 53 9.45 -1.35 13.64
C GLU A 53 10.71 -0.51 13.86
N ASP A 54 11.33 0.02 12.79
CA ASP A 54 12.29 1.12 12.90
C ASP A 54 11.62 2.42 13.37
N GLY A 55 10.27 2.47 13.42
CA GLY A 55 9.49 3.63 13.81
C GLY A 55 9.13 4.52 12.62
N LYS A 56 9.74 4.25 11.45
CA LYS A 56 9.50 4.97 10.22
C LYS A 56 8.04 4.82 9.84
N LYS A 57 7.37 5.95 9.67
CA LYS A 57 5.99 6.05 9.30
C LYS A 57 5.91 6.34 7.81
N TYR A 58 5.14 5.54 7.12
CA TYR A 58 4.90 5.58 5.70
C TYR A 58 3.41 5.69 5.51
N VAL A 59 3.01 6.94 5.60
CA VAL A 59 1.76 7.45 5.13
C VAL A 59 1.77 7.51 3.61
N ILE A 60 0.59 7.32 3.07
CA ILE A 60 0.29 7.22 1.66
C ILE A 60 -1.12 7.79 1.47
N GLU A 61 -1.26 8.77 0.59
CA GLU A 61 -2.54 9.24 0.11
C GLU A 61 -2.98 8.41 -1.10
N LYS A 62 -4.17 8.74 -1.59
CA LYS A 62 -4.90 8.24 -2.75
C LYS A 62 -4.24 8.50 -4.11
N GLY A 63 -2.99 8.08 -4.24
CA GLY A 63 -2.18 8.16 -5.44
C GLY A 63 -0.73 7.73 -5.22
N ASP A 64 -0.27 7.61 -3.96
CA ASP A 64 1.08 7.13 -3.63
C ASP A 64 1.18 5.65 -3.98
N LEU A 65 1.80 5.28 -5.10
CA LEU A 65 2.02 3.88 -5.44
C LEU A 65 3.15 3.38 -4.54
N VAL A 66 3.05 2.15 -4.05
CA VAL A 66 4.00 1.56 -3.12
C VAL A 66 4.54 0.26 -3.71
N THR A 67 5.69 -0.18 -3.21
CA THR A 67 6.15 -1.54 -3.36
C THR A 67 6.84 -1.96 -2.05
N PHE A 68 6.20 -2.87 -1.31
CA PHE A 68 6.81 -3.54 -0.17
C PHE A 68 7.69 -4.68 -0.69
N PRO A 69 8.80 -5.03 0.00
CA PRO A 69 9.68 -6.10 -0.43
C PRO A 69 9.22 -7.46 0.11
N LYS A 70 9.97 -8.49 -0.26
CA LYS A 70 9.81 -9.87 0.21
C LYS A 70 10.60 -9.99 1.52
N GLY A 71 9.98 -9.59 2.62
CA GLY A 71 10.48 -9.69 3.99
C GLY A 71 10.37 -8.34 4.72
N LEU A 72 9.18 -7.97 5.21
CA LEU A 72 8.94 -6.76 6.01
C LEU A 72 7.82 -6.97 7.02
N ARG A 73 8.13 -6.88 8.33
CA ARG A 73 7.13 -6.66 9.39
C ARG A 73 6.86 -5.16 9.55
N CYS A 74 5.60 -4.75 9.63
CA CYS A 74 5.21 -3.42 10.06
C CYS A 74 3.83 -3.39 10.74
N ARG A 75 3.42 -2.20 11.19
CA ARG A 75 2.05 -1.91 11.64
C ARG A 75 1.28 -1.29 10.50
N TRP A 76 -0.04 -1.33 10.60
CA TRP A 76 -0.96 -0.69 9.69
C TRP A 76 -2.01 0.05 10.54
N LYS A 77 -2.09 1.38 10.46
CA LYS A 77 -3.21 2.15 11.04
C LYS A 77 -4.07 2.56 9.85
N VAL A 78 -5.29 2.02 9.73
CA VAL A 78 -6.26 2.48 8.75
C VAL A 78 -6.88 3.71 9.39
N LEU A 79 -6.27 4.85 9.07
CA LEU A 79 -6.72 6.11 9.62
C LEU A 79 -8.05 6.46 8.96
N GLU A 80 -8.25 6.11 7.69
CA GLU A 80 -9.53 6.22 7.00
C GLU A 80 -9.70 5.01 6.09
N PRO A 81 -10.93 4.51 5.88
CA PRO A 81 -11.22 3.20 5.29
C PRO A 81 -10.71 3.13 3.85
N VAL A 82 -9.51 2.59 3.72
CA VAL A 82 -8.74 2.67 2.50
C VAL A 82 -9.28 1.64 1.51
N ARG A 83 -9.23 1.97 0.22
CA ARG A 83 -9.49 1.04 -0.86
C ARG A 83 -8.30 1.14 -1.80
N LYS A 84 -7.54 0.05 -1.90
CA LYS A 84 -6.35 0.00 -2.76
C LYS A 84 -6.39 -1.26 -3.60
N HIS A 85 -5.99 -1.14 -4.85
CA HIS A 85 -5.79 -2.29 -5.72
C HIS A 85 -4.39 -2.80 -5.36
N TYR A 86 -4.26 -4.01 -4.81
CA TYR A 86 -2.95 -4.62 -4.53
C TYR A 86 -2.64 -5.68 -5.60
N ASN A 87 -1.38 -6.12 -5.71
CA ASN A 87 -1.03 -7.35 -6.42
C ASN A 87 0.24 -7.95 -5.82
N LEU A 88 0.39 -9.28 -5.89
CA LEU A 88 1.47 -10.02 -5.26
C LEU A 88 2.41 -10.54 -6.36
N PHE A 89 3.72 -10.63 -6.07
CA PHE A 89 4.77 -11.09 -6.98
C PHE A 89 6.11 -11.20 -6.24
N MET A 1 13.61 -2.89 0.39
CA MET A 1 13.81 -3.17 1.82
C MET A 1 13.67 -1.93 2.71
N GLU A 2 12.83 -0.96 2.33
CA GLU A 2 12.70 0.32 3.05
C GLU A 2 11.33 0.97 2.80
N VAL A 3 10.42 0.16 2.25
CA VAL A 3 9.18 0.44 1.56
C VAL A 3 9.36 1.48 0.45
N LYS A 4 9.31 1.02 -0.80
CA LYS A 4 9.35 1.92 -1.94
C LYS A 4 8.03 2.69 -1.96
N ILE A 5 8.08 4.02 -1.98
CA ILE A 5 6.93 4.90 -2.17
C ILE A 5 7.36 5.90 -3.25
N GLU A 6 6.50 6.19 -4.22
CA GLU A 6 6.61 7.29 -5.18
C GLU A 6 5.23 7.60 -5.76
N LYS A 7 5.09 8.67 -6.57
CA LYS A 7 3.81 8.99 -7.20
C LYS A 7 3.97 8.87 -8.73
N PRO A 8 3.81 7.67 -9.26
CA PRO A 8 4.09 7.37 -10.67
C PRO A 8 3.13 8.11 -11.60
N THR A 9 3.49 8.19 -12.89
CA THR A 9 2.61 8.78 -13.89
C THR A 9 1.38 7.88 -14.06
N PRO A 10 0.17 8.44 -14.27
CA PRO A 10 -1.04 7.64 -14.42
C PRO A 10 -1.13 6.90 -15.76
N GLU A 11 -0.32 7.28 -16.75
CA GLU A 11 -0.15 6.52 -18.00
C GLU A 11 0.19 5.08 -17.67
N LYS A 12 1.35 4.90 -17.02
CA LYS A 12 1.92 3.61 -16.67
C LYS A 12 0.92 2.75 -15.90
N LEU A 13 0.14 3.39 -15.04
CA LEU A 13 -0.85 2.73 -14.20
C LEU A 13 -1.95 2.12 -15.03
N LYS A 14 -2.35 2.77 -16.12
CA LYS A 14 -3.34 2.20 -17.01
C LYS A 14 -2.75 0.96 -17.66
N GLU A 15 -1.53 1.04 -18.20
CA GLU A 15 -0.83 -0.07 -18.87
C GLU A 15 -0.79 -1.30 -17.95
N LEU A 16 -0.36 -1.05 -16.71
CA LEU A 16 -0.23 -2.02 -15.63
C LEU A 16 -1.48 -2.86 -15.38
N SER A 17 -2.64 -2.44 -15.89
CA SER A 17 -3.90 -3.16 -15.82
C SER A 17 -4.40 -3.24 -14.37
N VAL A 18 -4.08 -2.23 -13.55
CA VAL A 18 -4.42 -2.16 -12.13
C VAL A 18 -5.93 -2.30 -11.92
N GLU A 19 -6.77 -1.88 -12.86
CA GLU A 19 -8.22 -2.08 -12.81
C GLU A 19 -8.60 -3.57 -12.64
N LYS A 20 -7.77 -4.50 -13.12
CA LYS A 20 -8.03 -5.94 -13.10
C LYS A 20 -7.53 -6.58 -11.82
N TRP A 21 -6.56 -5.96 -11.14
CA TRP A 21 -5.92 -6.52 -9.97
C TRP A 21 -6.97 -6.73 -8.85
N PRO A 22 -6.77 -7.63 -7.88
CA PRO A 22 -7.78 -7.92 -6.86
C PRO A 22 -7.96 -6.78 -5.86
N ILE A 23 -9.17 -6.23 -5.75
CA ILE A 23 -9.42 -5.17 -4.76
C ILE A 23 -9.19 -5.73 -3.35
N TRP A 24 -8.67 -4.89 -2.46
CA TRP A 24 -8.74 -5.12 -1.03
C TRP A 24 -8.99 -3.79 -0.33
N GLU A 25 -9.69 -3.88 0.78
CA GLU A 25 -10.09 -2.82 1.68
C GLU A 25 -9.95 -3.34 3.11
N LYS A 26 -10.04 -2.44 4.10
CA LYS A 26 -10.15 -2.83 5.49
C LYS A 26 -10.97 -1.75 6.18
N GLU A 27 -11.57 -2.10 7.32
CA GLU A 27 -12.24 -1.18 8.20
C GLU A 27 -11.30 -0.08 8.67
N VAL A 28 -11.92 0.87 9.35
CA VAL A 28 -11.27 1.92 10.12
C VAL A 28 -10.73 1.33 11.42
N SER A 29 -9.75 0.43 11.34
CA SER A 29 -9.06 -0.08 12.52
C SER A 29 -7.65 -0.46 12.15
N GLU A 30 -6.83 -0.45 13.19
CA GLU A 30 -5.43 -0.76 13.04
C GLU A 30 -5.24 -2.26 12.93
N PHE A 31 -4.06 -2.67 12.49
CA PHE A 31 -3.52 -4.01 12.59
C PHE A 31 -2.03 -3.87 12.33
N ASP A 32 -1.30 -4.98 12.22
CA ASP A 32 0.03 -5.01 11.65
C ASP A 32 0.02 -6.07 10.57
N TRP A 33 0.71 -5.76 9.47
CA TRP A 33 0.70 -6.59 8.28
C TRP A 33 2.10 -7.17 8.07
N TYR A 34 2.19 -8.43 7.66
CA TYR A 34 3.43 -9.04 7.17
C TYR A 34 3.28 -9.17 5.65
N TYR A 35 4.07 -8.41 4.91
CA TYR A 35 4.18 -8.52 3.46
C TYR A 35 5.20 -9.60 3.16
N ASP A 36 4.78 -10.65 2.46
CA ASP A 36 5.46 -11.94 2.46
C ASP A 36 5.91 -12.40 1.09
N THR A 37 5.54 -11.63 0.04
CA THR A 37 6.02 -11.59 -1.33
C THR A 37 6.06 -10.13 -1.75
N ASN A 38 6.56 -9.84 -2.95
CA ASN A 38 6.62 -8.46 -3.41
C ASN A 38 5.18 -8.05 -3.61
N GLU A 39 4.78 -6.93 -3.05
CA GLU A 39 3.39 -6.53 -3.14
C GLU A 39 3.37 -5.06 -3.49
N THR A 40 3.00 -4.75 -4.72
CA THR A 40 2.65 -3.41 -5.13
C THR A 40 1.26 -3.12 -4.56
N CYS A 41 0.97 -1.90 -4.11
CA CYS A 41 -0.41 -1.45 -4.01
C CYS A 41 -0.54 0.01 -4.47
N TYR A 42 -1.69 0.29 -5.07
CA TYR A 42 -2.07 1.57 -5.62
C TYR A 42 -3.29 2.05 -4.85
N ILE A 43 -3.12 3.11 -4.07
CA ILE A 43 -4.16 3.66 -3.21
C ILE A 43 -5.11 4.51 -4.05
N LEU A 44 -6.43 4.30 -3.92
CA LEU A 44 -7.43 5.07 -4.66
C LEU A 44 -8.28 5.95 -3.75
N GLU A 45 -8.45 5.57 -2.48
CA GLU A 45 -9.26 6.32 -1.53
C GLU A 45 -8.92 5.88 -0.09
N GLY A 46 -9.10 6.77 0.89
CA GLY A 46 -8.76 6.56 2.30
C GLY A 46 -7.53 7.37 2.74
N LYS A 47 -7.10 7.21 4.00
CA LYS A 47 -5.85 7.75 4.54
C LYS A 47 -5.20 6.65 5.36
N VAL A 48 -3.88 6.62 5.26
CA VAL A 48 -2.93 5.68 5.83
C VAL A 48 -1.73 6.25 6.49
N GLU A 49 -1.41 5.67 7.65
CA GLU A 49 -0.10 5.72 8.22
C GLU A 49 0.39 4.29 8.48
N VAL A 50 1.41 3.85 7.76
CA VAL A 50 2.16 2.64 8.08
C VAL A 50 3.34 3.07 8.95
N THR A 51 3.67 2.29 9.98
CA THR A 51 4.81 2.57 10.85
C THR A 51 5.55 1.26 11.09
N THR A 52 6.79 1.19 10.61
CA THR A 52 7.65 0.02 10.71
C THR A 52 8.14 -0.18 12.16
N GLU A 53 8.92 -1.24 12.39
CA GLU A 53 9.62 -1.44 13.66
C GLU A 53 10.48 -0.23 14.01
N ASP A 54 11.03 0.41 12.97
CA ASP A 54 12.01 1.48 12.99
C ASP A 54 11.41 2.86 13.30
N GLY A 55 10.09 2.94 13.53
CA GLY A 55 9.41 4.20 13.89
C GLY A 55 9.32 5.22 12.75
N LYS A 56 9.78 4.87 11.54
CA LYS A 56 9.47 5.67 10.36
C LYS A 56 7.97 5.57 10.13
N LYS A 57 7.25 6.66 10.32
CA LYS A 57 5.88 6.78 9.82
C LYS A 57 5.98 6.88 8.30
N TYR A 58 4.97 6.39 7.59
CA TYR A 58 4.80 6.57 6.16
C TYR A 58 3.34 6.92 5.97
N VAL A 59 3.05 8.10 5.44
CA VAL A 59 1.69 8.55 5.16
C VAL A 59 1.38 8.06 3.75
N ILE A 60 0.21 7.44 3.52
CA ILE A 60 -0.20 7.05 2.20
C ILE A 60 -1.57 7.63 1.97
N GLU A 61 -1.80 8.18 0.78
CA GLU A 61 -3.11 8.61 0.39
C GLU A 61 -3.43 8.27 -1.06
N LYS A 62 -4.63 8.66 -1.52
CA LYS A 62 -5.14 8.49 -2.87
C LYS A 62 -4.25 9.18 -3.91
N GLY A 63 -3.17 8.53 -4.30
CA GLY A 63 -2.22 9.08 -5.26
C GLY A 63 -0.75 8.86 -4.89
N ASP A 64 -0.43 8.04 -3.90
CA ASP A 64 0.91 7.50 -3.68
C ASP A 64 0.81 6.03 -4.08
N LEU A 65 1.79 5.53 -4.84
CA LEU A 65 1.96 4.09 -5.02
C LEU A 65 2.99 3.58 -4.04
N VAL A 66 2.89 2.30 -3.70
CA VAL A 66 3.82 1.62 -2.80
C VAL A 66 4.22 0.28 -3.41
N THR A 67 5.44 -0.19 -3.11
CA THR A 67 5.84 -1.58 -3.28
C THR A 67 6.56 -2.03 -2.00
N PHE A 68 6.02 -3.06 -1.35
CA PHE A 68 6.63 -3.77 -0.24
C PHE A 68 7.60 -4.83 -0.78
N PRO A 69 8.60 -5.27 0.01
CA PRO A 69 9.49 -6.34 -0.37
C PRO A 69 8.85 -7.69 -0.04
N LYS A 70 9.53 -8.76 -0.45
CA LYS A 70 9.23 -10.10 0.03
C LYS A 70 9.85 -10.17 1.42
N GLY A 71 9.04 -10.07 2.47
CA GLY A 71 9.48 -10.17 3.86
C GLY A 71 9.63 -8.80 4.52
N LEU A 72 8.52 -8.20 4.97
CA LEU A 72 8.46 -7.01 5.82
C LEU A 72 7.33 -7.19 6.82
N ARG A 73 7.43 -6.50 7.96
CA ARG A 73 6.44 -6.45 9.03
C ARG A 73 6.30 -4.98 9.42
N CYS A 74 5.10 -4.50 9.70
CA CYS A 74 4.87 -3.17 10.23
C CYS A 74 3.43 -3.01 10.69
N ARG A 75 3.15 -2.03 11.54
CA ARG A 75 1.77 -1.64 11.75
C ARG A 75 1.18 -1.00 10.52
N TRP A 76 -0.13 -1.01 10.47
CA TRP A 76 -0.96 -0.20 9.61
C TRP A 76 -1.90 0.56 10.52
N LYS A 77 -2.11 1.85 10.26
CA LYS A 77 -3.14 2.66 10.86
C LYS A 77 -3.99 3.13 9.68
N VAL A 78 -5.09 2.43 9.44
CA VAL A 78 -6.14 2.83 8.52
C VAL A 78 -6.84 3.94 9.26
N LEU A 79 -6.47 5.18 8.94
CA LEU A 79 -7.12 6.30 9.56
C LEU A 79 -8.53 6.43 9.00
N GLU A 80 -8.72 6.04 7.74
CA GLU A 80 -10.01 6.10 7.07
C GLU A 80 -10.09 4.87 6.16
N PRO A 81 -11.27 4.26 5.98
CA PRO A 81 -11.43 2.92 5.39
C PRO A 81 -10.93 2.93 3.94
N VAL A 82 -9.70 2.48 3.77
CA VAL A 82 -8.96 2.57 2.52
C VAL A 82 -9.54 1.54 1.54
N ARG A 83 -9.31 1.77 0.26
CA ARG A 83 -9.56 0.81 -0.80
C ARG A 83 -8.36 0.95 -1.72
N LYS A 84 -7.61 -0.13 -1.92
CA LYS A 84 -6.42 -0.09 -2.75
C LYS A 84 -6.48 -1.27 -3.70
N HIS A 85 -5.81 -1.12 -4.84
CA HIS A 85 -5.55 -2.22 -5.73
C HIS A 85 -4.17 -2.75 -5.34
N TYR A 86 -4.08 -3.86 -4.61
CA TYR A 86 -2.82 -4.57 -4.33
C TYR A 86 -2.52 -5.59 -5.43
N ASN A 87 -1.27 -6.00 -5.62
CA ASN A 87 -0.95 -7.15 -6.44
C ASN A 87 0.37 -7.76 -6.03
N LEU A 88 0.32 -9.04 -5.68
CA LEU A 88 1.46 -9.86 -5.31
C LEU A 88 2.32 -10.12 -6.56
N PHE A 89 3.60 -10.44 -6.40
CA PHE A 89 4.45 -11.03 -7.41
C PHE A 89 5.55 -11.82 -6.71
N MET A 1 12.46 -3.89 -3.37
CA MET A 1 13.62 -3.74 -2.47
C MET A 1 13.43 -2.45 -1.68
N GLU A 2 13.59 -2.50 -0.34
CA GLU A 2 13.08 -1.47 0.57
C GLU A 2 11.55 -1.35 0.39
N VAL A 3 10.90 -0.49 1.16
CA VAL A 3 9.57 -0.01 0.78
C VAL A 3 9.80 1.17 -0.14
N LYS A 4 9.35 1.08 -1.39
CA LYS A 4 9.26 2.25 -2.25
C LYS A 4 7.90 2.89 -2.04
N ILE A 5 7.85 4.21 -1.99
CA ILE A 5 6.66 5.04 -2.17
C ILE A 5 7.10 6.11 -3.16
N GLU A 6 6.28 6.40 -4.18
CA GLU A 6 6.39 7.57 -5.05
C GLU A 6 5.05 7.79 -5.76
N LYS A 7 4.96 8.86 -6.56
CA LYS A 7 3.77 9.23 -7.32
C LYS A 7 4.00 8.98 -8.82
N PRO A 8 3.78 7.76 -9.34
CA PRO A 8 3.97 7.46 -10.76
C PRO A 8 3.01 8.25 -11.67
N THR A 9 3.21 8.18 -13.00
CA THR A 9 2.29 8.76 -13.97
C THR A 9 1.02 7.90 -14.05
N PRO A 10 -0.15 8.49 -14.29
CA PRO A 10 -1.39 7.75 -14.35
C PRO A 10 -1.48 6.86 -15.59
N GLU A 11 -0.77 7.21 -16.66
CA GLU A 11 -0.66 6.35 -17.84
C GLU A 11 0.07 5.05 -17.49
N LYS A 12 1.19 5.11 -16.74
CA LYS A 12 1.88 3.90 -16.33
C LYS A 12 0.94 2.97 -15.56
N LEU A 13 0.03 3.54 -14.79
CA LEU A 13 -0.92 2.77 -13.99
C LEU A 13 -2.04 2.14 -14.84
N LYS A 14 -2.22 2.56 -16.09
CA LYS A 14 -3.01 1.79 -17.04
C LYS A 14 -2.19 0.63 -17.56
N GLU A 15 -0.90 0.83 -17.81
CA GLU A 15 -0.04 -0.22 -18.38
C GLU A 15 0.25 -1.34 -17.37
N LEU A 16 0.09 -1.06 -16.07
CA LEU A 16 0.23 -2.02 -14.99
C LEU A 16 -1.00 -2.91 -14.83
N SER A 17 -2.03 -2.79 -15.67
CA SER A 17 -3.28 -3.54 -15.59
C SER A 17 -4.02 -3.40 -14.26
N VAL A 18 -3.78 -2.34 -13.48
CA VAL A 18 -4.16 -2.30 -12.06
C VAL A 18 -5.66 -2.50 -11.87
N GLU A 19 -6.51 -1.99 -12.76
CA GLU A 19 -7.95 -2.20 -12.73
C GLU A 19 -8.35 -3.69 -12.69
N LYS A 20 -7.49 -4.58 -13.18
CA LYS A 20 -7.75 -6.01 -13.26
C LYS A 20 -7.34 -6.73 -11.98
N TRP A 21 -6.38 -6.17 -11.21
CA TRP A 21 -5.79 -6.76 -10.00
C TRP A 21 -6.87 -6.97 -8.92
N PRO A 22 -6.66 -7.75 -7.86
CA PRO A 22 -7.64 -7.85 -6.79
C PRO A 22 -7.75 -6.52 -6.02
N ILE A 23 -8.98 -6.14 -5.64
CA ILE A 23 -9.25 -5.04 -4.72
C ILE A 23 -9.15 -5.60 -3.29
N TRP A 24 -8.87 -4.74 -2.31
CA TRP A 24 -9.05 -5.03 -0.89
C TRP A 24 -9.56 -3.75 -0.23
N GLU A 25 -10.59 -3.85 0.59
CA GLU A 25 -11.25 -2.78 1.29
C GLU A 25 -11.53 -3.28 2.72
N LYS A 26 -11.23 -2.49 3.75
CA LYS A 26 -11.25 -2.93 5.14
C LYS A 26 -11.96 -1.87 6.01
N GLU A 27 -12.27 -2.19 7.26
CA GLU A 27 -12.80 -1.22 8.23
C GLU A 27 -11.71 -0.26 8.69
N VAL A 28 -12.13 0.68 9.53
CA VAL A 28 -11.43 1.91 9.90
C VAL A 28 -10.81 1.71 11.30
N SER A 29 -10.16 0.56 11.45
CA SER A 29 -9.50 0.06 12.64
C SER A 29 -7.98 0.10 12.40
N GLU A 30 -7.19 -0.40 13.34
CA GLU A 30 -5.81 -0.80 13.05
C GLU A 30 -5.69 -2.32 13.09
N PHE A 31 -4.59 -2.78 12.51
CA PHE A 31 -4.04 -4.10 12.66
C PHE A 31 -2.53 -3.94 12.45
N ASP A 32 -1.82 -5.04 12.23
CA ASP A 32 -0.39 -5.08 11.94
C ASP A 32 -0.19 -6.18 10.90
N TRP A 33 0.81 -6.03 10.03
CA TRP A 33 1.03 -6.92 8.89
C TRP A 33 2.50 -7.31 8.74
N TYR A 34 2.76 -8.55 8.29
CA TYR A 34 4.05 -9.03 7.81
C TYR A 34 3.92 -9.28 6.31
N TYR A 35 4.56 -8.44 5.50
CA TYR A 35 4.71 -8.65 4.07
C TYR A 35 5.82 -9.67 3.85
N ASP A 36 5.52 -10.96 3.69
CA ASP A 36 6.50 -12.00 3.40
C ASP A 36 6.72 -12.14 1.89
N THR A 37 6.34 -11.13 1.09
CA THR A 37 6.54 -11.05 -0.36
C THR A 37 6.26 -9.64 -0.86
N ASN A 38 6.71 -9.37 -2.07
CA ASN A 38 6.50 -8.16 -2.84
C ASN A 38 4.99 -7.98 -3.00
N GLU A 39 4.38 -7.07 -2.24
CA GLU A 39 3.02 -6.60 -2.48
C GLU A 39 3.15 -5.20 -3.05
N THR A 40 2.55 -4.96 -4.21
CA THR A 40 2.39 -3.62 -4.76
C THR A 40 0.95 -3.21 -4.44
N CYS A 41 0.70 -1.93 -4.20
CA CYS A 41 -0.66 -1.41 -4.21
C CYS A 41 -0.67 0.03 -4.72
N TYR A 42 -1.85 0.49 -5.14
CA TYR A 42 -2.10 1.80 -5.73
C TYR A 42 -3.28 2.44 -5.00
N ILE A 43 -3.01 3.43 -4.16
CA ILE A 43 -4.02 3.97 -3.24
C ILE A 43 -4.93 4.95 -3.98
N LEU A 44 -6.22 4.62 -4.08
CA LEU A 44 -7.20 5.49 -4.75
C LEU A 44 -7.89 6.43 -3.80
N GLU A 45 -8.11 6.04 -2.53
CA GLU A 45 -8.89 6.81 -1.57
C GLU A 45 -8.64 6.25 -0.17
N GLY A 46 -8.99 7.04 0.85
CA GLY A 46 -8.77 6.73 2.26
C GLY A 46 -7.35 7.08 2.70
N LYS A 47 -7.01 6.76 3.95
CA LYS A 47 -5.76 7.19 4.59
C LYS A 47 -5.26 6.00 5.41
N VAL A 48 -3.95 5.77 5.37
CA VAL A 48 -3.33 4.71 6.14
C VAL A 48 -2.06 5.25 6.79
N GLU A 49 -1.64 4.59 7.85
CA GLU A 49 -0.48 4.87 8.66
C GLU A 49 0.28 3.55 8.83
N VAL A 50 1.29 3.36 7.98
CA VAL A 50 2.40 2.43 8.03
C VAL A 50 3.71 2.91 8.66
N THR A 51 3.65 3.05 9.98
CA THR A 51 4.83 3.16 10.82
C THR A 51 5.43 1.76 10.85
N THR A 52 6.61 1.59 10.26
CA THR A 52 7.38 0.36 10.38
C THR A 52 7.87 0.19 11.82
N GLU A 53 8.42 -0.97 12.17
CA GLU A 53 9.09 -1.15 13.46
C GLU A 53 10.36 -0.27 13.52
N ASP A 54 10.87 0.11 12.35
CA ASP A 54 12.05 0.97 12.16
C ASP A 54 11.69 2.44 12.38
N GLY A 55 10.46 2.76 12.76
CA GLY A 55 9.98 4.12 13.05
C GLY A 55 9.79 4.96 11.79
N LYS A 56 10.21 4.49 10.61
CA LYS A 56 9.90 5.14 9.34
C LYS A 56 8.42 5.03 9.14
N LYS A 57 7.72 6.15 9.27
CA LYS A 57 6.30 6.25 9.09
C LYS A 57 5.97 6.52 7.65
N TYR A 58 5.04 5.73 7.14
CA TYR A 58 4.50 5.75 5.81
C TYR A 58 3.04 6.13 5.95
N VAL A 59 2.84 7.44 6.00
CA VAL A 59 1.58 8.01 5.64
C VAL A 59 1.44 7.72 4.15
N ILE A 60 0.33 7.14 3.74
CA ILE A 60 -0.02 7.02 2.33
C ILE A 60 -1.43 7.55 2.16
N GLU A 61 -1.61 8.29 1.08
CA GLU A 61 -2.79 9.08 0.77
C GLU A 61 -3.30 8.61 -0.59
N LYS A 62 -4.38 9.23 -1.03
CA LYS A 62 -5.12 8.87 -2.23
C LYS A 62 -4.39 9.26 -3.51
N GLY A 63 -3.20 8.72 -3.74
CA GLY A 63 -2.40 9.00 -4.92
C GLY A 63 -0.97 8.57 -4.77
N ASP A 64 -0.69 7.49 -4.05
CA ASP A 64 0.66 6.93 -3.91
C ASP A 64 0.63 5.49 -4.40
N LEU A 65 1.67 5.08 -5.13
CA LEU A 65 1.99 3.68 -5.41
C LEU A 65 2.99 3.25 -4.33
N VAL A 66 2.86 2.02 -3.83
CA VAL A 66 3.79 1.43 -2.89
C VAL A 66 4.26 0.09 -3.46
N THR A 67 5.55 -0.21 -3.31
CA THR A 67 6.10 -1.54 -3.51
C THR A 67 6.75 -1.93 -2.19
N PHE A 68 6.09 -2.79 -1.40
CA PHE A 68 6.74 -3.39 -0.23
C PHE A 68 7.79 -4.41 -0.70
N PRO A 69 8.87 -4.67 0.07
CA PRO A 69 9.87 -5.68 -0.25
C PRO A 69 9.31 -7.09 0.05
N LYS A 70 10.18 -8.10 0.11
CA LYS A 70 9.87 -9.37 0.75
C LYS A 70 10.47 -9.33 2.17
N GLY A 71 9.68 -9.64 3.19
CA GLY A 71 10.02 -9.65 4.62
C GLY A 71 10.07 -8.24 5.24
N LEU A 72 8.93 -7.71 5.67
CA LEU A 72 8.76 -6.48 6.46
C LEU A 72 7.62 -6.69 7.43
N ARG A 73 7.83 -6.38 8.71
CA ARG A 73 6.77 -6.36 9.73
C ARG A 73 6.51 -4.93 10.15
N CYS A 74 5.26 -4.50 10.12
CA CYS A 74 4.88 -3.17 10.53
C CYS A 74 3.47 -3.15 11.10
N ARG A 75 3.04 -2.01 11.64
CA ARG A 75 1.63 -1.80 11.95
C ARG A 75 0.84 -1.49 10.70
N TRP A 76 -0.46 -1.24 10.83
CA TRP A 76 -1.33 -0.79 9.77
C TRP A 76 -2.52 -0.05 10.41
N LYS A 77 -2.42 1.27 10.61
CA LYS A 77 -3.58 2.07 11.05
C LYS A 77 -4.37 2.43 9.80
N VAL A 78 -5.64 2.01 9.68
CA VAL A 78 -6.53 2.54 8.65
C VAL A 78 -7.17 3.75 9.32
N LEU A 79 -6.59 4.92 9.07
CA LEU A 79 -7.13 6.14 9.63
C LEU A 79 -8.44 6.50 8.95
N GLU A 80 -8.61 6.11 7.68
CA GLU A 80 -9.83 6.29 6.92
C GLU A 80 -9.96 5.15 5.91
N PRO A 81 -11.19 4.71 5.56
CA PRO A 81 -11.44 3.47 4.83
C PRO A 81 -10.75 3.52 3.48
N VAL A 82 -9.65 2.77 3.36
CA VAL A 82 -8.82 2.80 2.19
C VAL A 82 -9.44 1.85 1.16
N ARG A 83 -9.25 2.17 -0.11
CA ARG A 83 -9.46 1.24 -1.21
C ARG A 83 -8.21 1.28 -2.06
N LYS A 84 -7.69 0.09 -2.34
CA LYS A 84 -6.57 -0.09 -3.25
C LYS A 84 -6.82 -1.35 -4.03
N HIS A 85 -6.37 -1.36 -5.27
CA HIS A 85 -5.90 -2.54 -5.95
C HIS A 85 -4.56 -2.88 -5.31
N TYR A 86 -4.39 -4.11 -4.86
CA TYR A 86 -3.09 -4.66 -4.49
C TYR A 86 -2.77 -5.76 -5.48
N ASN A 87 -1.51 -6.19 -5.54
CA ASN A 87 -1.16 -7.42 -6.22
C ASN A 87 0.12 -7.96 -5.59
N LEU A 88 0.29 -9.28 -5.60
CA LEU A 88 1.46 -9.97 -5.09
C LEU A 88 2.34 -10.36 -6.27
N PHE A 89 3.61 -10.65 -6.02
CA PHE A 89 4.46 -11.41 -6.90
C PHE A 89 5.48 -12.09 -5.99
N MET A 1 15.40 -3.78 0.98
CA MET A 1 14.53 -4.43 1.97
C MET A 1 13.92 -3.35 2.86
N GLU A 2 12.97 -2.61 2.29
CA GLU A 2 12.33 -1.44 2.90
C GLU A 2 11.07 -1.17 2.09
N VAL A 3 10.17 -0.36 2.63
CA VAL A 3 9.03 0.20 1.93
C VAL A 3 9.57 1.03 0.74
N LYS A 4 8.90 0.96 -0.40
CA LYS A 4 9.30 1.71 -1.60
C LYS A 4 8.08 2.44 -2.11
N ILE A 5 7.89 3.64 -1.62
CA ILE A 5 6.82 4.53 -2.04
C ILE A 5 7.34 5.29 -3.26
N GLU A 6 6.48 5.57 -4.23
CA GLU A 6 6.65 6.70 -5.14
C GLU A 6 5.30 7.22 -5.58
N LYS A 7 5.27 8.27 -6.41
CA LYS A 7 4.03 8.86 -6.88
C LYS A 7 4.02 9.01 -8.40
N PRO A 8 3.62 7.94 -9.11
CA PRO A 8 3.74 7.80 -10.56
C PRO A 8 2.63 8.51 -11.34
N THR A 9 2.81 8.60 -12.66
CA THR A 9 1.85 9.09 -13.63
C THR A 9 0.68 8.11 -13.71
N PRO A 10 -0.56 8.61 -13.91
CA PRO A 10 -1.72 7.74 -13.98
C PRO A 10 -1.75 6.94 -15.28
N GLU A 11 -1.03 7.40 -16.30
CA GLU A 11 -0.97 6.76 -17.61
C GLU A 11 -0.42 5.34 -17.44
N LYS A 12 0.81 5.18 -16.93
CA LYS A 12 1.38 3.84 -16.74
C LYS A 12 0.52 2.98 -15.80
N LEU A 13 -0.20 3.59 -14.87
CA LEU A 13 -1.09 2.85 -13.98
C LEU A 13 -2.32 2.34 -14.72
N LYS A 14 -2.88 3.11 -15.66
CA LYS A 14 -3.87 2.62 -16.60
C LYS A 14 -3.29 1.43 -17.36
N GLU A 15 -2.12 1.62 -17.97
CA GLU A 15 -1.50 0.62 -18.84
C GLU A 15 -1.29 -0.72 -18.09
N LEU A 16 -0.89 -0.66 -16.82
CA LEU A 16 -0.61 -1.79 -15.93
C LEU A 16 -1.80 -2.73 -15.69
N SER A 17 -3.00 -2.35 -16.12
CA SER A 17 -4.23 -3.11 -15.92
C SER A 17 -4.51 -3.37 -14.43
N VAL A 18 -4.31 -2.33 -13.61
CA VAL A 18 -4.60 -2.29 -12.18
C VAL A 18 -6.07 -2.65 -11.91
N GLU A 19 -7.00 -2.23 -12.76
CA GLU A 19 -8.41 -2.56 -12.64
C GLU A 19 -8.70 -4.08 -12.72
N LYS A 20 -7.72 -4.88 -13.16
CA LYS A 20 -7.83 -6.34 -13.25
C LYS A 20 -7.25 -7.03 -12.03
N TRP A 21 -6.55 -6.27 -11.18
CA TRP A 21 -5.96 -6.76 -9.95
C TRP A 21 -7.11 -6.99 -8.95
N PRO A 22 -6.89 -7.74 -7.86
CA PRO A 22 -7.86 -7.83 -6.78
C PRO A 22 -8.01 -6.48 -6.07
N ILE A 23 -9.25 -6.09 -5.75
CA ILE A 23 -9.49 -5.05 -4.74
C ILE A 23 -9.19 -5.70 -3.38
N TRP A 24 -8.81 -4.88 -2.42
CA TRP A 24 -8.84 -5.20 -1.01
C TRP A 24 -9.37 -3.95 -0.30
N GLU A 25 -10.03 -4.15 0.82
CA GLU A 25 -10.64 -3.11 1.62
C GLU A 25 -10.68 -3.51 3.08
N LYS A 26 -10.75 -2.53 3.97
CA LYS A 26 -10.54 -2.68 5.40
C LYS A 26 -11.30 -1.58 6.12
N GLU A 27 -11.52 -1.80 7.41
CA GLU A 27 -12.14 -0.84 8.29
C GLU A 27 -11.07 0.06 8.87
N VAL A 28 -11.51 0.97 9.72
CA VAL A 28 -10.73 2.00 10.45
C VAL A 28 -9.78 1.39 11.51
N SER A 29 -9.65 0.08 11.52
CA SER A 29 -8.94 -0.71 12.49
C SER A 29 -7.47 -0.82 12.14
N GLU A 30 -6.62 -0.43 13.07
CA GLU A 30 -5.18 -0.57 12.90
C GLU A 30 -4.77 -2.01 13.19
N PHE A 31 -3.68 -2.46 12.59
CA PHE A 31 -3.11 -3.78 12.80
C PHE A 31 -1.63 -3.73 12.43
N ASP A 32 -0.99 -4.89 12.39
CA ASP A 32 0.36 -5.13 11.91
C ASP A 32 0.28 -6.18 10.83
N TRP A 33 0.75 -5.83 9.63
CA TRP A 33 0.77 -6.75 8.50
C TRP A 33 2.20 -7.17 8.15
N TYR A 34 2.33 -8.33 7.51
CA TYR A 34 3.58 -8.89 7.02
C TYR A 34 3.47 -9.14 5.52
N TYR A 35 4.51 -8.72 4.79
CA TYR A 35 4.69 -8.94 3.37
C TYR A 35 5.76 -10.01 3.22
N ASP A 36 5.34 -11.21 2.81
CA ASP A 36 6.21 -12.38 2.63
C ASP A 36 6.55 -12.60 1.15
N THR A 37 6.11 -11.69 0.27
CA THR A 37 6.46 -11.55 -1.14
C THR A 37 6.36 -10.08 -1.50
N ASN A 38 6.96 -9.74 -2.64
CA ASN A 38 6.89 -8.41 -3.18
C ASN A 38 5.44 -8.22 -3.57
N GLU A 39 4.95 -7.02 -3.34
CA GLU A 39 3.58 -6.69 -3.59
C GLU A 39 3.59 -5.24 -4.02
N THR A 40 2.83 -4.89 -5.04
CA THR A 40 2.64 -3.53 -5.51
C THR A 40 1.18 -3.20 -5.27
N CYS A 41 0.89 -2.16 -4.48
CA CYS A 41 -0.47 -1.69 -4.29
C CYS A 41 -0.55 -0.23 -4.70
N TYR A 42 -1.71 0.11 -5.27
CA TYR A 42 -2.06 1.38 -5.84
C TYR A 42 -3.29 1.88 -5.09
N ILE A 43 -3.09 2.92 -4.27
CA ILE A 43 -4.14 3.62 -3.54
C ILE A 43 -5.00 4.38 -4.56
N LEU A 44 -6.32 4.35 -4.38
CA LEU A 44 -7.25 5.10 -5.23
C LEU A 44 -8.14 6.01 -4.40
N GLU A 45 -8.48 5.62 -3.17
CA GLU A 45 -9.12 6.48 -2.19
C GLU A 45 -8.50 6.22 -0.81
N GLY A 46 -8.83 7.02 0.19
CA GLY A 46 -8.52 6.70 1.58
C GLY A 46 -7.29 7.39 2.18
N LYS A 47 -7.00 7.09 3.46
CA LYS A 47 -5.81 7.44 4.20
C LYS A 47 -5.35 6.29 5.10
N VAL A 48 -4.06 6.31 5.29
CA VAL A 48 -3.14 5.43 5.96
C VAL A 48 -2.00 6.14 6.63
N GLU A 49 -1.54 5.59 7.75
CA GLU A 49 -0.15 5.60 8.13
C GLU A 49 0.38 4.17 8.27
N VAL A 50 1.67 3.98 8.01
CA VAL A 50 2.42 2.75 8.26
C VAL A 50 3.62 3.20 9.06
N THR A 51 3.57 2.99 10.38
CA THR A 51 4.76 3.09 11.22
C THR A 51 5.52 1.79 11.04
N THR A 52 6.70 1.83 10.42
CA THR A 52 7.63 0.72 10.49
C THR A 52 8.25 0.66 11.88
N GLU A 53 8.82 -0.49 12.25
CA GLU A 53 9.34 -0.68 13.59
C GLU A 53 10.37 0.40 13.95
N ASP A 54 11.15 0.82 12.94
CA ASP A 54 12.26 1.75 13.05
C ASP A 54 11.83 3.19 13.37
N GLY A 55 10.52 3.41 13.47
CA GLY A 55 9.90 4.65 13.92
C GLY A 55 9.38 5.49 12.76
N LYS A 56 9.77 5.17 11.52
CA LYS A 56 9.33 5.96 10.38
C LYS A 56 7.86 5.72 10.12
N LYS A 57 7.08 6.79 10.14
CA LYS A 57 5.72 6.79 9.67
C LYS A 57 5.76 7.03 8.17
N TYR A 58 4.82 6.45 7.45
CA TYR A 58 4.58 6.71 6.05
C TYR A 58 3.08 6.93 5.93
N VAL A 59 2.66 8.18 5.74
CA VAL A 59 1.29 8.57 5.44
C VAL A 59 1.08 8.19 3.98
N ILE A 60 0.16 7.28 3.68
CA ILE A 60 -0.18 6.92 2.32
C ILE A 60 -1.55 7.44 1.98
N GLU A 61 -1.74 7.92 0.76
CA GLU A 61 -3.05 8.27 0.28
C GLU A 61 -3.22 7.98 -1.22
N LYS A 62 -4.39 8.38 -1.74
CA LYS A 62 -4.88 8.32 -3.12
C LYS A 62 -3.98 9.07 -4.10
N GLY A 63 -2.77 8.58 -4.28
CA GLY A 63 -1.68 9.43 -4.80
C GLY A 63 -0.27 8.96 -4.45
N ASP A 64 -0.08 7.83 -3.76
CA ASP A 64 1.20 7.22 -3.39
C ASP A 64 1.15 5.75 -3.82
N LEU A 65 1.90 5.31 -4.84
CA LEU A 65 2.10 3.89 -5.13
C LEU A 65 3.08 3.33 -4.09
N VAL A 66 2.91 2.09 -3.63
CA VAL A 66 3.84 1.46 -2.70
C VAL A 66 4.16 0.06 -3.17
N THR A 67 5.46 -0.25 -3.26
CA THR A 67 5.93 -1.62 -3.29
C THR A 67 6.40 -1.94 -1.86
N PHE A 68 6.14 -3.15 -1.37
CA PHE A 68 6.81 -3.71 -0.20
C PHE A 68 7.81 -4.75 -0.69
N PRO A 69 8.86 -5.07 0.08
CA PRO A 69 9.77 -6.12 -0.30
C PRO A 69 9.14 -7.47 0.07
N LYS A 70 9.85 -8.51 -0.33
CA LYS A 70 9.62 -9.86 0.13
C LYS A 70 10.32 -9.97 1.48
N GLY A 71 9.59 -9.75 2.57
CA GLY A 71 10.08 -9.80 3.93
C GLY A 71 10.03 -8.43 4.60
N LEU A 72 8.89 -8.02 5.20
CA LEU A 72 8.78 -6.82 6.04
C LEU A 72 7.52 -6.88 6.91
N ARG A 73 7.56 -6.56 8.21
CA ARG A 73 6.44 -6.70 9.16
C ARG A 73 6.14 -5.39 9.91
N CYS A 74 5.34 -4.46 9.39
CA CYS A 74 5.14 -3.14 10.00
C CYS A 74 3.64 -2.91 10.32
N ARG A 75 3.36 -1.88 11.13
CA ARG A 75 1.98 -1.53 11.45
C ARG A 75 1.27 -0.95 10.24
N TRP A 76 -0.05 -0.92 10.33
CA TRP A 76 -0.96 -0.29 9.38
C TRP A 76 -2.02 0.41 10.20
N LYS A 77 -1.92 1.73 10.34
CA LYS A 77 -2.94 2.60 10.87
C LYS A 77 -3.83 2.98 9.69
N VAL A 78 -4.98 2.33 9.58
CA VAL A 78 -6.03 2.64 8.62
C VAL A 78 -6.74 3.81 9.27
N LEU A 79 -6.31 5.02 8.90
CA LEU A 79 -6.90 6.23 9.40
C LEU A 79 -8.31 6.38 8.82
N GLU A 80 -8.55 5.83 7.62
CA GLU A 80 -9.84 5.81 6.97
C GLU A 80 -10.00 4.45 6.26
N PRO A 81 -11.21 4.06 5.82
CA PRO A 81 -11.43 2.89 4.96
C PRO A 81 -10.69 3.06 3.62
N VAL A 82 -9.72 2.20 3.30
CA VAL A 82 -8.93 2.30 2.07
C VAL A 82 -9.33 1.12 1.19
N ARG A 83 -9.38 1.30 -0.13
CA ARG A 83 -10.01 0.29 -1.00
C ARG A 83 -9.07 -0.18 -2.13
N LYS A 84 -7.76 -0.17 -1.86
CA LYS A 84 -6.70 -0.15 -2.87
C LYS A 84 -6.76 -1.35 -3.83
N HIS A 85 -6.10 -1.24 -4.98
CA HIS A 85 -5.76 -2.40 -5.82
C HIS A 85 -4.40 -2.88 -5.33
N TYR A 86 -4.22 -4.18 -5.07
CA TYR A 86 -2.93 -4.76 -4.75
C TYR A 86 -2.62 -5.86 -5.76
N ASN A 87 -1.35 -6.15 -5.98
CA ASN A 87 -0.91 -7.23 -6.86
C ASN A 87 0.32 -7.87 -6.27
N LEU A 88 0.20 -9.14 -5.93
CA LEU A 88 1.28 -10.00 -5.49
C LEU A 88 2.15 -10.30 -6.71
N PHE A 89 3.48 -10.32 -6.56
CA PHE A 89 4.38 -10.75 -7.62
C PHE A 89 5.62 -11.38 -7.00
N MET A 1 13.48 -3.10 -3.95
CA MET A 1 14.49 -2.24 -3.31
C MET A 1 13.92 -1.61 -2.03
N GLU A 2 13.65 -2.43 -1.01
CA GLU A 2 13.02 -2.05 0.25
C GLU A 2 11.67 -1.38 -0.04
N VAL A 3 11.07 -0.71 0.94
CA VAL A 3 9.83 0.01 0.71
C VAL A 3 10.14 1.22 -0.18
N LYS A 4 9.24 1.53 -1.10
CA LYS A 4 9.26 2.72 -1.92
C LYS A 4 7.87 3.31 -1.92
N ILE A 5 7.80 4.63 -2.10
CA ILE A 5 6.60 5.38 -2.42
C ILE A 5 6.98 6.27 -3.59
N GLU A 6 6.12 6.38 -4.60
CA GLU A 6 6.18 7.49 -5.55
C GLU A 6 4.78 7.95 -5.93
N LYS A 7 4.70 9.06 -6.68
CA LYS A 7 3.47 9.53 -7.27
C LYS A 7 3.60 9.36 -8.78
N PRO A 8 3.30 8.17 -9.32
CA PRO A 8 3.59 7.81 -10.71
C PRO A 8 2.62 8.45 -11.70
N THR A 9 2.85 8.23 -12.99
CA THR A 9 1.90 8.61 -14.04
C THR A 9 0.65 7.72 -13.91
N PRO A 10 -0.55 8.26 -14.19
CA PRO A 10 -1.77 7.48 -14.26
C PRO A 10 -1.80 6.56 -15.49
N GLU A 11 -1.08 6.88 -16.55
CA GLU A 11 -1.19 6.14 -17.82
C GLU A 11 -0.47 4.81 -17.70
N LYS A 12 0.74 4.76 -17.15
CA LYS A 12 1.43 3.49 -16.91
C LYS A 12 0.55 2.56 -16.10
N LEU A 13 -0.09 3.10 -15.07
CA LEU A 13 -0.94 2.33 -14.18
C LEU A 13 -2.13 1.71 -14.93
N LYS A 14 -2.62 2.31 -16.02
CA LYS A 14 -3.64 1.69 -16.86
C LYS A 14 -3.08 0.42 -17.47
N GLU A 15 -1.87 0.52 -18.01
CA GLU A 15 -1.27 -0.53 -18.83
C GLU A 15 -0.97 -1.75 -17.98
N LEU A 16 -0.42 -1.50 -16.78
CA LEU A 16 -0.16 -2.53 -15.77
C LEU A 16 -1.43 -3.34 -15.46
N SER A 17 -2.59 -2.78 -15.76
CA SER A 17 -3.91 -3.40 -15.71
C SER A 17 -4.30 -3.62 -14.25
N VAL A 18 -4.08 -2.58 -13.44
CA VAL A 18 -4.29 -2.57 -11.99
C VAL A 18 -5.72 -2.97 -11.61
N GLU A 19 -6.73 -2.67 -12.42
CA GLU A 19 -8.10 -3.10 -12.16
C GLU A 19 -8.30 -4.63 -12.24
N LYS A 20 -7.39 -5.34 -12.94
CA LYS A 20 -7.39 -6.81 -13.01
C LYS A 20 -6.79 -7.41 -11.75
N TRP A 21 -6.10 -6.59 -10.95
CA TRP A 21 -5.54 -7.01 -9.68
C TRP A 21 -6.70 -7.10 -8.69
N PRO A 22 -6.58 -7.81 -7.57
CA PRO A 22 -7.62 -7.84 -6.56
C PRO A 22 -7.81 -6.46 -5.90
N ILE A 23 -9.08 -6.09 -5.67
CA ILE A 23 -9.45 -5.01 -4.75
C ILE A 23 -9.29 -5.56 -3.35
N TRP A 24 -8.92 -4.68 -2.43
CA TRP A 24 -9.02 -4.90 -1.01
C TRP A 24 -9.30 -3.54 -0.38
N GLU A 25 -10.02 -3.52 0.74
CA GLU A 25 -10.45 -2.37 1.49
C GLU A 25 -10.15 -2.67 2.97
N LYS A 26 -10.18 -1.69 3.87
CA LYS A 26 -10.25 -1.97 5.31
C LYS A 26 -11.01 -0.85 6.00
N GLU A 27 -11.43 -1.13 7.22
CA GLU A 27 -12.21 -0.25 8.07
C GLU A 27 -11.30 0.80 8.71
N VAL A 28 -11.85 1.58 9.62
CA VAL A 28 -11.17 2.64 10.37
C VAL A 28 -10.30 2.10 11.53
N SER A 29 -10.34 0.79 11.77
CA SER A 29 -9.54 0.10 12.76
C SER A 29 -8.07 0.01 12.32
N GLU A 30 -7.21 -0.54 13.16
CA GLU A 30 -5.77 -0.60 12.94
C GLU A 30 -5.25 -1.98 13.33
N PHE A 31 -4.10 -2.36 12.78
CA PHE A 31 -3.57 -3.71 12.83
C PHE A 31 -2.09 -3.67 12.43
N ASP A 32 -1.50 -4.81 12.10
CA ASP A 32 -0.22 -4.92 11.43
C ASP A 32 -0.34 -5.92 10.29
N TRP A 33 0.59 -5.85 9.34
CA TRP A 33 0.64 -6.74 8.18
C TRP A 33 2.07 -7.21 7.95
N TYR A 34 2.19 -8.44 7.46
CA TYR A 34 3.44 -9.13 7.21
C TYR A 34 3.53 -9.37 5.71
N TYR A 35 4.19 -8.47 4.99
CA TYR A 35 4.55 -8.67 3.61
C TYR A 35 5.56 -9.81 3.58
N ASP A 36 5.20 -10.93 2.96
CA ASP A 36 6.08 -12.07 2.75
C ASP A 36 6.48 -12.21 1.28
N THR A 37 5.96 -11.32 0.42
CA THR A 37 6.25 -11.18 -1.00
C THR A 37 6.25 -9.73 -1.46
N ASN A 38 6.69 -9.54 -2.70
CA ASN A 38 6.55 -8.31 -3.44
C ASN A 38 5.04 -8.13 -3.57
N GLU A 39 4.47 -7.17 -2.86
CA GLU A 39 3.03 -6.97 -2.78
C GLU A 39 2.75 -5.52 -3.16
N THR A 40 2.72 -5.18 -4.45
CA THR A 40 2.51 -3.80 -4.84
C THR A 40 1.11 -3.39 -4.40
N CYS A 41 0.92 -2.09 -4.14
CA CYS A 41 -0.42 -1.56 -4.05
C CYS A 41 -0.49 -0.14 -4.60
N TYR A 42 -1.66 0.19 -5.14
CA TYR A 42 -2.01 1.51 -5.64
C TYR A 42 -3.25 1.96 -4.88
N ILE A 43 -3.08 2.92 -3.98
CA ILE A 43 -4.10 3.64 -3.24
C ILE A 43 -4.94 4.42 -4.25
N LEU A 44 -6.27 4.43 -4.08
CA LEU A 44 -7.15 5.25 -4.89
C LEU A 44 -8.08 6.10 -4.02
N GLU A 45 -8.39 5.65 -2.80
CA GLU A 45 -9.13 6.41 -1.80
C GLU A 45 -8.72 5.90 -0.42
N GLY A 46 -8.93 6.73 0.62
CA GLY A 46 -8.51 6.46 1.98
C GLY A 46 -7.05 6.83 2.22
N LYS A 47 -6.57 6.59 3.44
CA LYS A 47 -5.28 7.10 3.95
C LYS A 47 -4.75 6.08 4.93
N VAL A 48 -3.43 5.90 5.01
CA VAL A 48 -2.83 5.01 5.99
C VAL A 48 -1.60 5.67 6.61
N GLU A 49 -1.24 5.22 7.81
CA GLU A 49 0.04 5.37 8.44
C GLU A 49 0.57 3.95 8.69
N VAL A 50 1.62 3.56 7.97
CA VAL A 50 2.35 2.32 8.22
C VAL A 50 3.52 2.73 9.10
N THR A 51 3.51 2.29 10.35
CA THR A 51 4.48 2.70 11.36
C THR A 51 5.32 1.48 11.72
N THR A 52 6.62 1.51 11.38
CA THR A 52 7.47 0.35 11.46
C THR A 52 7.87 0.04 12.90
N GLU A 53 8.49 -1.13 13.07
CA GLU A 53 9.18 -1.51 14.31
C GLU A 53 10.32 -0.53 14.61
N ASP A 54 10.90 0.06 13.56
CA ASP A 54 11.94 1.10 13.63
C ASP A 54 11.32 2.49 13.84
N GLY A 55 10.02 2.54 14.12
CA GLY A 55 9.27 3.73 14.45
C GLY A 55 9.05 4.69 13.29
N LYS A 56 9.58 4.39 12.09
CA LYS A 56 9.42 5.19 10.89
C LYS A 56 7.95 5.18 10.54
N LYS A 57 7.38 6.31 10.16
CA LYS A 57 6.11 6.30 9.47
C LYS A 57 6.34 6.32 7.98
N TYR A 58 5.36 5.75 7.29
CA TYR A 58 5.09 5.90 5.89
C TYR A 58 3.64 6.35 5.88
N VAL A 59 3.47 7.65 5.69
CA VAL A 59 2.17 8.26 5.38
C VAL A 59 1.98 8.06 3.88
N ILE A 60 0.74 7.79 3.47
CA ILE A 60 0.38 7.59 2.08
C ILE A 60 -1.04 8.09 1.88
N GLU A 61 -1.20 9.08 1.00
CA GLU A 61 -2.50 9.55 0.54
C GLU A 61 -3.09 8.62 -0.54
N LYS A 62 -4.31 8.95 -1.00
CA LYS A 62 -5.15 8.34 -2.03
C LYS A 62 -4.63 8.47 -3.47
N GLY A 63 -3.35 8.21 -3.65
CA GLY A 63 -2.69 8.25 -4.97
C GLY A 63 -1.24 7.78 -4.92
N ASP A 64 -0.69 7.53 -3.73
CA ASP A 64 0.72 7.21 -3.51
C ASP A 64 1.01 5.75 -3.84
N LEU A 65 1.57 5.42 -5.01
CA LEU A 65 1.91 4.04 -5.34
C LEU A 65 2.99 3.58 -4.35
N VAL A 66 2.85 2.36 -3.83
CA VAL A 66 3.81 1.77 -2.90
C VAL A 66 4.34 0.47 -3.51
N THR A 67 5.53 0.08 -3.09
CA THR A 67 6.05 -1.27 -3.22
C THR A 67 6.87 -1.52 -1.95
N PHE A 68 6.53 -2.53 -1.16
CA PHE A 68 7.29 -3.06 -0.04
C PHE A 68 8.26 -4.12 -0.55
N PRO A 69 9.29 -4.54 0.22
CA PRO A 69 10.09 -5.68 -0.17
C PRO A 69 9.36 -6.98 0.18
N LYS A 70 9.99 -8.07 -0.25
CA LYS A 70 9.59 -9.42 0.06
C LYS A 70 10.11 -9.73 1.46
N GLY A 71 9.33 -9.42 2.50
CA GLY A 71 9.73 -9.59 3.88
C GLY A 71 9.76 -8.23 4.57
N LEU A 72 8.61 -7.75 5.07
CA LEU A 72 8.51 -6.63 5.99
C LEU A 72 7.32 -6.87 6.92
N ARG A 73 7.43 -6.52 8.21
CA ARG A 73 6.43 -6.75 9.25
C ARG A 73 6.32 -5.48 10.11
N CYS A 74 5.27 -4.69 9.91
CA CYS A 74 5.05 -3.41 10.57
C CYS A 74 3.55 -3.16 10.75
N ARG A 75 3.23 -2.20 11.62
CA ARG A 75 1.87 -1.77 11.89
C ARG A 75 1.24 -1.07 10.70
N TRP A 76 -0.07 -0.98 10.76
CA TRP A 76 -0.96 -0.58 9.70
C TRP A 76 -2.14 0.14 10.32
N LYS A 77 -2.13 1.46 10.30
CA LYS A 77 -3.16 2.28 10.92
C LYS A 77 -3.95 2.96 9.80
N VAL A 78 -5.20 2.58 9.63
CA VAL A 78 -6.06 3.07 8.59
C VAL A 78 -6.69 4.32 9.18
N LEU A 79 -6.33 5.48 8.65
CA LEU A 79 -6.92 6.72 9.12
C LEU A 79 -8.16 7.06 8.31
N GLU A 80 -8.26 6.55 7.07
CA GLU A 80 -9.49 6.60 6.27
C GLU A 80 -9.52 5.36 5.37
N PRO A 81 -10.70 4.86 4.97
CA PRO A 81 -10.91 3.46 4.62
C PRO A 81 -10.26 3.12 3.28
N VAL A 82 -9.01 2.68 3.36
CA VAL A 82 -8.13 2.60 2.22
C VAL A 82 -8.61 1.51 1.26
N ARG A 83 -9.18 1.95 0.15
CA ARG A 83 -9.47 1.07 -0.98
C ARG A 83 -8.25 1.15 -1.86
N LYS A 84 -7.57 0.03 -2.02
CA LYS A 84 -6.44 -0.07 -2.92
C LYS A 84 -6.67 -1.26 -3.85
N HIS A 85 -5.79 -1.37 -4.81
CA HIS A 85 -5.61 -2.50 -5.69
C HIS A 85 -4.24 -3.02 -5.30
N TYR A 86 -4.13 -4.29 -4.89
CA TYR A 86 -2.86 -4.89 -4.49
C TYR A 86 -2.54 -6.04 -5.44
N ASN A 87 -1.28 -6.43 -5.57
CA ASN A 87 -0.91 -7.57 -6.39
C ASN A 87 0.37 -8.20 -5.87
N LEU A 88 0.38 -9.52 -5.78
CA LEU A 88 1.47 -10.35 -5.29
C LEU A 88 2.28 -10.79 -6.51
N PHE A 89 3.59 -10.54 -6.52
CA PHE A 89 4.45 -10.74 -7.68
C PHE A 89 5.90 -10.95 -7.24
N MET A 1 17.33 0.14 1.33
CA MET A 1 16.04 0.80 1.03
C MET A 1 14.90 -0.07 1.52
N GLU A 2 14.39 0.16 2.73
CA GLU A 2 13.11 -0.39 3.14
C GLU A 2 11.97 0.50 2.65
N VAL A 3 10.84 -0.15 2.33
CA VAL A 3 9.52 0.36 1.94
C VAL A 3 9.58 1.35 0.77
N LYS A 4 9.15 0.90 -0.42
CA LYS A 4 9.28 1.66 -1.65
C LYS A 4 7.95 2.32 -1.97
N ILE A 5 7.93 3.66 -2.05
CA ILE A 5 6.74 4.46 -2.34
C ILE A 5 7.17 5.60 -3.28
N GLU A 6 6.43 5.83 -4.35
CA GLU A 6 6.57 6.98 -5.25
C GLU A 6 5.19 7.43 -5.75
N LYS A 7 5.17 8.52 -6.53
CA LYS A 7 3.96 9.01 -7.20
C LYS A 7 4.14 8.80 -8.71
N PRO A 8 3.80 7.62 -9.24
CA PRO A 8 3.97 7.34 -10.67
C PRO A 8 2.99 8.15 -11.53
N THR A 9 3.35 8.31 -12.80
CA THR A 9 2.48 8.86 -13.84
C THR A 9 1.21 8.01 -13.94
N PRO A 10 0.04 8.61 -14.21
CA PRO A 10 -1.21 7.86 -14.27
C PRO A 10 -1.26 6.91 -15.47
N GLU A 11 -0.63 7.23 -16.60
CA GLU A 11 -0.68 6.39 -17.80
C GLU A 11 -0.12 5.00 -17.50
N LYS A 12 1.00 4.92 -16.77
CA LYS A 12 1.62 3.66 -16.42
C LYS A 12 0.60 2.78 -15.68
N LEU A 13 -0.19 3.38 -14.78
CA LEU A 13 -1.20 2.69 -13.98
C LEU A 13 -2.39 2.24 -14.84
N LYS A 14 -2.73 2.98 -15.90
CA LYS A 14 -3.68 2.51 -16.90
C LYS A 14 -3.11 1.25 -17.55
N GLU A 15 -1.85 1.27 -18.00
CA GLU A 15 -1.24 0.15 -18.72
C GLU A 15 -1.18 -1.10 -17.84
N LEU A 16 -0.69 -0.91 -16.60
CA LEU A 16 -0.45 -1.96 -15.62
C LEU A 16 -1.72 -2.76 -15.27
N SER A 17 -2.88 -2.31 -15.77
CA SER A 17 -4.12 -3.05 -15.82
C SER A 17 -4.76 -3.14 -14.43
N VAL A 18 -4.50 -2.15 -13.59
CA VAL A 18 -4.86 -2.09 -12.18
C VAL A 18 -6.37 -2.25 -11.95
N GLU A 19 -7.23 -1.89 -12.91
CA GLU A 19 -8.66 -2.18 -12.81
C GLU A 19 -8.96 -3.69 -12.71
N LYS A 20 -8.09 -4.53 -13.27
CA LYS A 20 -8.23 -5.98 -13.26
C LYS A 20 -7.66 -6.58 -11.98
N TRP A 21 -6.90 -5.80 -11.20
CA TRP A 21 -6.24 -6.30 -10.02
C TRP A 21 -7.30 -6.49 -8.92
N PRO A 22 -7.03 -7.32 -7.90
CA PRO A 22 -7.94 -7.47 -6.79
C PRO A 22 -8.02 -6.19 -5.96
N ILE A 23 -9.25 -5.83 -5.58
CA ILE A 23 -9.55 -4.82 -4.57
C ILE A 23 -9.21 -5.36 -3.19
N TRP A 24 -8.84 -4.46 -2.28
CA TRP A 24 -8.85 -4.67 -0.86
C TRP A 24 -9.29 -3.37 -0.19
N GLU A 25 -10.48 -3.39 0.42
CA GLU A 25 -10.94 -2.37 1.37
C GLU A 25 -10.52 -2.74 2.80
N LYS A 26 -10.64 -1.83 3.78
CA LYS A 26 -10.57 -2.16 5.22
C LYS A 26 -11.31 -1.11 6.03
N GLU A 27 -11.65 -1.43 7.29
CA GLU A 27 -12.22 -0.49 8.25
C GLU A 27 -11.16 0.46 8.78
N VAL A 28 -11.64 1.46 9.51
CA VAL A 28 -10.89 2.48 10.22
C VAL A 28 -10.39 1.91 11.56
N SER A 29 -9.42 1.00 11.53
CA SER A 29 -8.89 0.34 12.72
C SER A 29 -7.36 0.32 12.65
N GLU A 30 -6.68 -0.40 13.55
CA GLU A 30 -5.24 -0.62 13.45
C GLU A 30 -4.97 -2.10 13.63
N PHE A 31 -3.84 -2.55 13.06
CA PHE A 31 -3.32 -3.89 13.21
C PHE A 31 -1.83 -3.88 12.83
N ASP A 32 -1.24 -5.06 12.66
CA ASP A 32 0.09 -5.25 12.10
C ASP A 32 -0.06 -6.14 10.88
N TRP A 33 0.85 -5.99 9.92
CA TRP A 33 0.85 -6.80 8.71
C TRP A 33 2.25 -7.27 8.36
N TYR A 34 2.34 -8.42 7.69
CA TYR A 34 3.58 -9.10 7.33
C TYR A 34 3.56 -9.30 5.83
N TYR A 35 4.62 -8.92 5.12
CA TYR A 35 4.79 -9.13 3.69
C TYR A 35 5.89 -10.15 3.53
N ASP A 36 5.56 -11.35 3.04
CA ASP A 36 6.47 -12.48 2.87
C ASP A 36 6.75 -12.79 1.40
N THR A 37 6.19 -11.99 0.49
CA THR A 37 6.46 -11.84 -0.94
C THR A 37 6.25 -10.37 -1.31
N ASN A 38 6.63 -9.97 -2.54
CA ASN A 38 6.39 -8.62 -3.01
C ASN A 38 4.89 -8.39 -3.07
N GLU A 39 4.48 -7.15 -2.87
CA GLU A 39 3.11 -6.73 -3.15
C GLU A 39 3.20 -5.29 -3.62
N THR A 40 2.85 -5.02 -4.88
CA THR A 40 2.62 -3.67 -5.38
C THR A 40 1.17 -3.31 -5.12
N CYS A 41 0.90 -2.06 -4.74
CA CYS A 41 -0.46 -1.61 -4.50
C CYS A 41 -0.56 -0.13 -4.82
N TYR A 42 -1.76 0.26 -5.24
CA TYR A 42 -2.10 1.62 -5.65
C TYR A 42 -3.32 2.07 -4.84
N ILE A 43 -3.10 3.05 -3.96
CA ILE A 43 -4.06 3.75 -3.13
C ILE A 43 -4.91 4.63 -4.05
N LEU A 44 -6.23 4.41 -4.08
CA LEU A 44 -7.12 5.23 -4.90
C LEU A 44 -8.01 6.13 -4.06
N GLU A 45 -8.27 5.74 -2.81
CA GLU A 45 -9.05 6.49 -1.84
C GLU A 45 -8.68 5.96 -0.44
N GLY A 46 -8.91 6.78 0.60
CA GLY A 46 -8.62 6.49 2.01
C GLY A 46 -7.17 6.76 2.39
N LYS A 47 -6.83 6.56 3.66
CA LYS A 47 -5.57 7.02 4.24
C LYS A 47 -5.07 5.97 5.22
N VAL A 48 -3.75 5.78 5.26
CA VAL A 48 -3.08 4.81 6.11
C VAL A 48 -1.84 5.48 6.70
N GLU A 49 -1.37 4.97 7.83
CA GLU A 49 -0.03 5.16 8.35
C GLU A 49 0.56 3.77 8.58
N VAL A 50 1.64 3.44 7.87
CA VAL A 50 2.42 2.24 8.16
C VAL A 50 3.54 2.68 9.09
N THR A 51 3.43 2.31 10.36
CA THR A 51 4.43 2.60 11.37
C THR A 51 5.39 1.40 11.43
N THR A 52 6.60 1.56 10.91
CA THR A 52 7.56 0.48 10.89
C THR A 52 8.06 0.17 12.29
N GLU A 53 8.77 -0.95 12.45
CA GLU A 53 9.45 -1.24 13.72
C GLU A 53 10.56 -0.23 14.07
N ASP A 54 11.26 0.33 13.06
CA ASP A 54 12.22 1.45 13.26
C ASP A 54 11.45 2.73 13.65
N GLY A 55 10.12 2.69 13.61
CA GLY A 55 9.22 3.70 14.13
C GLY A 55 8.80 4.69 13.06
N LYS A 56 9.30 4.62 11.82
CA LYS A 56 9.00 5.55 10.80
C LYS A 56 7.56 5.35 10.39
N LYS A 57 6.86 6.46 10.26
CA LYS A 57 5.50 6.53 9.79
C LYS A 57 5.53 6.87 8.30
N TYR A 58 5.27 5.88 7.45
CA TYR A 58 4.94 6.13 6.06
C TYR A 58 3.46 6.54 6.05
N VAL A 59 3.20 7.82 5.81
CA VAL A 59 1.90 8.31 5.37
C VAL A 59 1.82 7.95 3.89
N ILE A 60 0.61 7.65 3.41
CA ILE A 60 0.31 7.42 2.01
C ILE A 60 -1.11 7.87 1.74
N GLU A 61 -1.25 8.79 0.81
CA GLU A 61 -2.52 9.26 0.30
C GLU A 61 -2.80 8.61 -1.06
N LYS A 62 -3.99 8.90 -1.59
CA LYS A 62 -4.69 8.37 -2.75
C LYS A 62 -4.03 8.62 -4.12
N GLY A 63 -2.77 8.24 -4.25
CA GLY A 63 -1.99 8.33 -5.47
C GLY A 63 -0.57 7.78 -5.32
N ASP A 64 -0.08 7.60 -4.10
CA ASP A 64 1.29 7.14 -3.81
C ASP A 64 1.36 5.62 -4.02
N LEU A 65 1.94 5.13 -5.11
CA LEU A 65 2.06 3.70 -5.37
C LEU A 65 3.09 3.12 -4.40
N VAL A 66 2.86 1.89 -3.93
CA VAL A 66 3.66 1.21 -2.93
C VAL A 66 4.14 -0.13 -3.49
N THR A 67 5.26 -0.63 -2.97
CA THR A 67 5.75 -1.97 -3.23
C THR A 67 6.43 -2.49 -1.96
N PHE A 68 5.79 -3.37 -1.21
CA PHE A 68 6.43 -4.05 -0.09
C PHE A 68 7.38 -5.12 -0.62
N PRO A 69 8.41 -5.50 0.15
CA PRO A 69 9.38 -6.50 -0.28
C PRO A 69 8.90 -7.91 0.07
N LYS A 70 9.71 -8.87 -0.33
CA LYS A 70 9.63 -10.24 0.15
C LYS A 70 10.36 -10.30 1.49
N GLY A 71 9.64 -10.07 2.59
CA GLY A 71 10.14 -10.11 3.97
C GLY A 71 10.17 -8.71 4.57
N LEU A 72 9.07 -8.30 5.22
CA LEU A 72 8.97 -7.19 6.17
C LEU A 72 7.77 -7.44 7.10
N ARG A 73 7.79 -6.92 8.34
CA ARG A 73 6.60 -6.81 9.19
C ARG A 73 6.58 -5.44 9.88
N CYS A 74 5.49 -4.69 9.74
CA CYS A 74 5.28 -3.36 10.31
C CYS A 74 3.80 -3.19 10.70
N ARG A 75 3.46 -2.11 11.41
CA ARG A 75 2.09 -1.84 11.80
C ARG A 75 1.32 -1.26 10.61
N TRP A 76 -0.01 -1.35 10.65
CA TRP A 76 -0.93 -0.84 9.66
C TRP A 76 -2.04 -0.10 10.40
N LYS A 77 -2.00 1.23 10.42
CA LYS A 77 -3.05 2.06 10.99
C LYS A 77 -3.89 2.59 9.85
N VAL A 78 -5.14 2.16 9.75
CA VAL A 78 -6.12 2.66 8.81
C VAL A 78 -6.72 3.90 9.45
N LEU A 79 -6.36 5.09 8.96
CA LEU A 79 -6.96 6.31 9.44
C LEU A 79 -8.26 6.58 8.69
N GLU A 80 -8.41 6.08 7.46
CA GLU A 80 -9.65 6.18 6.69
C GLU A 80 -9.76 4.94 5.81
N PRO A 81 -10.97 4.44 5.50
CA PRO A 81 -11.18 3.16 4.85
C PRO A 81 -10.58 3.15 3.45
N VAL A 82 -9.35 2.66 3.37
CA VAL A 82 -8.57 2.66 2.16
C VAL A 82 -9.16 1.67 1.18
N ARG A 83 -9.02 1.95 -0.11
CA ARG A 83 -9.21 0.98 -1.17
C ARG A 83 -7.94 1.06 -1.98
N LYS A 84 -7.15 -0.01 -1.94
CA LYS A 84 -5.92 -0.12 -2.72
C LYS A 84 -5.92 -1.42 -3.53
N HIS A 85 -5.81 -1.26 -4.85
CA HIS A 85 -5.71 -2.36 -5.80
C HIS A 85 -4.33 -3.02 -5.60
N TYR A 86 -4.22 -4.25 -5.09
CA TYR A 86 -2.94 -4.92 -4.81
C TYR A 86 -2.59 -5.93 -5.89
N ASN A 87 -1.32 -6.36 -5.98
CA ASN A 87 -0.90 -7.45 -6.87
C ASN A 87 0.35 -8.13 -6.29
N LEU A 88 0.21 -9.40 -5.92
CA LEU A 88 1.30 -10.27 -5.47
C LEU A 88 2.26 -10.51 -6.63
N PHE A 89 3.57 -10.64 -6.39
CA PHE A 89 4.59 -11.03 -7.37
C PHE A 89 5.89 -11.26 -6.61
N MET A 1 16.82 -1.34 -0.80
CA MET A 1 15.92 -0.18 -0.71
C MET A 1 14.55 -0.71 -0.31
N GLU A 2 14.15 -0.51 0.95
CA GLU A 2 12.87 -1.02 1.42
C GLU A 2 11.75 -0.08 0.99
N VAL A 3 10.55 -0.63 0.82
CA VAL A 3 9.26 0.04 0.72
C VAL A 3 9.32 1.29 -0.18
N LYS A 4 9.30 1.03 -1.49
CA LYS A 4 9.36 2.08 -2.50
C LYS A 4 8.02 2.81 -2.53
N ILE A 5 7.93 3.97 -1.91
CA ILE A 5 6.75 4.80 -1.98
C ILE A 5 7.09 5.90 -2.97
N GLU A 6 6.45 5.92 -4.14
CA GLU A 6 6.71 6.92 -5.16
C GLU A 6 5.42 7.35 -5.87
N LYS A 7 5.54 8.29 -6.82
CA LYS A 7 4.39 9.01 -7.36
C LYS A 7 4.33 8.89 -8.89
N PRO A 8 3.73 7.82 -9.42
CA PRO A 8 3.73 7.52 -10.85
C PRO A 8 2.67 8.31 -11.63
N THR A 9 2.93 8.53 -12.91
CA THR A 9 1.96 9.09 -13.87
C THR A 9 0.70 8.20 -13.91
N PRO A 10 -0.50 8.77 -14.07
CA PRO A 10 -1.72 8.00 -14.03
C PRO A 10 -1.91 7.11 -15.26
N GLU A 11 -1.33 7.46 -16.41
CA GLU A 11 -1.45 6.66 -17.63
C GLU A 11 -0.77 5.31 -17.45
N LYS A 12 0.42 5.30 -16.84
CA LYS A 12 1.16 4.07 -16.54
C LYS A 12 0.26 3.12 -15.75
N LEU A 13 -0.44 3.63 -14.74
CA LEU A 13 -1.30 2.83 -13.89
C LEU A 13 -2.46 2.21 -14.69
N LYS A 14 -2.93 2.89 -15.73
CA LYS A 14 -3.90 2.32 -16.65
C LYS A 14 -3.23 1.14 -17.38
N GLU A 15 -2.04 1.34 -17.95
CA GLU A 15 -1.31 0.34 -18.75
C GLU A 15 -1.06 -0.94 -17.96
N LEU A 16 -0.51 -0.77 -16.76
CA LEU A 16 -0.11 -1.83 -15.83
C LEU A 16 -1.26 -2.77 -15.48
N SER A 17 -2.48 -2.41 -15.87
CA SER A 17 -3.69 -3.22 -15.88
C SER A 17 -4.27 -3.37 -14.47
N VAL A 18 -3.98 -2.39 -13.63
CA VAL A 18 -4.41 -2.22 -12.26
C VAL A 18 -5.93 -2.30 -12.11
N GLU A 19 -6.73 -1.93 -13.11
CA GLU A 19 -8.18 -2.13 -13.06
C GLU A 19 -8.58 -3.61 -12.98
N LYS A 20 -7.76 -4.50 -13.55
CA LYS A 20 -7.95 -5.95 -13.49
C LYS A 20 -7.42 -6.55 -12.19
N TRP A 21 -6.61 -5.82 -11.42
CA TRP A 21 -5.97 -6.38 -10.23
C TRP A 21 -7.03 -6.62 -9.14
N PRO A 22 -6.71 -7.39 -8.08
CA PRO A 22 -7.64 -7.57 -6.98
C PRO A 22 -7.84 -6.27 -6.18
N ILE A 23 -9.09 -6.05 -5.75
CA ILE A 23 -9.50 -5.01 -4.81
C ILE A 23 -9.37 -5.61 -3.41
N TRP A 24 -8.95 -4.79 -2.45
CA TRP A 24 -9.06 -5.11 -1.03
C TRP A 24 -9.25 -3.80 -0.27
N GLU A 25 -10.21 -3.78 0.65
CA GLU A 25 -10.57 -2.64 1.47
C GLU A 25 -10.48 -3.09 2.94
N LYS A 26 -10.66 -2.17 3.89
CA LYS A 26 -10.73 -2.49 5.31
C LYS A 26 -11.54 -1.40 6.00
N GLU A 27 -12.04 -1.69 7.19
CA GLU A 27 -12.62 -0.67 8.03
C GLU A 27 -11.55 0.24 8.63
N VAL A 28 -12.02 1.31 9.26
CA VAL A 28 -11.19 2.31 9.90
C VAL A 28 -10.80 1.80 11.30
N SER A 29 -9.88 0.84 11.31
CA SER A 29 -9.39 0.15 12.49
C SER A 29 -7.88 -0.06 12.32
N GLU A 30 -7.22 -0.84 13.18
CA GLU A 30 -5.77 -0.95 13.15
C GLU A 30 -5.30 -2.32 13.59
N PHE A 31 -4.17 -2.74 13.05
CA PHE A 31 -3.60 -4.07 13.15
C PHE A 31 -2.13 -3.97 12.73
N ASP A 32 -1.49 -5.10 12.45
CA ASP A 32 -0.17 -5.15 11.85
C ASP A 32 -0.20 -6.10 10.68
N TRP A 33 0.80 -6.00 9.80
CA TRP A 33 0.93 -6.87 8.65
C TRP A 33 2.35 -7.42 8.54
N TYR A 34 2.51 -8.54 7.83
CA TYR A 34 3.78 -9.17 7.56
C TYR A 34 3.78 -9.50 6.07
N TYR A 35 4.39 -8.61 5.28
CA TYR A 35 4.56 -8.79 3.85
C TYR A 35 5.60 -9.88 3.66
N ASP A 36 5.26 -10.94 2.94
CA ASP A 36 6.10 -12.13 2.82
C ASP A 36 6.35 -12.55 1.38
N THR A 37 5.83 -11.79 0.41
CA THR A 37 6.19 -11.76 -1.00
C THR A 37 6.16 -10.32 -1.49
N ASN A 38 6.57 -10.07 -2.74
CA ASN A 38 6.58 -8.71 -3.29
C ASN A 38 5.13 -8.31 -3.42
N GLU A 39 4.80 -7.08 -3.06
CA GLU A 39 3.42 -6.62 -3.10
C GLU A 39 3.40 -5.18 -3.54
N THR A 40 3.07 -4.95 -4.80
CA THR A 40 2.79 -3.61 -5.30
C THR A 40 1.33 -3.31 -4.99
N CYS A 41 1.01 -2.08 -4.59
CA CYS A 41 -0.37 -1.61 -4.63
C CYS A 41 -0.43 -0.13 -4.97
N TYR A 42 -1.63 0.29 -5.37
CA TYR A 42 -1.98 1.63 -5.73
C TYR A 42 -3.18 2.05 -4.88
N ILE A 43 -2.96 2.99 -3.97
CA ILE A 43 -3.89 3.60 -3.05
C ILE A 43 -4.79 4.54 -3.86
N LEU A 44 -6.08 4.19 -3.98
CA LEU A 44 -7.03 4.97 -4.76
C LEU A 44 -7.74 6.01 -3.90
N GLU A 45 -8.05 5.66 -2.66
CA GLU A 45 -8.71 6.55 -1.72
C GLU A 45 -8.53 6.01 -0.30
N GLY A 46 -8.81 6.84 0.71
CA GLY A 46 -8.63 6.50 2.12
C GLY A 46 -7.24 6.87 2.60
N LYS A 47 -6.92 6.55 3.86
CA LYS A 47 -5.61 6.87 4.41
C LYS A 47 -5.18 5.81 5.41
N VAL A 48 -3.88 5.59 5.47
CA VAL A 48 -3.23 4.61 6.33
C VAL A 48 -1.96 5.26 6.87
N GLU A 49 -1.48 4.78 8.01
CA GLU A 49 -0.09 4.96 8.41
C GLU A 49 0.51 3.58 8.68
N VAL A 50 1.71 3.39 8.14
CA VAL A 50 2.74 2.42 8.32
C VAL A 50 4.00 2.88 9.03
N THR A 51 3.92 2.92 10.35
CA THR A 51 5.10 2.97 11.20
C THR A 51 5.80 1.61 11.14
N THR A 52 7.08 1.58 10.75
CA THR A 52 7.93 0.40 10.76
C THR A 52 8.53 0.16 12.14
N GLU A 53 9.43 -0.84 12.25
CA GLU A 53 10.24 -1.04 13.44
C GLU A 53 11.15 0.17 13.69
N ASP A 54 11.70 0.79 12.62
CA ASP A 54 12.57 1.99 12.72
C ASP A 54 11.80 3.18 13.28
N GLY A 55 10.48 3.22 13.10
CA GLY A 55 9.61 4.25 13.65
C GLY A 55 9.15 5.28 12.63
N LYS A 56 9.75 5.29 11.43
CA LYS A 56 9.32 6.15 10.34
C LYS A 56 7.90 5.79 9.98
N LYS A 57 7.02 6.79 9.93
CA LYS A 57 5.64 6.64 9.55
C LYS A 57 5.51 6.81 8.04
N TYR A 58 5.35 5.71 7.36
CA TYR A 58 4.96 5.66 5.96
C TYR A 58 3.51 6.15 5.90
N VAL A 59 3.33 7.42 5.54
CA VAL A 59 2.05 7.94 5.12
C VAL A 59 1.91 7.52 3.66
N ILE A 60 0.72 7.07 3.29
CA ILE A 60 0.39 6.63 1.96
C ILE A 60 -1.02 7.15 1.67
N GLU A 61 -1.07 8.35 1.10
CA GLU A 61 -2.28 8.99 0.61
C GLU A 61 -2.56 8.56 -0.84
N LYS A 62 -3.74 8.91 -1.36
CA LYS A 62 -4.22 8.54 -2.68
C LYS A 62 -3.29 9.07 -3.78
N GLY A 63 -2.62 8.14 -4.43
CA GLY A 63 -1.64 8.38 -5.49
C GLY A 63 -0.26 7.82 -5.17
N ASP A 64 0.09 7.62 -3.89
CA ASP A 64 1.40 7.11 -3.48
C ASP A 64 1.44 5.61 -3.80
N LEU A 65 2.09 5.20 -4.90
CA LEU A 65 2.25 3.79 -5.25
C LEU A 65 3.25 3.17 -4.28
N VAL A 66 3.06 1.90 -3.93
CA VAL A 66 3.77 1.20 -2.89
C VAL A 66 4.26 -0.12 -3.48
N THR A 67 5.50 -0.55 -3.19
CA THR A 67 5.99 -1.90 -3.35
C THR A 67 6.64 -2.29 -2.02
N PHE A 68 5.92 -3.05 -1.18
CA PHE A 68 6.55 -3.75 -0.05
C PHE A 68 7.41 -4.87 -0.62
N PRO A 69 8.54 -5.21 0.02
CA PRO A 69 9.37 -6.31 -0.43
C PRO A 69 8.84 -7.65 0.10
N LYS A 70 9.51 -8.69 -0.35
CA LYS A 70 9.33 -10.06 0.12
C LYS A 70 10.03 -10.17 1.47
N GLY A 71 9.31 -9.90 2.55
CA GLY A 71 9.81 -9.97 3.91
C GLY A 71 9.89 -8.57 4.52
N LEU A 72 8.82 -8.15 5.22
CA LEU A 72 8.79 -6.97 6.07
C LEU A 72 7.73 -7.16 7.16
N ARG A 73 8.01 -6.68 8.38
CA ARG A 73 7.08 -6.54 9.50
C ARG A 73 6.93 -5.06 9.83
N CYS A 74 5.70 -4.59 10.00
CA CYS A 74 5.35 -3.27 10.53
C CYS A 74 3.89 -3.29 10.99
N ARG A 75 3.39 -2.20 11.60
CA ARG A 75 1.95 -2.03 11.83
C ARG A 75 1.16 -1.79 10.56
N TRP A 76 -0.14 -1.52 10.64
CA TRP A 76 -1.00 -0.95 9.61
C TRP A 76 -2.15 -0.28 10.35
N LYS A 77 -2.17 1.05 10.42
CA LYS A 77 -3.27 1.80 11.03
C LYS A 77 -4.10 2.40 9.92
N VAL A 78 -5.36 1.99 9.79
CA VAL A 78 -6.30 2.56 8.85
C VAL A 78 -6.86 3.81 9.52
N LEU A 79 -6.41 4.96 9.03
CA LEU A 79 -6.85 6.25 9.50
C LEU A 79 -8.17 6.64 8.83
N GLU A 80 -8.49 6.05 7.67
CA GLU A 80 -9.77 6.12 6.98
C GLU A 80 -9.87 4.92 6.04
N PRO A 81 -11.08 4.41 5.72
CA PRO A 81 -11.27 3.14 5.03
C PRO A 81 -10.66 3.19 3.64
N VAL A 82 -9.49 2.57 3.48
CA VAL A 82 -8.70 2.64 2.26
C VAL A 82 -9.19 1.61 1.25
N ARG A 83 -9.13 1.98 -0.02
CA ARG A 83 -9.20 1.05 -1.14
C ARG A 83 -7.88 1.14 -1.89
N LYS A 84 -7.28 -0.02 -2.19
CA LYS A 84 -6.09 -0.10 -3.00
C LYS A 84 -6.30 -1.21 -4.01
N HIS A 85 -5.69 -1.12 -5.19
CA HIS A 85 -5.57 -2.25 -6.09
C HIS A 85 -4.19 -2.84 -5.83
N TYR A 86 -4.07 -4.07 -5.31
CA TYR A 86 -2.80 -4.72 -4.96
C TYR A 86 -2.44 -5.82 -5.95
N ASN A 87 -1.21 -6.32 -5.95
CA ASN A 87 -0.85 -7.56 -6.62
C ASN A 87 0.34 -8.23 -5.92
N LEU A 88 0.21 -9.53 -5.63
CA LEU A 88 1.23 -10.39 -5.02
C LEU A 88 2.13 -10.96 -6.13
N PHE A 89 3.45 -10.99 -5.93
CA PHE A 89 4.44 -11.50 -6.89
C PHE A 89 5.83 -11.65 -6.23
N MET A 1 13.84 -4.75 1.22
CA MET A 1 14.73 -3.66 0.83
C MET A 1 14.05 -2.33 1.18
N GLU A 2 13.74 -2.12 2.46
CA GLU A 2 12.85 -1.06 2.94
C GLU A 2 11.51 -1.12 2.18
N VAL A 3 10.72 -0.05 2.25
CA VAL A 3 9.52 0.18 1.46
C VAL A 3 9.92 1.19 0.39
N LYS A 4 9.15 1.24 -0.71
CA LYS A 4 9.28 2.26 -1.74
C LYS A 4 7.92 2.89 -1.94
N ILE A 5 7.87 4.21 -2.13
CA ILE A 5 6.67 4.96 -2.42
C ILE A 5 7.06 5.96 -3.50
N GLU A 6 6.12 6.27 -4.40
CA GLU A 6 6.16 7.46 -5.24
C GLU A 6 4.74 7.85 -5.65
N LYS A 7 4.60 8.86 -6.51
CA LYS A 7 3.34 9.21 -7.16
C LYS A 7 3.58 9.07 -8.68
N PRO A 8 3.54 7.86 -9.24
CA PRO A 8 3.82 7.62 -10.66
C PRO A 8 2.73 8.24 -11.53
N THR A 9 2.93 8.26 -12.85
CA THR A 9 1.83 8.55 -13.76
C THR A 9 0.71 7.50 -13.56
N PRO A 10 -0.58 7.89 -13.67
CA PRO A 10 -1.66 6.95 -13.75
C PRO A 10 -1.63 6.15 -15.06
N GLU A 11 -0.94 6.64 -16.10
CA GLU A 11 -0.90 5.99 -17.42
C GLU A 11 -0.30 4.59 -17.29
N LYS A 12 0.85 4.49 -16.63
CA LYS A 12 1.55 3.22 -16.43
C LYS A 12 0.62 2.22 -15.76
N LEU A 13 -0.11 2.67 -14.74
CA LEU A 13 -1.05 1.87 -13.97
C LEU A 13 -2.28 1.52 -14.82
N LYS A 14 -2.70 2.40 -15.72
CA LYS A 14 -3.70 2.09 -16.74
C LYS A 14 -3.21 0.98 -17.66
N GLU A 15 -1.91 0.86 -17.94
CA GLU A 15 -1.45 -0.26 -18.78
C GLU A 15 -1.48 -1.56 -17.97
N LEU A 16 -0.79 -1.51 -16.82
CA LEU A 16 -0.16 -2.65 -16.14
C LEU A 16 -1.06 -3.87 -16.10
N SER A 17 -2.14 -3.70 -15.35
CA SER A 17 -3.44 -4.32 -15.47
C SER A 17 -4.32 -3.94 -14.26
N VAL A 18 -4.09 -2.77 -13.63
CA VAL A 18 -4.55 -2.49 -12.26
C VAL A 18 -6.07 -2.57 -12.11
N GLU A 19 -6.84 -2.26 -13.14
CA GLU A 19 -8.28 -2.47 -13.15
C GLU A 19 -8.69 -3.94 -12.95
N LYS A 20 -7.82 -4.90 -13.29
CA LYS A 20 -8.03 -6.34 -13.11
C LYS A 20 -7.55 -6.82 -11.75
N TRP A 21 -6.51 -6.18 -11.21
CA TRP A 21 -5.88 -6.57 -9.96
C TRP A 21 -6.91 -6.62 -8.83
N PRO A 22 -6.67 -7.38 -7.75
CA PRO A 22 -7.62 -7.47 -6.66
C PRO A 22 -7.73 -6.15 -5.88
N ILE A 23 -8.96 -5.78 -5.53
CA ILE A 23 -9.23 -4.76 -4.53
C ILE A 23 -8.88 -5.33 -3.15
N TRP A 24 -8.49 -4.45 -2.24
CA TRP A 24 -8.51 -4.67 -0.81
C TRP A 24 -9.05 -3.38 -0.19
N GLU A 25 -9.97 -3.51 0.76
CA GLU A 25 -10.62 -2.43 1.50
C GLU A 25 -10.80 -2.85 2.95
N LYS A 26 -10.21 -2.08 3.87
CA LYS A 26 -10.25 -2.35 5.31
C LYS A 26 -11.11 -1.32 5.99
N GLU A 27 -11.69 -1.75 7.11
CA GLU A 27 -12.31 -0.87 8.07
C GLU A 27 -11.29 0.04 8.73
N VAL A 28 -11.82 1.08 9.35
CA VAL A 28 -11.12 2.22 9.95
C VAL A 28 -10.39 1.88 11.27
N SER A 29 -10.17 0.59 11.56
CA SER A 29 -9.46 0.11 12.73
C SER A 29 -7.95 0.15 12.46
N GLU A 30 -7.14 -0.43 13.35
CA GLU A 30 -5.69 -0.54 13.17
C GLU A 30 -5.22 -1.93 13.59
N PHE A 31 -4.09 -2.32 12.99
CA PHE A 31 -3.50 -3.65 13.08
C PHE A 31 -2.02 -3.56 12.65
N ASP A 32 -1.39 -4.70 12.35
CA ASP A 32 -0.08 -4.80 11.70
C ASP A 32 -0.13 -5.87 10.61
N TRP A 33 0.75 -5.77 9.61
CA TRP A 33 0.73 -6.65 8.44
C TRP A 33 2.15 -7.07 8.03
N TYR A 34 2.39 -8.38 7.88
CA TYR A 34 3.60 -8.92 7.28
C TYR A 34 3.45 -8.87 5.75
N TYR A 35 4.44 -8.34 5.02
CA TYR A 35 4.58 -8.47 3.57
C TYR A 35 5.75 -9.41 3.31
N ASP A 36 5.51 -10.64 2.85
CA ASP A 36 6.54 -11.63 2.57
C ASP A 36 6.65 -11.99 1.10
N THR A 37 6.16 -11.11 0.23
CA THR A 37 6.38 -11.09 -1.22
C THR A 37 6.20 -9.64 -1.69
N ASN A 38 6.63 -9.36 -2.93
CA ASN A 38 6.58 -8.04 -3.55
C ASN A 38 5.13 -7.68 -3.73
N GLU A 39 4.70 -6.51 -3.25
CA GLU A 39 3.31 -6.11 -3.33
C GLU A 39 3.24 -4.65 -3.74
N THR A 40 2.98 -4.43 -5.02
CA THR A 40 2.60 -3.11 -5.52
C THR A 40 1.19 -2.82 -5.02
N CYS A 41 0.89 -1.58 -4.62
CA CYS A 41 -0.47 -1.19 -4.28
C CYS A 41 -0.71 0.28 -4.58
N TYR A 42 -1.84 0.59 -5.23
CA TYR A 42 -2.21 1.89 -5.77
C TYR A 42 -3.38 2.46 -4.97
N ILE A 43 -3.12 3.44 -4.10
CA ILE A 43 -4.11 4.01 -3.20
C ILE A 43 -5.03 4.94 -4.01
N LEU A 44 -6.31 4.59 -4.11
CA LEU A 44 -7.27 5.38 -4.88
C LEU A 44 -8.15 6.26 -4.00
N GLU A 45 -8.39 5.90 -2.73
CA GLU A 45 -9.23 6.66 -1.83
C GLU A 45 -8.89 6.27 -0.39
N GLY A 46 -9.11 7.17 0.57
CA GLY A 46 -8.76 7.00 1.98
C GLY A 46 -7.34 7.45 2.32
N LYS A 47 -6.89 7.15 3.54
CA LYS A 47 -5.59 7.53 4.10
C LYS A 47 -5.09 6.37 4.94
N VAL A 48 -3.76 6.18 4.96
CA VAL A 48 -3.10 5.16 5.76
C VAL A 48 -1.79 5.78 6.29
N GLU A 49 -1.40 5.36 7.48
CA GLU A 49 -0.11 5.57 8.11
C GLU A 49 0.45 4.21 8.47
N VAL A 50 1.64 3.90 7.94
CA VAL A 50 2.35 2.65 8.15
C VAL A 50 3.57 2.99 9.02
N THR A 51 3.65 2.42 10.23
CA THR A 51 4.74 2.67 11.15
C THR A 51 5.55 1.39 11.27
N THR A 52 6.83 1.46 10.92
CA THR A 52 7.68 0.29 10.98
C THR A 52 8.01 -0.07 12.43
N GLU A 53 8.47 -1.29 12.66
CA GLU A 53 8.97 -1.71 13.96
C GLU A 53 10.27 -0.92 14.28
N ASP A 54 11.03 -0.55 13.24
CA ASP A 54 12.17 0.38 13.26
C ASP A 54 11.76 1.80 13.67
N GLY A 55 10.46 2.13 13.63
CA GLY A 55 9.89 3.38 14.12
C GLY A 55 9.52 4.36 13.02
N LYS A 56 9.96 4.14 11.78
CA LYS A 56 9.73 5.01 10.64
C LYS A 56 8.22 5.11 10.41
N LYS A 57 7.63 6.29 10.63
CA LYS A 57 6.29 6.56 10.14
C LYS A 57 6.39 6.68 8.62
N TYR A 58 5.30 6.38 7.94
CA TYR A 58 5.01 6.78 6.57
C TYR A 58 3.56 7.27 6.56
N VAL A 59 3.20 8.04 5.53
CA VAL A 59 1.85 8.46 5.19
C VAL A 59 1.66 7.98 3.75
N ILE A 60 0.44 7.66 3.34
CA ILE A 60 0.08 7.51 1.93
C ILE A 60 -1.33 8.07 1.74
N GLU A 61 -1.46 8.99 0.79
CA GLU A 61 -2.73 9.56 0.37
C GLU A 61 -3.24 8.79 -0.84
N LYS A 62 -4.45 9.13 -1.29
CA LYS A 62 -5.06 8.76 -2.57
C LYS A 62 -4.27 9.31 -3.75
N GLY A 63 -3.08 8.79 -3.96
CA GLY A 63 -2.18 9.16 -5.05
C GLY A 63 -0.77 8.67 -4.86
N ASP A 64 -0.39 8.13 -3.70
CA ASP A 64 0.86 7.40 -3.54
C ASP A 64 0.62 5.99 -4.09
N LEU A 65 1.56 5.46 -4.88
CA LEU A 65 1.68 4.04 -5.17
C LEU A 65 2.86 3.55 -4.33
N VAL A 66 2.72 2.37 -3.75
CA VAL A 66 3.70 1.76 -2.87
C VAL A 66 4.17 0.45 -3.51
N THR A 67 5.35 0.00 -3.13
CA THR A 67 5.85 -1.32 -3.43
C THR A 67 6.51 -1.85 -2.17
N PHE A 68 5.82 -2.73 -1.44
CA PHE A 68 6.39 -3.40 -0.28
C PHE A 68 7.40 -4.47 -0.76
N PRO A 69 8.40 -4.81 0.07
CA PRO A 69 9.38 -5.80 -0.28
C PRO A 69 8.87 -7.20 0.03
N LYS A 70 9.67 -8.17 -0.41
CA LYS A 70 9.56 -9.55 0.03
C LYS A 70 10.26 -9.60 1.38
N GLY A 71 9.55 -9.38 2.49
CA GLY A 71 10.07 -9.53 3.84
C GLY A 71 10.05 -8.22 4.63
N LEU A 72 8.89 -7.84 5.16
CA LEU A 72 8.73 -6.75 6.12
C LEU A 72 7.55 -7.08 7.05
N ARG A 73 7.54 -6.54 8.27
CA ARG A 73 6.49 -6.76 9.27
C ARG A 73 6.30 -5.45 10.04
N CYS A 74 5.27 -4.67 9.72
CA CYS A 74 5.09 -3.30 10.22
C CYS A 74 3.61 -3.00 10.45
N ARG A 75 3.32 -1.97 11.24
CA ARG A 75 1.95 -1.63 11.64
C ARG A 75 1.19 -0.99 10.49
N TRP A 76 -0.13 -1.16 10.50
CA TRP A 76 -1.09 -0.54 9.61
C TRP A 76 -2.16 0.12 10.46
N LYS A 77 -2.04 1.43 10.69
CA LYS A 77 -3.18 2.22 11.14
C LYS A 77 -4.03 2.41 9.88
N VAL A 78 -5.36 2.45 9.97
CA VAL A 78 -6.18 2.89 8.83
C VAL A 78 -7.01 4.08 9.32
N LEU A 79 -6.50 5.29 9.10
CA LEU A 79 -7.18 6.50 9.56
C LEU A 79 -8.48 6.70 8.82
N GLU A 80 -8.57 6.29 7.56
CA GLU A 80 -9.81 6.36 6.80
C GLU A 80 -10.03 5.05 6.06
N PRO A 81 -11.28 4.57 5.91
CA PRO A 81 -11.59 3.32 5.25
C PRO A 81 -11.12 3.35 3.80
N VAL A 82 -9.93 2.82 3.56
CA VAL A 82 -9.17 2.97 2.32
C VAL A 82 -9.67 1.96 1.28
N ARG A 83 -9.40 2.23 0.00
CA ARG A 83 -9.49 1.26 -1.08
C ARG A 83 -8.19 1.33 -1.85
N LYS A 84 -7.59 0.19 -2.17
CA LYS A 84 -6.46 0.14 -3.09
C LYS A 84 -6.58 -1.09 -3.95
N HIS A 85 -6.04 -1.01 -5.16
CA HIS A 85 -5.71 -2.18 -5.94
C HIS A 85 -4.35 -2.63 -5.46
N TYR A 86 -4.20 -3.89 -5.03
CA TYR A 86 -2.90 -4.47 -4.67
C TYR A 86 -2.55 -5.54 -5.70
N ASN A 87 -1.26 -5.86 -5.84
CA ASN A 87 -0.83 -6.98 -6.65
C ASN A 87 0.47 -7.54 -6.13
N LEU A 88 0.40 -8.78 -5.64
CA LEU A 88 1.54 -9.63 -5.33
C LEU A 88 2.26 -9.94 -6.64
N PHE A 89 3.60 -10.03 -6.69
CA PHE A 89 4.30 -10.46 -7.90
C PHE A 89 5.55 -11.25 -7.59
N MET A 1 15.88 -3.97 -0.20
CA MET A 1 15.11 -4.80 0.73
C MET A 1 14.24 -3.93 1.64
N GLU A 2 13.60 -2.88 1.11
CA GLU A 2 12.84 -1.91 1.89
C GLU A 2 11.64 -1.41 1.06
N VAL A 3 10.69 -0.71 1.67
CA VAL A 3 9.52 -0.14 1.00
C VAL A 3 9.91 1.08 0.15
N LYS A 4 9.56 1.04 -1.14
CA LYS A 4 9.48 2.25 -1.97
C LYS A 4 8.02 2.68 -2.01
N ILE A 5 7.75 3.98 -1.95
CA ILE A 5 6.46 4.58 -2.21
C ILE A 5 6.73 5.65 -3.28
N GLU A 6 5.82 5.84 -4.23
CA GLU A 6 6.02 6.86 -5.27
C GLU A 6 4.75 7.40 -5.92
N LYS A 7 4.90 8.37 -6.85
CA LYS A 7 3.81 9.05 -7.53
C LYS A 7 3.92 8.86 -9.06
N PRO A 8 3.43 7.73 -9.58
CA PRO A 8 3.51 7.40 -11.00
C PRO A 8 2.44 8.16 -11.81
N THR A 9 2.55 8.10 -13.14
CA THR A 9 1.57 8.74 -14.02
C THR A 9 0.30 7.90 -14.10
N PRO A 10 -0.87 8.52 -14.31
CA PRO A 10 -2.12 7.81 -14.40
C PRO A 10 -2.13 6.87 -15.61
N GLU A 11 -1.47 7.25 -16.70
CA GLU A 11 -1.34 6.44 -17.91
C GLU A 11 -0.72 5.09 -17.56
N LYS A 12 0.44 5.10 -16.90
CA LYS A 12 1.16 3.88 -16.53
C LYS A 12 0.24 2.97 -15.71
N LEU A 13 -0.57 3.53 -14.82
CA LEU A 13 -1.47 2.79 -13.95
C LEU A 13 -2.56 2.08 -14.77
N LYS A 14 -3.05 2.70 -15.84
CA LYS A 14 -3.95 2.01 -16.75
C LYS A 14 -3.21 0.83 -17.39
N GLU A 15 -2.00 1.04 -17.91
CA GLU A 15 -1.25 0.02 -18.66
C GLU A 15 -0.95 -1.22 -17.81
N LEU A 16 -0.58 -1.00 -16.55
CA LEU A 16 -0.34 -2.02 -15.52
C LEU A 16 -1.53 -2.97 -15.32
N SER A 17 -2.71 -2.60 -15.83
CA SER A 17 -3.96 -3.34 -15.77
C SER A 17 -4.35 -3.60 -14.31
N VAL A 18 -4.14 -2.59 -13.46
CA VAL A 18 -4.51 -2.52 -12.05
C VAL A 18 -6.01 -2.79 -11.86
N GLU A 19 -6.83 -2.44 -12.84
CA GLU A 19 -8.25 -2.81 -12.89
C GLU A 19 -8.50 -4.33 -12.85
N LYS A 20 -7.49 -5.16 -13.12
CA LYS A 20 -7.54 -6.63 -13.11
C LYS A 20 -6.91 -7.21 -11.85
N TRP A 21 -6.31 -6.36 -11.01
CA TRP A 21 -5.70 -6.74 -9.76
C TRP A 21 -6.82 -6.96 -8.73
N PRO A 22 -6.56 -7.60 -7.59
CA PRO A 22 -7.53 -7.67 -6.50
C PRO A 22 -7.71 -6.30 -5.84
N ILE A 23 -8.96 -5.97 -5.48
CA ILE A 23 -9.27 -4.87 -4.56
C ILE A 23 -9.07 -5.42 -3.15
N TRP A 24 -8.73 -4.52 -2.21
CA TRP A 24 -8.97 -4.71 -0.79
C TRP A 24 -9.48 -3.39 -0.23
N GLU A 25 -10.43 -3.47 0.68
CA GLU A 25 -11.04 -2.40 1.46
C GLU A 25 -11.02 -2.78 2.94
N LYS A 26 -10.99 -1.81 3.85
CA LYS A 26 -11.14 -2.07 5.29
C LYS A 26 -11.71 -0.85 5.98
N GLU A 27 -12.18 -1.07 7.20
CA GLU A 27 -12.62 -0.07 8.15
C GLU A 27 -11.43 0.71 8.68
N VAL A 28 -11.76 1.69 9.50
CA VAL A 28 -10.96 2.77 10.07
C VAL A 28 -10.22 2.25 11.31
N SER A 29 -9.58 1.11 11.13
CA SER A 29 -9.06 0.22 12.15
C SER A 29 -7.53 0.35 12.21
N GLU A 30 -6.88 -0.55 12.94
CA GLU A 30 -5.43 -0.58 13.04
C GLU A 30 -4.98 -2.02 13.23
N PHE A 31 -3.93 -2.42 12.51
CA PHE A 31 -3.40 -3.77 12.51
C PHE A 31 -1.92 -3.73 12.14
N ASP A 32 -1.33 -4.87 11.79
CA ASP A 32 0.03 -4.98 11.29
C ASP A 32 0.07 -5.95 10.11
N TRP A 33 1.03 -5.75 9.21
CA TRP A 33 1.23 -6.55 8.01
C TRP A 33 2.68 -7.01 7.94
N TYR A 34 2.86 -8.30 7.62
CA TYR A 34 4.14 -8.90 7.30
C TYR A 34 4.14 -9.12 5.80
N TYR A 35 4.95 -8.36 5.09
CA TYR A 35 5.21 -8.57 3.67
C TYR A 35 6.23 -9.70 3.57
N ASP A 36 5.90 -10.76 2.86
CA ASP A 36 6.79 -11.92 2.66
C ASP A 36 7.00 -12.22 1.17
N THR A 37 6.47 -11.36 0.29
CA THR A 37 6.78 -11.26 -1.14
C THR A 37 6.64 -9.81 -1.56
N ASN A 38 6.96 -9.54 -2.83
CA ASN A 38 6.85 -8.20 -3.38
C ASN A 38 5.36 -7.88 -3.36
N GLU A 39 5.00 -6.66 -2.97
CA GLU A 39 3.61 -6.27 -2.81
C GLU A 39 3.47 -4.83 -3.25
N THR A 40 2.98 -4.63 -4.47
CA THR A 40 2.67 -3.29 -4.93
C THR A 40 1.35 -2.89 -4.23
N CYS A 41 1.09 -1.63 -3.82
CA CYS A 41 -0.31 -1.24 -3.93
C CYS A 41 -0.44 0.14 -4.58
N TYR A 42 -1.63 0.45 -5.06
CA TYR A 42 -2.05 1.76 -5.53
C TYR A 42 -3.31 2.11 -4.76
N ILE A 43 -3.17 3.07 -3.85
CA ILE A 43 -4.23 3.59 -3.02
C ILE A 43 -5.11 4.45 -3.93
N LEU A 44 -6.44 4.28 -3.91
CA LEU A 44 -7.35 5.02 -4.80
C LEU A 44 -8.34 5.89 -4.04
N GLU A 45 -8.60 5.59 -2.77
CA GLU A 45 -9.27 6.47 -1.82
C GLU A 45 -8.78 6.05 -0.43
N GLY A 46 -8.91 6.91 0.58
CA GLY A 46 -8.59 6.60 1.98
C GLY A 46 -7.25 7.15 2.43
N LYS A 47 -6.84 6.80 3.65
CA LYS A 47 -5.51 7.14 4.16
C LYS A 47 -5.00 6.03 5.04
N VAL A 48 -3.70 5.78 4.95
CA VAL A 48 -3.02 4.78 5.77
C VAL A 48 -1.83 5.47 6.40
N GLU A 49 -1.58 5.25 7.68
CA GLU A 49 -0.27 5.44 8.28
C GLU A 49 0.34 4.04 8.36
N VAL A 50 1.56 3.87 7.90
CA VAL A 50 2.31 2.62 8.08
C VAL A 50 3.46 2.97 9.01
N THR A 51 3.81 2.10 9.94
CA THR A 51 4.85 2.39 10.93
C THR A 51 5.72 1.15 11.05
N THR A 52 6.94 1.20 10.55
CA THR A 52 7.84 0.04 10.61
C THR A 52 8.43 -0.07 12.02
N GLU A 53 9.23 -1.09 12.28
CA GLU A 53 9.74 -1.37 13.62
C GLU A 53 10.81 -0.35 14.02
N ASP A 54 11.48 0.24 13.01
CA ASP A 54 12.37 1.39 13.19
C ASP A 54 11.64 2.59 13.80
N GLY A 55 10.33 2.68 13.55
CA GLY A 55 9.51 3.79 14.00
C GLY A 55 9.46 4.95 13.01
N LYS A 56 10.01 4.76 11.80
CA LYS A 56 9.60 5.53 10.63
C LYS A 56 8.09 5.45 10.54
N LYS A 57 7.42 6.58 10.64
CA LYS A 57 6.06 6.70 10.13
C LYS A 57 6.16 6.80 8.62
N TYR A 58 5.10 6.38 7.95
CA TYR A 58 4.89 6.56 6.53
C TYR A 58 3.44 6.97 6.37
N VAL A 59 3.17 7.75 5.33
CA VAL A 59 1.85 8.21 4.92
C VAL A 59 1.72 7.80 3.46
N ILE A 60 0.54 7.37 3.05
CA ILE A 60 0.18 7.12 1.65
C ILE A 60 -1.22 7.72 1.44
N GLU A 61 -1.33 8.66 0.50
CA GLU A 61 -2.60 9.19 0.00
C GLU A 61 -3.12 8.28 -1.11
N LYS A 62 -4.32 8.59 -1.58
CA LYS A 62 -5.09 8.01 -2.69
C LYS A 62 -4.45 8.18 -4.08
N GLY A 63 -3.15 7.96 -4.18
CA GLY A 63 -2.36 8.15 -5.38
C GLY A 63 -0.89 7.81 -5.18
N ASP A 64 -0.48 7.41 -3.97
CA ASP A 64 0.81 6.79 -3.74
C ASP A 64 0.68 5.39 -4.34
N LEU A 65 1.43 5.11 -5.41
CA LEU A 65 1.83 3.74 -5.66
C LEU A 65 2.91 3.42 -4.63
N VAL A 66 3.15 2.14 -4.41
CA VAL A 66 4.05 1.59 -3.44
C VAL A 66 4.39 0.18 -3.81
N THR A 67 5.60 -0.23 -3.44
CA THR A 67 6.12 -1.56 -3.57
C THR A 67 6.82 -1.83 -2.25
N PHE A 68 6.12 -2.51 -1.34
CA PHE A 68 6.72 -3.14 -0.18
C PHE A 68 7.52 -4.34 -0.69
N PRO A 69 8.65 -4.67 -0.05
CA PRO A 69 9.53 -5.70 -0.53
C PRO A 69 9.09 -7.07 -0.02
N LYS A 70 9.78 -8.08 -0.54
CA LYS A 70 9.80 -9.42 -0.03
C LYS A 70 10.55 -9.38 1.29
N GLY A 71 9.82 -9.29 2.41
CA GLY A 71 10.32 -9.29 3.77
C GLY A 71 10.34 -7.89 4.36
N LEU A 72 9.23 -7.48 4.98
CA LEU A 72 9.08 -6.30 5.84
C LEU A 72 8.01 -6.63 6.89
N ARG A 73 8.18 -6.22 8.15
CA ARG A 73 7.24 -6.46 9.25
C ARG A 73 6.92 -5.13 9.89
N CYS A 74 5.69 -4.60 9.69
CA CYS A 74 5.30 -3.28 10.17
C CYS A 74 3.84 -3.18 10.59
N ARG A 75 3.47 -2.08 11.25
CA ARG A 75 2.07 -1.74 11.53
C ARG A 75 1.40 -1.06 10.37
N TRP A 76 0.08 -1.07 10.41
CA TRP A 76 -0.83 -0.63 9.37
C TRP A 76 -2.05 0.04 10.01
N LYS A 77 -2.04 1.36 10.08
CA LYS A 77 -3.05 2.20 10.69
C LYS A 77 -3.96 2.72 9.58
N VAL A 78 -5.27 2.48 9.66
CA VAL A 78 -6.24 2.94 8.66
C VAL A 78 -6.89 4.16 9.28
N LEU A 79 -6.46 5.34 8.84
CA LEU A 79 -7.01 6.56 9.40
C LEU A 79 -8.33 6.89 8.73
N GLU A 80 -8.50 6.49 7.47
CA GLU A 80 -9.76 6.64 6.74
C GLU A 80 -9.92 5.44 5.82
N PRO A 81 -11.16 5.02 5.52
CA PRO A 81 -11.42 3.76 4.85
C PRO A 81 -10.84 3.85 3.45
N VAL A 82 -10.16 2.78 3.06
CA VAL A 82 -9.17 2.84 2.01
C VAL A 82 -9.44 1.70 1.04
N ARG A 83 -9.70 2.06 -0.22
CA ARG A 83 -9.80 1.11 -1.32
C ARG A 83 -8.45 1.18 -2.01
N LYS A 84 -7.69 0.08 -2.01
CA LYS A 84 -6.46 -0.01 -2.79
C LYS A 84 -6.52 -1.23 -3.67
N HIS A 85 -5.91 -1.13 -4.84
CA HIS A 85 -5.54 -2.30 -5.62
C HIS A 85 -4.19 -2.72 -5.08
N TYR A 86 -4.02 -3.99 -4.74
CA TYR A 86 -2.73 -4.56 -4.35
C TYR A 86 -2.39 -5.64 -5.37
N ASN A 87 -1.12 -6.05 -5.46
CA ASN A 87 -0.75 -7.19 -6.28
C ASN A 87 0.51 -7.82 -5.70
N LEU A 88 0.40 -9.10 -5.34
CA LEU A 88 1.50 -9.97 -4.95
C LEU A 88 2.25 -10.35 -6.23
N PHE A 89 3.59 -10.30 -6.26
CA PHE A 89 4.37 -10.57 -7.46
C PHE A 89 5.82 -10.90 -7.10
N MET A 1 17.13 -0.16 0.53
CA MET A 1 16.06 0.77 0.94
C MET A 1 14.86 -0.04 1.39
N GLU A 2 13.94 0.57 2.16
CA GLU A 2 12.68 -0.09 2.50
C GLU A 2 11.51 0.72 1.95
N VAL A 3 10.38 0.02 1.73
CA VAL A 3 9.06 0.50 1.34
C VAL A 3 9.18 1.53 0.21
N LYS A 4 9.24 1.03 -1.02
CA LYS A 4 9.30 1.91 -2.18
C LYS A 4 7.98 2.65 -2.29
N ILE A 5 7.99 3.98 -2.13
CA ILE A 5 6.85 4.84 -2.44
C ILE A 5 7.25 5.66 -3.67
N GLU A 6 6.29 6.01 -4.52
CA GLU A 6 6.44 7.01 -5.57
C GLU A 6 5.06 7.55 -5.96
N LYS A 7 5.03 8.55 -6.84
CA LYS A 7 3.80 9.10 -7.42
C LYS A 7 3.81 8.78 -8.93
N PRO A 8 3.35 7.61 -9.37
CA PRO A 8 3.35 7.20 -10.76
C PRO A 8 2.35 7.99 -11.58
N THR A 9 2.44 7.89 -12.90
CA THR A 9 1.55 8.60 -13.79
C THR A 9 0.26 7.78 -13.96
N PRO A 10 -0.89 8.44 -14.20
CA PRO A 10 -2.14 7.76 -14.47
C PRO A 10 -2.07 6.92 -15.75
N GLU A 11 -1.29 7.34 -16.76
CA GLU A 11 -1.03 6.50 -17.93
C GLU A 11 -0.28 5.23 -17.53
N LYS A 12 0.80 5.35 -16.76
CA LYS A 12 1.58 4.17 -16.37
C LYS A 12 0.71 3.14 -15.66
N LEU A 13 -0.21 3.62 -14.82
CA LEU A 13 -1.13 2.74 -14.12
C LEU A 13 -2.06 1.98 -15.08
N LYS A 14 -2.36 2.52 -16.27
CA LYS A 14 -3.07 1.76 -17.31
C LYS A 14 -2.22 0.62 -17.81
N GLU A 15 -0.92 0.86 -18.05
CA GLU A 15 -0.03 -0.13 -18.63
C GLU A 15 0.05 -1.35 -17.73
N LEU A 16 0.23 -1.07 -16.45
CA LEU A 16 0.32 -2.03 -15.35
C LEU A 16 -0.99 -2.78 -15.12
N SER A 17 -2.06 -2.42 -15.86
CA SER A 17 -3.36 -3.09 -15.84
C SER A 17 -3.95 -3.12 -14.43
N VAL A 18 -3.71 -2.11 -13.59
CA VAL A 18 -4.17 -2.06 -12.20
C VAL A 18 -5.69 -2.22 -12.10
N GLU A 19 -6.44 -1.92 -13.16
CA GLU A 19 -7.86 -2.26 -13.29
C GLU A 19 -8.15 -3.76 -13.09
N LYS A 20 -7.21 -4.64 -13.42
CA LYS A 20 -7.45 -6.09 -13.47
C LYS A 20 -7.28 -6.70 -12.09
N TRP A 21 -6.56 -6.00 -11.22
CA TRP A 21 -5.96 -6.53 -10.01
C TRP A 21 -7.07 -6.79 -8.98
N PRO A 22 -6.82 -7.56 -7.92
CA PRO A 22 -7.79 -7.70 -6.84
C PRO A 22 -7.94 -6.37 -6.09
N ILE A 23 -9.18 -5.95 -5.84
CA ILE A 23 -9.46 -4.86 -4.90
C ILE A 23 -9.15 -5.38 -3.51
N TRP A 24 -8.65 -4.50 -2.65
CA TRP A 24 -8.64 -4.70 -1.23
C TRP A 24 -9.00 -3.40 -0.55
N GLU A 25 -9.78 -3.52 0.51
CA GLU A 25 -10.17 -2.47 1.43
C GLU A 25 -9.87 -2.95 2.85
N LYS A 26 -9.86 -2.00 3.78
CA LYS A 26 -9.86 -2.24 5.21
C LYS A 26 -10.60 -1.08 5.85
N GLU A 27 -11.08 -1.31 7.07
CA GLU A 27 -11.66 -0.27 7.87
C GLU A 27 -10.59 0.50 8.63
N VAL A 28 -11.05 1.54 9.32
CA VAL A 28 -10.31 2.51 10.15
C VAL A 28 -9.67 1.87 11.40
N SER A 29 -9.66 0.56 11.46
CA SER A 29 -9.09 -0.26 12.49
C SER A 29 -7.66 -0.58 12.15
N GLU A 30 -6.77 -0.44 13.12
CA GLU A 30 -5.37 -0.77 12.99
C GLU A 30 -5.17 -2.28 12.96
N PHE A 31 -3.97 -2.69 12.60
CA PHE A 31 -3.46 -4.05 12.67
C PHE A 31 -1.95 -3.93 12.49
N ASP A 32 -1.25 -5.04 12.36
CA ASP A 32 0.05 -5.10 11.71
C ASP A 32 -0.06 -6.11 10.60
N TRP A 33 0.67 -5.86 9.51
CA TRP A 33 0.79 -6.83 8.43
C TRP A 33 2.23 -7.32 8.32
N TYR A 34 2.38 -8.54 7.80
CA TYR A 34 3.64 -9.14 7.41
C TYR A 34 3.50 -9.51 5.93
N TYR A 35 4.14 -8.74 5.06
CA TYR A 35 4.21 -9.00 3.63
C TYR A 35 5.27 -10.08 3.44
N ASP A 36 4.89 -11.33 3.17
CA ASP A 36 5.83 -12.44 2.98
C ASP A 36 5.99 -12.87 1.53
N THR A 37 5.48 -12.07 0.59
CA THR A 37 5.85 -11.97 -0.83
C THR A 37 5.67 -10.50 -1.26
N ASN A 38 6.18 -10.15 -2.44
CA ASN A 38 6.11 -8.81 -3.03
C ASN A 38 4.64 -8.42 -3.14
N GLU A 39 4.32 -7.18 -2.81
CA GLU A 39 2.98 -6.65 -2.97
C GLU A 39 3.09 -5.21 -3.43
N THR A 40 2.66 -4.93 -4.65
CA THR A 40 2.39 -3.55 -5.06
C THR A 40 1.01 -3.18 -4.50
N CYS A 41 0.76 -1.91 -4.16
CA CYS A 41 -0.60 -1.41 -4.08
C CYS A 41 -0.69 0.05 -4.53
N TYR A 42 -1.72 0.36 -5.31
CA TYR A 42 -2.08 1.70 -5.77
C TYR A 42 -3.22 2.20 -4.89
N ILE A 43 -2.95 3.20 -4.06
CA ILE A 43 -3.94 3.84 -3.20
C ILE A 43 -4.83 4.75 -4.06
N LEU A 44 -6.14 4.49 -4.06
CA LEU A 44 -7.11 5.33 -4.78
C LEU A 44 -7.87 6.25 -3.85
N GLU A 45 -8.00 5.90 -2.56
CA GLU A 45 -8.76 6.68 -1.57
C GLU A 45 -8.48 6.12 -0.17
N GLY A 46 -8.71 6.95 0.87
CA GLY A 46 -8.55 6.59 2.28
C GLY A 46 -7.42 7.38 2.94
N LYS A 47 -7.06 7.04 4.19
CA LYS A 47 -5.84 7.52 4.83
C LYS A 47 -5.21 6.37 5.58
N VAL A 48 -3.90 6.46 5.71
CA VAL A 48 -2.94 5.51 6.19
C VAL A 48 -1.73 6.15 6.77
N GLU A 49 -1.31 5.62 7.91
CA GLU A 49 0.04 5.72 8.35
C GLU A 49 0.55 4.33 8.71
N VAL A 50 1.42 3.78 7.88
CA VAL A 50 2.18 2.58 8.22
C VAL A 50 3.38 3.03 9.03
N THR A 51 3.81 2.21 9.99
CA THR A 51 5.00 2.47 10.79
C THR A 51 5.72 1.14 10.95
N THR A 52 6.94 1.02 10.42
CA THR A 52 7.76 -0.17 10.63
C THR A 52 8.10 -0.30 12.12
N GLU A 53 8.66 -1.44 12.51
CA GLU A 53 9.19 -1.63 13.86
C GLU A 53 10.21 -0.52 14.20
N ASP A 54 10.98 -0.10 13.19
CA ASP A 54 12.06 0.88 13.20
C ASP A 54 11.61 2.32 13.51
N GLY A 55 10.31 2.56 13.70
CA GLY A 55 9.77 3.89 13.99
C GLY A 55 9.75 4.82 12.77
N LYS A 56 10.07 4.30 11.58
CA LYS A 56 9.84 5.01 10.33
C LYS A 56 8.35 5.00 10.06
N LYS A 57 7.72 6.14 10.35
CA LYS A 57 6.34 6.42 9.98
C LYS A 57 6.31 6.73 8.48
N TYR A 58 5.23 6.34 7.82
CA TYR A 58 4.95 6.59 6.40
C TYR A 58 3.45 6.88 6.27
N VAL A 59 3.10 8.13 6.01
CA VAL A 59 1.77 8.49 5.53
C VAL A 59 1.64 7.98 4.10
N ILE A 60 0.50 7.41 3.74
CA ILE A 60 0.13 7.16 2.37
C ILE A 60 -1.21 7.81 2.07
N GLU A 61 -1.37 8.27 0.83
CA GLU A 61 -2.65 8.76 0.39
C GLU A 61 -2.93 8.38 -1.05
N LYS A 62 -4.08 8.84 -1.54
CA LYS A 62 -4.58 8.68 -2.91
C LYS A 62 -3.64 9.36 -3.92
N GLY A 63 -2.62 8.62 -4.32
CA GLY A 63 -1.62 9.00 -5.32
C GLY A 63 -0.23 8.46 -5.00
N ASP A 64 0.00 7.92 -3.82
CA ASP A 64 1.25 7.29 -3.43
C ASP A 64 1.11 5.81 -3.79
N LEU A 65 1.79 5.36 -4.86
CA LEU A 65 1.93 3.93 -5.15
C LEU A 65 2.98 3.37 -4.20
N VAL A 66 2.82 2.11 -3.77
CA VAL A 66 3.76 1.46 -2.88
C VAL A 66 4.16 0.10 -3.46
N THR A 67 5.33 -0.41 -3.09
CA THR A 67 5.70 -1.81 -3.24
C THR A 67 6.45 -2.26 -1.98
N PHE A 68 5.91 -3.32 -1.36
CA PHE A 68 6.53 -4.03 -0.26
C PHE A 68 7.47 -5.12 -0.80
N PRO A 69 8.51 -5.51 -0.04
CA PRO A 69 9.41 -6.58 -0.40
C PRO A 69 8.77 -7.93 -0.07
N LYS A 70 9.49 -8.99 -0.34
CA LYS A 70 9.18 -10.30 0.20
C LYS A 70 9.83 -10.36 1.59
N GLY A 71 9.01 -10.23 2.63
CA GLY A 71 9.36 -10.52 4.01
C GLY A 71 9.65 -9.25 4.81
N LEU A 72 8.64 -8.39 4.98
CA LEU A 72 8.66 -7.18 5.81
C LEU A 72 7.52 -7.26 6.82
N ARG A 73 7.71 -6.70 8.01
CA ARG A 73 6.71 -6.55 9.06
C ARG A 73 6.47 -5.07 9.33
N CYS A 74 5.23 -4.66 9.60
CA CYS A 74 4.97 -3.33 10.14
C CYS A 74 3.53 -3.19 10.65
N ARG A 75 3.27 -2.16 11.46
CA ARG A 75 1.90 -1.78 11.77
C ARG A 75 1.29 -1.03 10.61
N TRP A 76 -0.01 -1.22 10.39
CA TRP A 76 -0.82 -0.27 9.65
C TRP A 76 -1.65 0.48 10.68
N LYS A 77 -1.79 1.79 10.53
CA LYS A 77 -2.88 2.54 11.15
C LYS A 77 -3.69 3.05 9.97
N VAL A 78 -4.83 2.42 9.71
CA VAL A 78 -5.77 2.86 8.71
C VAL A 78 -6.47 4.03 9.37
N LEU A 79 -6.15 5.23 8.91
CA LEU A 79 -6.70 6.45 9.50
C LEU A 79 -8.01 6.82 8.80
N GLU A 80 -8.30 6.26 7.63
CA GLU A 80 -9.64 6.22 7.04
C GLU A 80 -9.79 4.98 6.17
N PRO A 81 -11.01 4.42 6.03
CA PRO A 81 -11.27 3.18 5.31
C PRO A 81 -10.79 3.31 3.86
N VAL A 82 -9.77 2.52 3.51
CA VAL A 82 -9.03 2.65 2.27
C VAL A 82 -9.72 1.85 1.16
N ARG A 83 -9.34 2.14 -0.10
CA ARG A 83 -9.46 1.21 -1.21
C ARG A 83 -8.14 1.29 -1.98
N LYS A 84 -7.47 0.16 -2.12
CA LYS A 84 -6.30 0.05 -2.97
C LYS A 84 -6.41 -1.21 -3.82
N HIS A 85 -6.01 -1.09 -5.08
CA HIS A 85 -5.75 -2.25 -5.92
C HIS A 85 -4.38 -2.73 -5.44
N TYR A 86 -4.33 -3.83 -4.68
CA TYR A 86 -3.07 -4.51 -4.42
C TYR A 86 -2.81 -5.47 -5.57
N ASN A 87 -1.57 -5.90 -5.75
CA ASN A 87 -1.35 -7.18 -6.37
C ASN A 87 -0.08 -7.81 -5.82
N LEU A 88 -0.14 -9.10 -5.60
CA LEU A 88 1.02 -9.94 -5.27
C LEU A 88 1.88 -10.08 -6.53
N PHE A 89 3.13 -10.52 -6.38
CA PHE A 89 3.90 -11.09 -7.49
C PHE A 89 4.95 -12.00 -6.91
N MET A 1 14.59 -2.70 -3.94
CA MET A 1 15.02 -2.76 -2.52
C MET A 1 14.08 -1.97 -1.62
N GLU A 2 13.88 -2.45 -0.39
CA GLU A 2 13.00 -1.92 0.66
C GLU A 2 11.59 -1.60 0.18
N VAL A 3 10.72 -1.05 1.03
CA VAL A 3 9.46 -0.50 0.57
C VAL A 3 9.75 0.75 -0.25
N LYS A 4 9.06 0.89 -1.38
CA LYS A 4 9.08 2.09 -2.19
C LYS A 4 7.71 2.73 -2.13
N ILE A 5 7.67 4.04 -1.98
CA ILE A 5 6.47 4.88 -1.91
C ILE A 5 6.79 6.08 -2.80
N GLU A 6 6.11 6.23 -3.94
CA GLU A 6 6.29 7.34 -4.86
C GLU A 6 4.95 7.73 -5.46
N LYS A 7 4.90 8.82 -6.24
CA LYS A 7 3.69 9.23 -6.93
C LYS A 7 3.89 9.10 -8.45
N PRO A 8 3.72 7.89 -9.02
CA PRO A 8 4.02 7.63 -10.42
C PRO A 8 2.96 8.21 -11.38
N THR A 9 3.30 8.27 -12.67
CA THR A 9 2.44 8.80 -13.73
C THR A 9 1.14 7.96 -13.85
N PRO A 10 -0.03 8.53 -14.15
CA PRO A 10 -1.27 7.76 -14.33
C PRO A 10 -1.21 6.81 -15.53
N GLU A 11 -0.34 7.08 -16.51
CA GLU A 11 -0.21 6.33 -17.75
C GLU A 11 0.22 4.89 -17.44
N LYS A 12 1.39 4.73 -16.81
CA LYS A 12 1.95 3.41 -16.54
C LYS A 12 0.97 2.56 -15.72
N LEU A 13 0.23 3.16 -14.78
CA LEU A 13 -0.84 2.49 -14.03
C LEU A 13 -1.94 1.92 -14.90
N LYS A 14 -2.38 2.63 -15.95
CA LYS A 14 -3.34 2.06 -16.88
C LYS A 14 -2.73 0.79 -17.47
N GLU A 15 -1.51 0.87 -17.97
CA GLU A 15 -0.84 -0.23 -18.67
C GLU A 15 -0.60 -1.43 -17.75
N LEU A 16 -0.34 -1.15 -16.48
CA LEU A 16 -0.13 -2.13 -15.42
C LEU A 16 -1.36 -3.01 -15.14
N SER A 17 -2.50 -2.72 -15.77
CA SER A 17 -3.78 -3.41 -15.66
C SER A 17 -4.42 -3.35 -14.27
N VAL A 18 -4.14 -2.31 -13.48
CA VAL A 18 -4.52 -2.23 -12.07
C VAL A 18 -6.02 -2.40 -11.85
N GLU A 19 -6.89 -1.95 -12.76
CA GLU A 19 -8.33 -2.17 -12.59
C GLU A 19 -8.72 -3.65 -12.59
N LYS A 20 -7.89 -4.50 -13.18
CA LYS A 20 -8.05 -5.95 -13.27
C LYS A 20 -7.41 -6.64 -12.07
N TRP A 21 -6.68 -5.92 -11.22
CA TRP A 21 -6.06 -6.48 -10.04
C TRP A 21 -7.15 -6.72 -9.00
N PRO A 22 -6.91 -7.54 -7.97
CA PRO A 22 -7.86 -7.70 -6.90
C PRO A 22 -8.01 -6.41 -6.08
N ILE A 23 -9.25 -6.02 -5.82
CA ILE A 23 -9.62 -5.01 -4.83
C ILE A 23 -9.35 -5.59 -3.44
N TRP A 24 -9.01 -4.70 -2.53
CA TRP A 24 -9.06 -4.93 -1.10
C TRP A 24 -9.46 -3.62 -0.43
N GLU A 25 -10.24 -3.71 0.65
CA GLU A 25 -10.70 -2.63 1.50
C GLU A 25 -10.64 -3.10 2.96
N LYS A 26 -10.68 -2.20 3.94
CA LYS A 26 -10.66 -2.57 5.37
C LYS A 26 -11.49 -1.56 6.19
N GLU A 27 -11.68 -1.86 7.48
CA GLU A 27 -12.16 -0.97 8.53
C GLU A 27 -11.14 0.09 8.88
N VAL A 28 -11.54 0.92 9.84
CA VAL A 28 -10.88 2.14 10.29
C VAL A 28 -10.01 1.91 11.56
N SER A 29 -9.87 0.64 11.98
CA SER A 29 -8.99 0.26 13.07
C SER A 29 -7.56 0.14 12.54
N GLU A 30 -6.59 -0.06 13.43
CA GLU A 30 -5.20 -0.36 13.08
C GLU A 30 -4.96 -1.87 13.21
N PHE A 31 -3.91 -2.37 12.57
CA PHE A 31 -3.38 -3.73 12.73
C PHE A 31 -1.91 -3.74 12.32
N ASP A 32 -1.26 -4.90 12.46
CA ASP A 32 0.07 -5.21 11.99
C ASP A 32 -0.06 -6.10 10.76
N TRP A 33 0.63 -5.70 9.69
CA TRP A 33 0.72 -6.50 8.47
C TRP A 33 2.17 -6.90 8.19
N TYR A 34 2.37 -8.08 7.62
CA TYR A 34 3.67 -8.58 7.17
C TYR A 34 3.59 -8.79 5.65
N TYR A 35 4.67 -8.52 4.95
CA TYR A 35 4.79 -8.75 3.51
C TYR A 35 5.90 -9.77 3.33
N ASP A 36 5.57 -10.99 2.93
CA ASP A 36 6.50 -12.11 2.79
C ASP A 36 6.79 -12.44 1.33
N THR A 37 6.23 -11.65 0.40
CA THR A 37 6.43 -11.64 -1.05
C THR A 37 6.11 -10.22 -1.54
N ASN A 38 6.60 -9.87 -2.74
CA ASN A 38 6.49 -8.53 -3.29
C ASN A 38 5.02 -8.26 -3.50
N GLU A 39 4.56 -7.14 -2.97
CA GLU A 39 3.19 -6.71 -3.12
C GLU A 39 3.22 -5.24 -3.47
N THR A 40 2.88 -4.94 -4.71
CA THR A 40 2.59 -3.61 -5.17
C THR A 40 1.13 -3.35 -4.77
N CYS A 41 0.84 -2.17 -4.23
CA CYS A 41 -0.53 -1.70 -4.16
C CYS A 41 -0.60 -0.24 -4.59
N TYR A 42 -1.80 0.16 -5.02
CA TYR A 42 -2.08 1.47 -5.57
C TYR A 42 -3.35 1.99 -4.91
N ILE A 43 -3.21 3.10 -4.19
CA ILE A 43 -4.26 3.80 -3.47
C ILE A 43 -5.15 4.52 -4.47
N LEU A 44 -6.45 4.54 -4.17
CA LEU A 44 -7.42 5.34 -4.91
C LEU A 44 -8.21 6.21 -3.95
N GLU A 45 -8.54 5.71 -2.76
CA GLU A 45 -9.19 6.50 -1.71
C GLU A 45 -8.78 5.94 -0.35
N GLY A 46 -8.91 6.76 0.69
CA GLY A 46 -8.64 6.44 2.09
C GLY A 46 -7.29 6.97 2.60
N LYS A 47 -7.04 6.73 3.90
CA LYS A 47 -5.86 7.24 4.61
C LYS A 47 -5.34 6.17 5.58
N VAL A 48 -4.06 6.27 5.87
CA VAL A 48 -3.11 5.38 6.41
C VAL A 48 -1.99 6.17 6.95
N GLU A 49 -1.40 5.59 7.97
CA GLU A 49 -0.03 5.82 8.28
C GLU A 49 0.53 4.43 8.58
N VAL A 50 1.48 3.93 7.77
CA VAL A 50 2.21 2.68 8.04
C VAL A 50 3.43 3.03 8.84
N THR A 51 3.56 2.43 10.02
CA THR A 51 4.68 2.69 10.88
C THR A 51 5.54 1.43 10.92
N THR A 52 6.79 1.56 10.57
CA THR A 52 7.74 0.46 10.57
C THR A 52 8.13 0.15 12.02
N GLU A 53 8.98 -0.86 12.27
CA GLU A 53 9.55 -1.00 13.62
C GLU A 53 10.58 0.09 13.91
N ASP A 54 11.18 0.65 12.85
CA ASP A 54 12.16 1.73 12.91
C ASP A 54 11.54 3.04 13.42
N GLY A 55 10.21 3.09 13.58
CA GLY A 55 9.43 4.23 14.07
C GLY A 55 9.03 5.19 12.96
N LYS A 56 9.62 5.06 11.77
CA LYS A 56 9.35 5.87 10.59
C LYS A 56 7.88 5.64 10.21
N LYS A 57 7.18 6.71 9.86
CA LYS A 57 5.74 6.69 9.64
C LYS A 57 5.47 7.13 8.21
N TYR A 58 4.67 6.35 7.51
CA TYR A 58 4.40 6.41 6.09
C TYR A 58 2.89 6.45 5.86
N VAL A 59 2.38 7.64 5.93
CA VAL A 59 1.19 8.13 5.27
C VAL A 59 1.23 7.92 3.77
N ILE A 60 0.57 6.85 3.40
CA ILE A 60 0.06 6.74 2.09
C ILE A 60 -1.28 7.52 1.99
N GLU A 61 -1.70 7.95 0.81
CA GLU A 61 -2.99 8.53 0.55
C GLU A 61 -3.26 8.35 -0.94
N LYS A 62 -4.42 8.82 -1.41
CA LYS A 62 -4.91 8.70 -2.78
C LYS A 62 -3.99 9.48 -3.72
N GLY A 63 -2.88 8.86 -4.10
CA GLY A 63 -1.80 9.58 -4.75
C GLY A 63 -0.44 8.90 -4.72
N ASP A 64 -0.24 7.85 -3.91
CA ASP A 64 1.07 7.32 -3.58
C ASP A 64 1.09 5.82 -3.88
N LEU A 65 1.73 5.37 -4.96
CA LEU A 65 1.92 3.94 -5.20
C LEU A 65 2.84 3.42 -4.11
N VAL A 66 2.70 2.15 -3.75
CA VAL A 66 3.67 1.47 -2.89
C VAL A 66 4.09 0.16 -3.55
N THR A 67 5.27 -0.33 -3.18
CA THR A 67 5.72 -1.70 -3.38
C THR A 67 6.57 -2.11 -2.19
N PHE A 68 6.06 -3.02 -1.36
CA PHE A 68 6.85 -3.66 -0.31
C PHE A 68 7.74 -4.73 -0.93
N PRO A 69 8.86 -5.09 -0.29
CA PRO A 69 9.65 -6.21 -0.74
C PRO A 69 9.04 -7.52 -0.25
N LYS A 70 9.71 -8.59 -0.67
CA LYS A 70 9.58 -9.92 -0.12
C LYS A 70 10.33 -9.94 1.22
N GLY A 71 9.62 -9.65 2.31
CA GLY A 71 10.12 -9.74 3.67
C GLY A 71 10.16 -8.37 4.34
N LEU A 72 9.08 -7.98 5.03
CA LEU A 72 8.98 -6.78 5.85
C LEU A 72 7.90 -6.96 6.94
N ARG A 73 8.04 -6.29 8.09
CA ARG A 73 7.10 -6.27 9.21
C ARG A 73 6.82 -4.81 9.59
N CYS A 74 5.55 -4.38 9.59
CA CYS A 74 5.18 -3.02 9.97
C CYS A 74 3.71 -2.96 10.40
N ARG A 75 3.28 -1.86 11.02
CA ARG A 75 1.85 -1.60 11.24
C ARG A 75 1.15 -1.09 10.01
N TRP A 76 -0.16 -0.98 10.12
CA TRP A 76 -1.07 -0.28 9.22
C TRP A 76 -2.15 0.38 10.09
N LYS A 77 -1.98 1.66 10.47
CA LYS A 77 -3.05 2.42 11.13
C LYS A 77 -4.01 2.89 10.05
N VAL A 78 -5.20 2.30 9.90
CA VAL A 78 -6.12 2.63 8.79
C VAL A 78 -6.93 3.83 9.29
N LEU A 79 -6.39 5.00 9.07
CA LEU A 79 -7.02 6.24 9.49
C LEU A 79 -8.34 6.45 8.73
N GLU A 80 -8.48 5.96 7.49
CA GLU A 80 -9.76 5.89 6.79
C GLU A 80 -9.83 4.61 5.96
N PRO A 81 -11.06 4.10 5.68
CA PRO A 81 -11.30 2.78 5.10
C PRO A 81 -10.81 2.68 3.64
N VAL A 82 -9.52 2.38 3.51
CA VAL A 82 -8.76 2.56 2.30
C VAL A 82 -9.13 1.50 1.29
N ARG A 83 -9.28 1.89 0.02
CA ARG A 83 -9.58 1.00 -1.08
C ARG A 83 -8.37 1.11 -2.00
N LYS A 84 -7.56 0.06 -2.01
CA LYS A 84 -6.36 -0.02 -2.85
C LYS A 84 -6.46 -1.29 -3.68
N HIS A 85 -6.00 -1.23 -4.92
CA HIS A 85 -5.75 -2.43 -5.70
C HIS A 85 -4.41 -2.97 -5.20
N TYR A 86 -4.28 -4.27 -4.99
CA TYR A 86 -2.99 -4.90 -4.65
C TYR A 86 -2.69 -5.99 -5.67
N ASN A 87 -1.45 -6.47 -5.79
CA ASN A 87 -1.14 -7.67 -6.56
C ASN A 87 0.17 -8.27 -6.06
N LEU A 88 0.21 -9.60 -5.92
CA LEU A 88 1.38 -10.35 -5.44
C LEU A 88 2.20 -10.82 -6.65
N PHE A 89 3.54 -10.89 -6.53
CA PHE A 89 4.47 -11.25 -7.62
C PHE A 89 5.91 -11.36 -7.11
N MET A 1 15.54 2.23 0.50
CA MET A 1 15.79 0.88 0.00
C MET A 1 14.56 0.01 0.15
N GLU A 2 13.81 0.23 1.24
CA GLU A 2 12.61 -0.55 1.54
C GLU A 2 11.37 0.30 1.36
N VAL A 3 10.25 -0.37 1.21
CA VAL A 3 8.99 0.32 0.90
C VAL A 3 9.13 1.48 -0.11
N LYS A 4 8.95 1.19 -1.39
CA LYS A 4 9.06 2.21 -2.44
C LYS A 4 7.77 3.01 -2.55
N ILE A 5 7.77 4.21 -1.98
CA ILE A 5 6.61 5.08 -2.04
C ILE A 5 6.86 6.28 -2.93
N GLU A 6 5.99 6.47 -3.92
CA GLU A 6 6.10 7.59 -4.85
C GLU A 6 4.81 7.81 -5.61
N LYS A 7 4.80 8.82 -6.49
CA LYS A 7 3.62 9.13 -7.28
C LYS A 7 3.86 8.83 -8.76
N PRO A 8 3.67 7.56 -9.15
CA PRO A 8 3.87 7.13 -10.53
C PRO A 8 2.81 7.71 -11.47
N THR A 9 3.24 8.13 -12.65
CA THR A 9 2.33 8.67 -13.65
C THR A 9 1.11 7.76 -13.86
N PRO A 10 -0.04 8.38 -14.15
CA PRO A 10 -1.28 7.64 -14.39
C PRO A 10 -1.24 6.83 -15.69
N GLU A 11 -0.21 7.06 -16.49
CA GLU A 11 -0.06 6.36 -17.77
C GLU A 11 0.43 4.93 -17.55
N LYS A 12 1.50 4.79 -16.77
CA LYS A 12 2.07 3.47 -16.49
C LYS A 12 1.05 2.59 -15.78
N LEU A 13 0.21 3.20 -14.94
CA LEU A 13 -0.81 2.47 -14.20
C LEU A 13 -1.81 1.82 -15.15
N LYS A 14 -2.22 2.57 -16.17
CA LYS A 14 -3.17 2.05 -17.16
C LYS A 14 -2.63 0.80 -17.83
N GLU A 15 -1.31 0.75 -18.01
CA GLU A 15 -0.67 -0.40 -18.66
C GLU A 15 -0.57 -1.57 -17.68
N LEU A 16 -0.26 -1.27 -16.42
CA LEU A 16 -0.15 -2.27 -15.36
C LEU A 16 -1.47 -3.02 -15.18
N SER A 17 -2.56 -2.43 -15.67
CA SER A 17 -3.88 -3.03 -15.55
C SER A 17 -4.28 -3.14 -14.09
N VAL A 18 -4.02 -2.09 -13.32
CA VAL A 18 -4.35 -2.08 -11.90
C VAL A 18 -5.84 -2.35 -11.68
N GLU A 19 -6.64 -2.06 -12.70
CA GLU A 19 -8.09 -2.26 -12.63
C GLU A 19 -8.44 -3.74 -12.68
N LYS A 20 -7.50 -4.56 -13.16
CA LYS A 20 -7.71 -5.99 -13.24
C LYS A 20 -7.25 -6.68 -11.97
N TRP A 21 -6.61 -5.92 -11.07
CA TRP A 21 -6.10 -6.46 -9.83
C TRP A 21 -7.21 -6.60 -8.80
N PRO A 22 -7.05 -7.52 -7.84
CA PRO A 22 -8.04 -7.74 -6.79
C PRO A 22 -8.13 -6.58 -5.81
N ILE A 23 -9.34 -6.12 -5.54
CA ILE A 23 -9.55 -5.02 -4.60
C ILE A 23 -9.52 -5.53 -3.16
N TRP A 24 -8.92 -4.73 -2.28
CA TRP A 24 -8.85 -5.08 -0.86
C TRP A 24 -9.08 -3.85 0.01
N GLU A 25 -10.16 -3.88 0.79
CA GLU A 25 -10.48 -2.79 1.69
C GLU A 25 -10.42 -3.24 3.14
N LYS A 26 -10.16 -2.29 4.04
CA LYS A 26 -10.09 -2.57 5.47
C LYS A 26 -10.85 -1.52 6.27
N GLU A 27 -11.16 -1.86 7.52
CA GLU A 27 -11.86 -0.93 8.41
C GLU A 27 -10.97 0.24 8.80
N VAL A 28 -11.54 1.17 9.56
CA VAL A 28 -10.80 2.35 10.01
C VAL A 28 -9.89 2.00 11.19
N SER A 29 -9.97 0.76 11.65
CA SER A 29 -9.13 0.34 12.75
C SER A 29 -7.71 0.05 12.31
N GLU A 30 -6.83 -0.22 13.27
CA GLU A 30 -5.44 -0.46 12.98
C GLU A 30 -5.10 -1.94 13.16
N PHE A 31 -3.86 -2.30 12.81
CA PHE A 31 -3.42 -3.70 12.89
C PHE A 31 -1.98 -3.82 12.40
N ASP A 32 -1.46 -5.04 12.43
CA ASP A 32 -0.09 -5.32 12.01
C ASP A 32 -0.05 -6.30 10.83
N TRP A 33 0.35 -5.84 9.66
CA TRP A 33 0.41 -6.70 8.47
C TRP A 33 1.83 -7.20 8.27
N TYR A 34 1.92 -8.37 7.66
CA TYR A 34 3.23 -8.96 7.38
C TYR A 34 3.31 -9.42 5.93
N TYR A 35 4.18 -8.76 5.16
CA TYR A 35 4.36 -9.11 3.76
C TYR A 35 5.50 -10.12 3.60
N ASP A 36 5.25 -11.14 2.78
CA ASP A 36 6.23 -12.18 2.53
C ASP A 36 6.49 -12.34 1.04
N THR A 37 6.21 -11.28 0.27
CA THR A 37 6.40 -11.30 -1.17
C THR A 37 6.02 -9.95 -1.79
N ASN A 38 6.67 -9.61 -2.89
CA ASN A 38 6.41 -8.36 -3.59
C ASN A 38 4.91 -8.20 -3.86
N GLU A 39 4.25 -7.34 -3.08
CA GLU A 39 2.83 -7.12 -3.23
C GLU A 39 2.56 -5.64 -3.47
N THR A 40 2.67 -5.22 -4.74
CA THR A 40 2.42 -3.83 -5.09
C THR A 40 0.99 -3.42 -4.74
N CYS A 41 0.83 -2.15 -4.37
CA CYS A 41 -0.48 -1.62 -4.02
C CYS A 41 -0.60 -0.15 -4.44
N TYR A 42 -1.73 0.18 -5.06
CA TYR A 42 -1.97 1.55 -5.52
C TYR A 42 -3.16 2.16 -4.80
N ILE A 43 -2.90 3.23 -4.03
CA ILE A 43 -3.95 3.90 -3.28
C ILE A 43 -4.78 4.78 -4.19
N LEU A 44 -6.10 4.72 -4.02
CA LEU A 44 -7.02 5.52 -4.82
C LEU A 44 -7.87 6.44 -3.94
N GLU A 45 -8.12 6.00 -2.71
CA GLU A 45 -8.92 6.79 -1.78
C GLU A 45 -8.69 6.30 -0.36
N GLY A 46 -8.92 7.19 0.61
CA GLY A 46 -8.75 6.84 2.01
C GLY A 46 -7.41 7.29 2.55
N LYS A 47 -7.16 7.01 3.83
CA LYS A 47 -5.91 7.39 4.47
C LYS A 47 -5.27 6.18 5.15
N VAL A 48 -4.01 6.34 5.53
CA VAL A 48 -3.24 5.26 6.15
C VAL A 48 -1.88 5.75 6.61
N GLU A 49 -1.44 5.26 7.77
CA GLU A 49 -0.14 5.63 8.30
C GLU A 49 0.64 4.38 8.74
N VAL A 50 1.42 3.82 7.83
CA VAL A 50 2.22 2.64 8.12
C VAL A 50 3.48 3.01 8.89
N THR A 51 3.53 2.61 10.16
CA THR A 51 4.68 2.89 11.01
C THR A 51 5.50 1.62 11.25
N THR A 52 6.66 1.52 10.60
CA THR A 52 7.53 0.36 10.76
C THR A 52 8.06 0.28 12.19
N GLU A 53 8.42 -0.93 12.62
CA GLU A 53 8.96 -1.14 13.96
C GLU A 53 10.12 -0.18 14.23
N ASP A 54 10.94 0.05 13.21
CA ASP A 54 12.09 0.94 13.33
C ASP A 54 11.67 2.30 13.89
N GLY A 55 10.43 2.69 13.61
CA GLY A 55 9.92 3.97 14.09
C GLY A 55 9.64 4.93 12.96
N LYS A 56 9.89 4.50 11.72
CA LYS A 56 9.66 5.34 10.55
C LYS A 56 8.22 5.25 10.10
N LYS A 57 7.51 6.38 10.17
CA LYS A 57 6.11 6.42 9.76
C LYS A 57 6.00 6.54 8.25
N TYR A 58 4.85 6.13 7.71
CA TYR A 58 4.61 6.17 6.29
C TYR A 58 3.14 6.41 5.98
N VAL A 59 2.77 7.67 5.82
CA VAL A 59 1.39 8.03 5.52
C VAL A 59 1.11 7.93 4.02
N ILE A 60 0.10 7.13 3.67
CA ILE A 60 -0.29 6.94 2.28
C ILE A 60 -1.67 7.51 2.01
N GLU A 61 -1.84 8.08 0.83
CA GLU A 61 -3.13 8.66 0.44
C GLU A 61 -3.45 8.33 -1.01
N LYS A 62 -4.53 8.91 -1.52
CA LYS A 62 -4.94 8.71 -2.91
C LYS A 62 -3.98 9.36 -3.89
N GLY A 63 -2.76 8.84 -3.94
CA GLY A 63 -1.76 9.39 -4.83
C GLY A 63 -0.36 8.99 -4.43
N ASP A 64 -0.17 7.76 -3.96
CA ASP A 64 1.13 7.26 -3.55
C ASP A 64 1.20 5.74 -3.65
N LEU A 65 1.85 5.26 -4.69
CA LEU A 65 1.98 3.82 -4.92
C LEU A 65 3.08 3.24 -4.05
N VAL A 66 2.75 2.17 -3.33
CA VAL A 66 3.72 1.51 -2.46
C VAL A 66 3.96 0.08 -2.90
N THR A 67 5.19 -0.39 -2.70
CA THR A 67 5.55 -1.76 -3.07
C THR A 67 6.53 -2.36 -2.04
N PHE A 68 5.97 -3.20 -1.14
CA PHE A 68 6.78 -3.85 -0.14
C PHE A 68 7.57 -5.02 -0.73
N PRO A 69 8.77 -5.28 -0.19
CA PRO A 69 9.64 -6.35 -0.65
C PRO A 69 9.11 -7.72 -0.26
N LYS A 70 9.97 -8.73 -0.38
CA LYS A 70 9.60 -10.10 -0.03
C LYS A 70 10.02 -10.42 1.40
N GLY A 71 9.41 -9.77 2.38
CA GLY A 71 9.73 -10.03 3.77
C GLY A 71 9.86 -8.76 4.58
N LEU A 72 8.72 -8.23 5.02
CA LEU A 72 8.71 -7.00 5.82
C LEU A 72 7.57 -7.02 6.83
N ARG A 73 7.80 -6.41 7.98
CA ARG A 73 6.79 -6.35 9.03
C ARG A 73 6.58 -4.91 9.45
N CYS A 74 5.34 -4.54 9.72
CA CYS A 74 5.01 -3.20 10.21
C CYS A 74 3.50 -3.07 10.45
N ARG A 75 3.10 -1.92 11.00
CA ARG A 75 1.70 -1.66 11.27
C ARG A 75 1.05 -0.88 10.12
N TRP A 76 -0.27 -0.94 10.05
CA TRP A 76 -1.01 -0.25 8.99
C TRP A 76 -2.18 0.53 9.57
N LYS A 77 -1.88 1.70 10.15
CA LYS A 77 -2.92 2.54 10.74
C LYS A 77 -3.92 2.99 9.68
N VAL A 78 -5.01 2.24 9.55
CA VAL A 78 -6.06 2.56 8.58
C VAL A 78 -6.92 3.72 9.08
N LEU A 79 -6.32 4.90 9.15
CA LEU A 79 -7.03 6.09 9.62
C LEU A 79 -8.37 6.23 8.90
N GLU A 80 -8.45 5.73 7.67
CA GLU A 80 -9.69 5.77 6.91
C GLU A 80 -9.83 4.54 6.03
N PRO A 81 -11.05 4.30 5.52
CA PRO A 81 -11.35 3.16 4.66
C PRO A 81 -10.68 3.26 3.29
N VAL A 82 -9.45 2.77 3.21
CA VAL A 82 -8.70 2.81 1.95
C VAL A 82 -9.13 1.68 1.03
N ARG A 83 -9.01 1.90 -0.27
CA ARG A 83 -9.38 0.90 -1.27
C ARG A 83 -8.33 0.82 -2.36
N LYS A 84 -7.12 0.41 -1.99
CA LYS A 84 -6.03 0.26 -2.95
C LYS A 84 -6.19 -1.01 -3.78
N HIS A 85 -5.28 -1.21 -4.73
CA HIS A 85 -5.30 -2.40 -5.57
C HIS A 85 -4.03 -3.23 -5.35
N TYR A 86 -4.17 -4.32 -4.59
CA TYR A 86 -3.06 -5.21 -4.31
C TYR A 86 -2.89 -6.25 -5.43
N ASN A 87 -1.67 -6.76 -5.59
CA ASN A 87 -1.39 -7.76 -6.60
C ASN A 87 -0.07 -8.48 -6.31
N LEU A 88 -0.18 -9.71 -5.82
CA LEU A 88 1.00 -10.50 -5.48
C LEU A 88 1.78 -10.89 -6.74
N PHE A 89 3.09 -11.03 -6.62
CA PHE A 89 3.95 -11.39 -7.74
C PHE A 89 5.36 -11.69 -7.28
#